data_2ZP2
# 
_entry.id   2ZP2 
# 
_audit_conform.dict_name       mmcif_pdbx.dic 
_audit_conform.dict_version    5.380 
_audit_conform.dict_location   http://mmcif.pdb.org/dictionaries/ascii/mmcif_pdbx.dic 
# 
loop_
_database_2.database_id 
_database_2.database_code 
_database_2.pdbx_database_accession 
_database_2.pdbx_DOI 
PDB   2ZP2         pdb_00002zp2 10.2210/pdb2zp2/pdb 
RCSB  RCSB028246   ?            ?                   
WWPDB D_1000028246 ?            ?                   
# 
_pdbx_database_status.status_code                     REL 
_pdbx_database_status.entry_id                        2ZP2 
_pdbx_database_status.recvd_initial_deposition_date   2008-06-24 
_pdbx_database_status.deposit_site                    PDBJ 
_pdbx_database_status.process_site                    PDBJ 
_pdbx_database_status.status_code_sf                  REL 
_pdbx_database_status.status_code_mr                  ? 
_pdbx_database_status.SG_entry                        ? 
_pdbx_database_status.pdb_format_compatible           Y 
_pdbx_database_status.status_code_cs                  ? 
_pdbx_database_status.status_code_nmr_data            ? 
_pdbx_database_status.methods_development_category    ? 
# 
loop_
_audit_author.name 
_audit_author.pdbx_ordinal 
'Langley, D.B.' 1 
'Jacques, D.A.' 2 
# 
_citation.id                        primary 
_citation.title                     'Histidine kinase regulation by a cyclophilin-like inhibitor' 
_citation.journal_abbrev            J.Mol.Biol. 
_citation.journal_volume            384 
_citation.page_first                422 
_citation.page_last                 435 
_citation.year                      2008 
_citation.journal_id_ASTM           JMOBAK 
_citation.country                   UK 
_citation.journal_id_ISSN           0022-2836 
_citation.journal_id_CSD            0070 
_citation.book_publisher            ? 
_citation.pdbx_database_id_PubMed   18823995 
_citation.pdbx_database_id_DOI      10.1016/j.jmb.2008.09.017 
# 
loop_
_citation_author.citation_id 
_citation_author.name 
_citation_author.ordinal 
_citation_author.identifier_ORCID 
primary 'Jacques, D.A.'    1 ? 
primary 'Langley, D.B.'    2 ? 
primary 'Jeffries, C.M.'   3 ? 
primary 'Cunningham, K.A.' 4 ? 
primary 'Burkholder, W.F.' 5 ? 
primary 'Guss, J.M.'       6 ? 
primary 'Trewhella, J.'    7 ? 
# 
_cell.entry_id           2ZP2 
_cell.length_a           44.909 
_cell.length_b           84.417 
_cell.length_c           84.409 
_cell.angle_alpha        90.00 
_cell.angle_beta         90.00 
_cell.angle_gamma        90.00 
_cell.Z_PDB              8 
_cell.pdbx_unique_axis   ? 
_cell.length_a_esd       ? 
_cell.length_b_esd       ? 
_cell.length_c_esd       ? 
_cell.angle_alpha_esd    ? 
_cell.angle_beta_esd     ? 
_cell.angle_gamma_esd    ? 
# 
_symmetry.entry_id                         2ZP2 
_symmetry.space_group_name_H-M             'P 21 21 21' 
_symmetry.pdbx_full_space_group_name_H-M   ? 
_symmetry.cell_setting                     ? 
_symmetry.Int_Tables_number                19 
_symmetry.space_group_name_Hall            ? 
# 
_entity.id                         1 
_entity.type                       polymer 
_entity.src_method                 man 
_entity.pdbx_description           'Kinase A inhibitor' 
_entity.formula_weight             15341.532 
_entity.pdbx_number_of_molecules   2 
_entity.pdbx_ec                    ? 
_entity.pdbx_mutation              ? 
_entity.pdbx_fragment              'C-terminal domain, UNP residues 100-240' 
_entity.details                    ? 
# 
_entity_name_com.entity_id   1 
_entity_name_com.name        'Sporulation inhibitor kipI' 
# 
_entity_poly.entity_id                      1 
_entity_poly.type                           'polypeptide(L)' 
_entity_poly.nstd_linkage                   no 
_entity_poly.nstd_monomer                   no 
_entity_poly.pdbx_seq_one_letter_code       
;RIVEIPVCYGGEFGPDLEEVAKINQLSPEEVIDIHTNGEYVVYMLGFAPGFPFLGGMSKRIAAPRKSSPRPSIPAGSVGI
AGLQTGVYPISTPGGWQLIGKTPLALFRPQENPPTLLRAGDIVKFVRISEKDYHAYKEESN
;
_entity_poly.pdbx_seq_one_letter_code_can   
;RIVEIPVCYGGEFGPDLEEVAKINQLSPEEVIDIHTNGEYVVYMLGFAPGFPFLGGMSKRIAAPRKSSPRPSIPAGSVGI
AGLQTGVYPISTPGGWQLIGKTPLALFRPQENPPTLLRAGDIVKFVRISEKDYHAYKEESN
;
_entity_poly.pdbx_strand_id                 A,B 
_entity_poly.pdbx_target_identifier         ? 
# 
loop_
_entity_poly_seq.entity_id 
_entity_poly_seq.num 
_entity_poly_seq.mon_id 
_entity_poly_seq.hetero 
1 1   ARG n 
1 2   ILE n 
1 3   VAL n 
1 4   GLU n 
1 5   ILE n 
1 6   PRO n 
1 7   VAL n 
1 8   CYS n 
1 9   TYR n 
1 10  GLY n 
1 11  GLY n 
1 12  GLU n 
1 13  PHE n 
1 14  GLY n 
1 15  PRO n 
1 16  ASP n 
1 17  LEU n 
1 18  GLU n 
1 19  GLU n 
1 20  VAL n 
1 21  ALA n 
1 22  LYS n 
1 23  ILE n 
1 24  ASN n 
1 25  GLN n 
1 26  LEU n 
1 27  SER n 
1 28  PRO n 
1 29  GLU n 
1 30  GLU n 
1 31  VAL n 
1 32  ILE n 
1 33  ASP n 
1 34  ILE n 
1 35  HIS n 
1 36  THR n 
1 37  ASN n 
1 38  GLY n 
1 39  GLU n 
1 40  TYR n 
1 41  VAL n 
1 42  VAL n 
1 43  TYR n 
1 44  MET n 
1 45  LEU n 
1 46  GLY n 
1 47  PHE n 
1 48  ALA n 
1 49  PRO n 
1 50  GLY n 
1 51  PHE n 
1 52  PRO n 
1 53  PHE n 
1 54  LEU n 
1 55  GLY n 
1 56  GLY n 
1 57  MET n 
1 58  SER n 
1 59  LYS n 
1 60  ARG n 
1 61  ILE n 
1 62  ALA n 
1 63  ALA n 
1 64  PRO n 
1 65  ARG n 
1 66  LYS n 
1 67  SER n 
1 68  SER n 
1 69  PRO n 
1 70  ARG n 
1 71  PRO n 
1 72  SER n 
1 73  ILE n 
1 74  PRO n 
1 75  ALA n 
1 76  GLY n 
1 77  SER n 
1 78  VAL n 
1 79  GLY n 
1 80  ILE n 
1 81  ALA n 
1 82  GLY n 
1 83  LEU n 
1 84  GLN n 
1 85  THR n 
1 86  GLY n 
1 87  VAL n 
1 88  TYR n 
1 89  PRO n 
1 90  ILE n 
1 91  SER n 
1 92  THR n 
1 93  PRO n 
1 94  GLY n 
1 95  GLY n 
1 96  TRP n 
1 97  GLN n 
1 98  LEU n 
1 99  ILE n 
1 100 GLY n 
1 101 LYS n 
1 102 THR n 
1 103 PRO n 
1 104 LEU n 
1 105 ALA n 
1 106 LEU n 
1 107 PHE n 
1 108 ARG n 
1 109 PRO n 
1 110 GLN n 
1 111 GLU n 
1 112 ASN n 
1 113 PRO n 
1 114 PRO n 
1 115 THR n 
1 116 LEU n 
1 117 LEU n 
1 118 ARG n 
1 119 ALA n 
1 120 GLY n 
1 121 ASP n 
1 122 ILE n 
1 123 VAL n 
1 124 LYS n 
1 125 PHE n 
1 126 VAL n 
1 127 ARG n 
1 128 ILE n 
1 129 SER n 
1 130 GLU n 
1 131 LYS n 
1 132 ASP n 
1 133 TYR n 
1 134 HIS n 
1 135 ALA n 
1 136 TYR n 
1 137 LYS n 
1 138 GLU n 
1 139 GLU n 
1 140 SER n 
1 141 ASN n 
# 
_entity_src_gen.entity_id                          1 
_entity_src_gen.pdbx_src_id                        1 
_entity_src_gen.pdbx_alt_source_flag               sample 
_entity_src_gen.pdbx_seq_type                      ? 
_entity_src_gen.pdbx_beg_seq_num                   ? 
_entity_src_gen.pdbx_end_seq_num                   ? 
_entity_src_gen.gene_src_common_name               ? 
_entity_src_gen.gene_src_genus                     ? 
_entity_src_gen.pdbx_gene_src_gene                 kipI 
_entity_src_gen.gene_src_species                   ? 
_entity_src_gen.gene_src_strain                    168 
_entity_src_gen.gene_src_tissue                    ? 
_entity_src_gen.gene_src_tissue_fraction           ? 
_entity_src_gen.gene_src_details                   ? 
_entity_src_gen.pdbx_gene_src_fragment             ? 
_entity_src_gen.pdbx_gene_src_scientific_name      'Bacillus subtilis' 
_entity_src_gen.pdbx_gene_src_ncbi_taxonomy_id     1423 
_entity_src_gen.pdbx_gene_src_variant              ? 
_entity_src_gen.pdbx_gene_src_cell_line            ? 
_entity_src_gen.pdbx_gene_src_atcc                 ? 
_entity_src_gen.pdbx_gene_src_organ                ? 
_entity_src_gen.pdbx_gene_src_organelle            ? 
_entity_src_gen.pdbx_gene_src_cell                 ? 
_entity_src_gen.pdbx_gene_src_cellular_location    ? 
_entity_src_gen.host_org_common_name               ? 
_entity_src_gen.pdbx_host_org_scientific_name      'Escherichia coli' 
_entity_src_gen.pdbx_host_org_ncbi_taxonomy_id     562 
_entity_src_gen.host_org_genus                     ? 
_entity_src_gen.pdbx_host_org_gene                 ? 
_entity_src_gen.pdbx_host_org_organ                ? 
_entity_src_gen.host_org_species                   ? 
_entity_src_gen.pdbx_host_org_tissue               ? 
_entity_src_gen.pdbx_host_org_tissue_fraction      ? 
_entity_src_gen.pdbx_host_org_strain               'BL21(DE3)' 
_entity_src_gen.pdbx_host_org_variant              ? 
_entity_src_gen.pdbx_host_org_cell_line            ? 
_entity_src_gen.pdbx_host_org_atcc                 ? 
_entity_src_gen.pdbx_host_org_culture_collection   ? 
_entity_src_gen.pdbx_host_org_cell                 ? 
_entity_src_gen.pdbx_host_org_organelle            ? 
_entity_src_gen.pdbx_host_org_cellular_location    ? 
_entity_src_gen.pdbx_host_org_vector_type          plasmid 
_entity_src_gen.pdbx_host_org_vector               ? 
_entity_src_gen.host_org_details                   ? 
_entity_src_gen.expression_system_id               ? 
_entity_src_gen.plasmid_name                       'pET (novagen)' 
_entity_src_gen.plasmid_details                    ? 
_entity_src_gen.pdbx_description                   ? 
# 
_struct_ref.id                         1 
_struct_ref.db_name                    UNP 
_struct_ref.db_code                    KIPI_BACSU 
_struct_ref.pdbx_db_accession          P60495 
_struct_ref.entity_id                  1 
_struct_ref.pdbx_seq_one_letter_code   
;RIVEIPVCYGGEFGPDLEEVAKINQLSPEEVIDIHTNGEYVVYMLGFAPGFPFLGGMSKRIAAPRKSSPRPSIPAGSVGI
AGLQTGVYPISTPGGWQLIGKTPLALFRPQENPPTLLRAGDIVKFVRISEKDYHAYKEESN
;
_struct_ref.pdbx_align_begin           100 
_struct_ref.pdbx_db_isoform            ? 
# 
loop_
_struct_ref_seq.align_id 
_struct_ref_seq.ref_id 
_struct_ref_seq.pdbx_PDB_id_code 
_struct_ref_seq.pdbx_strand_id 
_struct_ref_seq.seq_align_beg 
_struct_ref_seq.pdbx_seq_align_beg_ins_code 
_struct_ref_seq.seq_align_end 
_struct_ref_seq.pdbx_seq_align_end_ins_code 
_struct_ref_seq.pdbx_db_accession 
_struct_ref_seq.db_align_beg 
_struct_ref_seq.pdbx_db_align_beg_ins_code 
_struct_ref_seq.db_align_end 
_struct_ref_seq.pdbx_db_align_end_ins_code 
_struct_ref_seq.pdbx_auth_seq_align_beg 
_struct_ref_seq.pdbx_auth_seq_align_end 
1 1 2ZP2 A 1 ? 141 ? P60495 100 ? 240 ? 100 240 
2 1 2ZP2 B 1 ? 141 ? P60495 100 ? 240 ? 100 240 
# 
loop_
_chem_comp.id 
_chem_comp.type 
_chem_comp.mon_nstd_flag 
_chem_comp.name 
_chem_comp.pdbx_synonyms 
_chem_comp.formula 
_chem_comp.formula_weight 
ALA 'L-peptide linking' y ALANINE         ? 'C3 H7 N O2'     89.093  
ARG 'L-peptide linking' y ARGININE        ? 'C6 H15 N4 O2 1' 175.209 
ASN 'L-peptide linking' y ASPARAGINE      ? 'C4 H8 N2 O3'    132.118 
ASP 'L-peptide linking' y 'ASPARTIC ACID' ? 'C4 H7 N O4'     133.103 
CYS 'L-peptide linking' y CYSTEINE        ? 'C3 H7 N O2 S'   121.158 
GLN 'L-peptide linking' y GLUTAMINE       ? 'C5 H10 N2 O3'   146.144 
GLU 'L-peptide linking' y 'GLUTAMIC ACID' ? 'C5 H9 N O4'     147.129 
GLY 'peptide linking'   y GLYCINE         ? 'C2 H5 N O2'     75.067  
HIS 'L-peptide linking' y HISTIDINE       ? 'C6 H10 N3 O2 1' 156.162 
ILE 'L-peptide linking' y ISOLEUCINE      ? 'C6 H13 N O2'    131.173 
LEU 'L-peptide linking' y LEUCINE         ? 'C6 H13 N O2'    131.173 
LYS 'L-peptide linking' y LYSINE          ? 'C6 H15 N2 O2 1' 147.195 
MET 'L-peptide linking' y METHIONINE      ? 'C5 H11 N O2 S'  149.211 
PHE 'L-peptide linking' y PHENYLALANINE   ? 'C9 H11 N O2'    165.189 
PRO 'L-peptide linking' y PROLINE         ? 'C5 H9 N O2'     115.130 
SER 'L-peptide linking' y SERINE          ? 'C3 H7 N O3'     105.093 
THR 'L-peptide linking' y THREONINE       ? 'C4 H9 N O3'     119.119 
TRP 'L-peptide linking' y TRYPTOPHAN      ? 'C11 H12 N2 O2'  204.225 
TYR 'L-peptide linking' y TYROSINE        ? 'C9 H11 N O3'    181.189 
VAL 'L-peptide linking' y VALINE          ? 'C5 H11 N O2'    117.146 
# 
_exptl.entry_id          2ZP2 
_exptl.method            'X-RAY DIFFRACTION' 
_exptl.crystals_number   1 
# 
_exptl_crystal.id                    1 
_exptl_crystal.density_meas          ? 
_exptl_crystal.density_Matthews      2.61 
_exptl_crystal.density_percent_sol   52.82 
_exptl_crystal.description           ? 
_exptl_crystal.F_000                 ? 
_exptl_crystal.preparation           ? 
# 
_exptl_crystal_grow.crystal_id      1 
_exptl_crystal_grow.method          'VAPOR DIFFUSION, HANGING DROP' 
_exptl_crystal_grow.temp            293 
_exptl_crystal_grow.temp_details    ? 
_exptl_crystal_grow.pH              6.9 
_exptl_crystal_grow.pdbx_details    
'15% PEG 8000, 20% glycerol, 40mM potassium phosphate, pH 6.9, VAPOR DIFFUSION, HANGING DROP, temperature 293K' 
_exptl_crystal_grow.pdbx_pH_range   . 
# 
_diffrn.id                     1 
_diffrn.ambient_temp           100 
_diffrn.ambient_temp_details   ? 
_diffrn.crystal_id             1 
# 
_diffrn_detector.diffrn_id              1 
_diffrn_detector.detector               'IMAGE PLATE' 
_diffrn_detector.type                   'MAR scanner 345 mm plate' 
_diffrn_detector.pdbx_collection_date   2008-05-15 
_diffrn_detector.details                'Osmic mirror optics' 
# 
_diffrn_radiation.diffrn_id                        1 
_diffrn_radiation.wavelength_id                    1 
_diffrn_radiation.pdbx_monochromatic_or_laue_m_l   M 
_diffrn_radiation.monochromator                    'Ni filter' 
_diffrn_radiation.pdbx_diffrn_protocol             'SINGLE WAVELENGTH' 
_diffrn_radiation.pdbx_scattering_type             x-ray 
# 
_diffrn_radiation_wavelength.id           1 
_diffrn_radiation_wavelength.wavelength   1.5418 
_diffrn_radiation_wavelength.wt           1.0 
# 
_diffrn_source.diffrn_id                   1 
_diffrn_source.source                      'ROTATING ANODE' 
_diffrn_source.type                        'RIGAKU RU200' 
_diffrn_source.pdbx_synchrotron_site       ? 
_diffrn_source.pdbx_synchrotron_beamline   ? 
_diffrn_source.pdbx_wavelength             ? 
_diffrn_source.pdbx_wavelength_list        1.5418 
# 
_reflns.entry_id                     2ZP2 
_reflns.observed_criterion_sigma_F   -3 
_reflns.observed_criterion_sigma_I   -3 
_reflns.d_resolution_high            3.0 
_reflns.d_resolution_low             17 
_reflns.number_all                   6751 
_reflns.number_obs                   6738 
_reflns.percent_possible_obs         99.8 
_reflns.pdbx_Rmerge_I_obs            0.14 
_reflns.pdbx_Rsym_value              ? 
_reflns.pdbx_netI_over_sigmaI        6.7 
_reflns.B_iso_Wilson_estimate        78 
_reflns.pdbx_redundancy              6.0 
_reflns.R_free_details               ? 
_reflns.limit_h_max                  ? 
_reflns.limit_h_min                  ? 
_reflns.limit_k_max                  ? 
_reflns.limit_k_min                  ? 
_reflns.limit_l_max                  ? 
_reflns.limit_l_min                  ? 
_reflns.observed_criterion_F_max     ? 
_reflns.observed_criterion_F_min     ? 
_reflns.pdbx_chi_squared             ? 
_reflns.pdbx_scaling_rejects         ? 
_reflns.pdbx_diffrn_id               1 
_reflns.pdbx_ordinal                 1 
# 
_reflns_shell.d_res_high             3.00 
_reflns_shell.d_res_low              3.11 
_reflns_shell.percent_possible_all   98.4 
_reflns_shell.Rmerge_I_obs           0.66 
_reflns_shell.pdbx_Rsym_value        ? 
_reflns_shell.meanI_over_sigI_obs    1.5 
_reflns_shell.pdbx_redundancy        4.6 
_reflns_shell.percent_possible_obs   ? 
_reflns_shell.number_unique_all      629 
_reflns_shell.number_measured_all    ? 
_reflns_shell.number_measured_obs    ? 
_reflns_shell.number_unique_obs      ? 
_reflns_shell.pdbx_chi_squared       ? 
_reflns_shell.pdbx_diffrn_id         ? 
_reflns_shell.pdbx_ordinal           1 
# 
_refine.entry_id                                 2ZP2 
_refine.ls_number_reflns_obs                     6375 
_refine.ls_number_reflns_all                     6399 
_refine.pdbx_ls_sigma_I                          ? 
_refine.pdbx_ls_sigma_F                          0 
_refine.pdbx_data_cutoff_high_absF               ? 
_refine.pdbx_data_cutoff_low_absF                ? 
_refine.pdbx_data_cutoff_high_rms_absF           ? 
_refine.ls_d_res_low                             16.88 
_refine.ls_d_res_high                            3.01 
_refine.ls_percent_reflns_obs                    99.63 
_refine.ls_R_factor_obs                          0.26747 
_refine.ls_R_factor_all                          0.26747 
_refine.ls_R_factor_R_work                       0.26354 
_refine.ls_R_factor_R_free                       0.34378 
_refine.ls_R_factor_R_free_error                 ? 
_refine.ls_R_factor_R_free_error_details         ? 
_refine.ls_percent_reflns_R_free                 4.8 
_refine.ls_number_reflns_R_free                  321 
_refine.ls_number_parameters                     ? 
_refine.ls_number_restraints                     ? 
_refine.occupancy_min                            ? 
_refine.occupancy_max                            ? 
_refine.correlation_coeff_Fo_to_Fc               0.872 
_refine.correlation_coeff_Fo_to_Fc_free          0.788 
_refine.B_iso_mean                               37.673 
_refine.aniso_B[1][1]                            3.09 
_refine.aniso_B[2][2]                            -1.64 
_refine.aniso_B[3][3]                            -1.45 
_refine.aniso_B[1][2]                            0.00 
_refine.aniso_B[1][3]                            0.00 
_refine.aniso_B[2][3]                            0.00 
_refine.solvent_model_details                    MASK 
_refine.solvent_model_param_ksol                 ? 
_refine.solvent_model_param_bsol                 ? 
_refine.pdbx_solvent_vdw_probe_radii             1.20 
_refine.pdbx_solvent_ion_probe_radii             0.80 
_refine.pdbx_solvent_shrinkage_radii             0.80 
_refine.pdbx_ls_cross_valid_method               THROUGHOUT 
_refine.details                                  
'HYDROGENS HAVE BEEN ADDED IN THE RIDING POSITIONS but are not displayed in the PDB' 
_refine.pdbx_starting_model                      'PDB entry 2PHC' 
_refine.pdbx_method_to_determine_struct          'MOLECULAR REPLACEMENT' 
_refine.pdbx_isotropic_thermal_model             Isotropic 
_refine.pdbx_stereochemistry_target_values       'MAXIMUM LIKELIHOOD' 
_refine.pdbx_stereochem_target_val_spec_case     ? 
_refine.pdbx_R_Free_selection_details            RANDOM 
_refine.pdbx_overall_ESU_R                       ? 
_refine.pdbx_overall_ESU_R_Free                  0.533 
_refine.overall_SU_ML                            0.415 
_refine.overall_SU_B                             21.564 
_refine.ls_redundancy_reflns_obs                 ? 
_refine.B_iso_min                                ? 
_refine.B_iso_max                                ? 
_refine.overall_SU_R_Cruickshank_DPI             ? 
_refine.overall_SU_R_free                        ? 
_refine.ls_wR_factor_R_free                      ? 
_refine.ls_wR_factor_R_work                      ? 
_refine.overall_FOM_free_R_set                   ? 
_refine.overall_FOM_work_R_set                   ? 
_refine.pdbx_overall_phase_error                 ? 
_refine.pdbx_refine_id                           'X-RAY DIFFRACTION' 
_refine.pdbx_diffrn_id                           1 
_refine.pdbx_TLS_residual_ADP_flag               ? 
_refine.pdbx_overall_SU_R_free_Cruickshank_DPI   ? 
_refine.pdbx_overall_SU_R_Blow_DPI               ? 
_refine.pdbx_overall_SU_R_free_Blow_DPI          ? 
# 
_refine_hist.pdbx_refine_id                   'X-RAY DIFFRACTION' 
_refine_hist.cycle_id                         LAST 
_refine_hist.pdbx_number_atoms_protein        1635 
_refine_hist.pdbx_number_atoms_nucleic_acid   0 
_refine_hist.pdbx_number_atoms_ligand         0 
_refine_hist.number_atoms_solvent             0 
_refine_hist.number_atoms_total               1635 
_refine_hist.d_res_high                       3.01 
_refine_hist.d_res_low                        16.88 
# 
loop_
_refine_ls_restr.type 
_refine_ls_restr.dev_ideal 
_refine_ls_restr.dev_ideal_target 
_refine_ls_restr.weight 
_refine_ls_restr.number 
_refine_ls_restr.pdbx_refine_id 
_refine_ls_restr.pdbx_restraint_function 
r_bond_refined_d         0.009  0.022  ? 1677 'X-RAY DIFFRACTION' ? 
r_bond_other_d           0.001  0.020  ? 1050 'X-RAY DIFFRACTION' ? 
r_angle_refined_deg      1.219  1.990  ? 2302 'X-RAY DIFFRACTION' ? 
r_angle_other_deg        0.882  3.000  ? 2593 'X-RAY DIFFRACTION' ? 
r_dihedral_angle_1_deg   7.222  5.000  ? 239  'X-RAY DIFFRACTION' ? 
r_dihedral_angle_2_deg   34.906 23.750 ? 40   'X-RAY DIFFRACTION' ? 
r_dihedral_angle_3_deg   20.449 15.000 ? 187  'X-RAY DIFFRACTION' ? 
r_dihedral_angle_4_deg   11.555 15.000 ? 2    'X-RAY DIFFRACTION' ? 
r_chiral_restr           0.069  0.200  ? 269  'X-RAY DIFFRACTION' ? 
r_gen_planes_refined     0.003  0.020  ? 1933 'X-RAY DIFFRACTION' ? 
r_gen_planes_other       0.001  0.020  ? 315  'X-RAY DIFFRACTION' ? 
r_nbd_refined            0.214  0.200  ? 448  'X-RAY DIFFRACTION' ? 
r_nbd_other              0.185  0.200  ? 1067 'X-RAY DIFFRACTION' ? 
r_nbtor_refined          0.185  0.200  ? 827  'X-RAY DIFFRACTION' ? 
r_nbtor_other            0.089  0.200  ? 865  'X-RAY DIFFRACTION' ? 
r_xyhbond_nbd_refined    0.161  0.200  ? 43   'X-RAY DIFFRACTION' ? 
r_symmetry_vdw_refined   0.118  0.200  ? 11   'X-RAY DIFFRACTION' ? 
r_symmetry_vdw_other     0.182  0.200  ? 26   'X-RAY DIFFRACTION' ? 
r_symmetry_hbond_refined 0.293  0.200  ? 3    'X-RAY DIFFRACTION' ? 
r_symmetry_hbond_other   0.100  0.200  ? 1    'X-RAY DIFFRACTION' ? 
r_mcbond_it              1.271  2.000  ? 1221 'X-RAY DIFFRACTION' ? 
r_mcbond_other           0.251  2.000  ? 494  'X-RAY DIFFRACTION' ? 
r_mcangle_it             2.188  3.000  ? 1882 'X-RAY DIFFRACTION' ? 
r_scbond_it              3.013  4.000  ? 523  'X-RAY DIFFRACTION' ? 
r_scangle_it             4.474  6.000  ? 420  'X-RAY DIFFRACTION' ? 
# 
_refine_ls_shell.pdbx_total_number_of_bins_used   20 
_refine_ls_shell.d_res_high                       3.007 
_refine_ls_shell.d_res_low                        3.082 
_refine_ls_shell.number_reflns_R_work             424 
_refine_ls_shell.R_factor_R_work                  0.302 
_refine_ls_shell.percent_reflns_obs               95.27 
_refine_ls_shell.R_factor_R_free                  0.494 
_refine_ls_shell.R_factor_R_free_error            ? 
_refine_ls_shell.percent_reflns_R_free            ? 
_refine_ls_shell.number_reflns_R_free             19 
_refine_ls_shell.number_reflns_all                ? 
_refine_ls_shell.R_factor_all                     ? 
_refine_ls_shell.number_reflns_obs                ? 
_refine_ls_shell.redundancy_reflns_obs            ? 
_refine_ls_shell.pdbx_refine_id                   'X-RAY DIFFRACTION' 
# 
_struct.entry_id                  2ZP2 
_struct.title                     'C-terminal domain of KipI from Bacillus subtilis' 
_struct.pdbx_model_details        ? 
_struct.pdbx_CASP_flag            ? 
_struct.pdbx_model_type_details   ? 
# 
_struct_keywords.entry_id        2ZP2 
_struct_keywords.pdbx_keywords   'TRANSFERASE INHIBITOR' 
_struct_keywords.text            
'kipI, histidine kinase inhibitor, ATP-binding, Nucleotide-binding, Protein kinase inhibitor, Sporulation, TRANSFERASE INHIBITOR' 
# 
loop_
_struct_asym.id 
_struct_asym.pdbx_blank_PDB_chainid_flag 
_struct_asym.pdbx_modified 
_struct_asym.entity_id 
_struct_asym.details 
A N N 1 ? 
B N N 1 ? 
# 
_struct_biol.id        1 
_struct_biol.details   ? 
# 
loop_
_struct_conf.conf_type_id 
_struct_conf.id 
_struct_conf.pdbx_PDB_helix_id 
_struct_conf.beg_label_comp_id 
_struct_conf.beg_label_asym_id 
_struct_conf.beg_label_seq_id 
_struct_conf.pdbx_beg_PDB_ins_code 
_struct_conf.end_label_comp_id 
_struct_conf.end_label_asym_id 
_struct_conf.end_label_seq_id 
_struct_conf.pdbx_end_PDB_ins_code 
_struct_conf.beg_auth_comp_id 
_struct_conf.beg_auth_asym_id 
_struct_conf.beg_auth_seq_id 
_struct_conf.end_auth_comp_id 
_struct_conf.end_auth_asym_id 
_struct_conf.end_auth_seq_id 
_struct_conf.pdbx_PDB_helix_class 
_struct_conf.details 
_struct_conf.pdbx_PDB_helix_length 
HELX_P HELX_P1 1 ASP A 16 ? ASN A 24 ? ASP A 115 ASN A 123 1 ? 9  
HELX_P HELX_P2 2 SER A 27 ? THR A 36 ? SER A 126 THR A 135 1 ? 10 
HELX_P HELX_P3 3 SER A 58 ? ALA A 62 ? SER A 157 ALA A 161 5 ? 5  
HELX_P HELX_P4 4 ASP B 16 ? ASN B 24 ? ASP B 115 ASN B 123 1 ? 9  
HELX_P HELX_P5 5 SER B 27 ? ASN B 37 ? SER B 126 ASN B 136 1 ? 11 
# 
_struct_conf_type.id          HELX_P 
_struct_conf_type.criteria    ? 
_struct_conf_type.reference   ? 
# 
_struct_mon_prot_cis.pdbx_id                1 
_struct_mon_prot_cis.label_comp_id          PRO 
_struct_mon_prot_cis.label_seq_id           103 
_struct_mon_prot_cis.label_asym_id          A 
_struct_mon_prot_cis.label_alt_id           . 
_struct_mon_prot_cis.pdbx_PDB_ins_code      ? 
_struct_mon_prot_cis.auth_comp_id           PRO 
_struct_mon_prot_cis.auth_seq_id            202 
_struct_mon_prot_cis.auth_asym_id           A 
_struct_mon_prot_cis.pdbx_label_comp_id_2   LEU 
_struct_mon_prot_cis.pdbx_label_seq_id_2    104 
_struct_mon_prot_cis.pdbx_label_asym_id_2   A 
_struct_mon_prot_cis.pdbx_PDB_ins_code_2    ? 
_struct_mon_prot_cis.pdbx_auth_comp_id_2    LEU 
_struct_mon_prot_cis.pdbx_auth_seq_id_2     203 
_struct_mon_prot_cis.pdbx_auth_asym_id_2    A 
_struct_mon_prot_cis.pdbx_PDB_model_num     1 
_struct_mon_prot_cis.pdbx_omega_angle       2.42 
# 
loop_
_struct_sheet.id 
_struct_sheet.type 
_struct_sheet.number_strands 
_struct_sheet.details 
A ? 8 ? 
B ? 4 ? 
C ? 2 ? 
D ? 3 ? 
# 
loop_
_struct_sheet_order.sheet_id 
_struct_sheet_order.range_id_1 
_struct_sheet_order.range_id_2 
_struct_sheet_order.offset 
_struct_sheet_order.sense 
A 1 2 ? anti-parallel 
A 2 3 ? anti-parallel 
A 3 4 ? anti-parallel 
A 4 5 ? anti-parallel 
A 5 6 ? anti-parallel 
A 6 7 ? anti-parallel 
A 7 8 ? parallel      
B 1 2 ? parallel      
B 2 3 ? anti-parallel 
B 3 4 ? anti-parallel 
C 1 2 ? anti-parallel 
D 1 2 ? anti-parallel 
D 2 3 ? anti-parallel 
# 
loop_
_struct_sheet_range.sheet_id 
_struct_sheet_range.id 
_struct_sheet_range.beg_label_comp_id 
_struct_sheet_range.beg_label_asym_id 
_struct_sheet_range.beg_label_seq_id 
_struct_sheet_range.pdbx_beg_PDB_ins_code 
_struct_sheet_range.end_label_comp_id 
_struct_sheet_range.end_label_asym_id 
_struct_sheet_range.end_label_seq_id 
_struct_sheet_range.pdbx_end_PDB_ins_code 
_struct_sheet_range.beg_auth_comp_id 
_struct_sheet_range.beg_auth_asym_id 
_struct_sheet_range.beg_auth_seq_id 
_struct_sheet_range.end_auth_comp_id 
_struct_sheet_range.end_auth_asym_id 
_struct_sheet_range.end_auth_seq_id 
A 1 ILE A 2   ? TYR A 9   ? ILE A 101 TYR A 108 
A 2 GLN A 97  ? LYS A 101 ? GLN A 196 LYS A 200 
A 3 SER A 77  ? ALA A 81  ? SER A 176 ALA A 180 
A 4 GLN A 84  ? VAL A 87  ? GLN A 183 VAL A 186 
A 5 PHE A 53  ? GLY A 55  ? PHE A 152 GLY A 154 
A 6 TYR A 40  ? TYR A 43  ? TYR A 139 TYR A 142 
A 7 ILE A 122 ? ARG A 127 ? ILE A 221 ARG A 226 
A 8 ILE A 2   ? TYR A 9   ? ILE A 101 TYR A 108 
B 1 ILE B 2   ? GLU B 4   ? ILE B 101 GLU B 103 
B 2 ILE B 122 ? LYS B 124 ? ILE B 221 LYS B 223 
B 3 TYR B 40  ? TYR B 43  ? TYR B 139 TYR B 142 
B 4 PHE B 53  ? GLY B 55  ? PHE B 152 GLY B 154 
C 1 ARG B 70  ? ILE B 73  ? ARG B 169 ILE B 172 
C 2 THR B 92  ? GLY B 94  ? THR B 191 GLY B 193 
D 1 GLN B 84  ? VAL B 87  ? GLN B 183 VAL B 186 
D 2 SER B 77  ? ALA B 81  ? SER B 176 ALA B 180 
D 3 GLN B 97  ? LYS B 101 ? GLN B 196 LYS B 200 
# 
loop_
_pdbx_struct_sheet_hbond.sheet_id 
_pdbx_struct_sheet_hbond.range_id_1 
_pdbx_struct_sheet_hbond.range_id_2 
_pdbx_struct_sheet_hbond.range_1_label_atom_id 
_pdbx_struct_sheet_hbond.range_1_label_comp_id 
_pdbx_struct_sheet_hbond.range_1_label_asym_id 
_pdbx_struct_sheet_hbond.range_1_label_seq_id 
_pdbx_struct_sheet_hbond.range_1_PDB_ins_code 
_pdbx_struct_sheet_hbond.range_1_auth_atom_id 
_pdbx_struct_sheet_hbond.range_1_auth_comp_id 
_pdbx_struct_sheet_hbond.range_1_auth_asym_id 
_pdbx_struct_sheet_hbond.range_1_auth_seq_id 
_pdbx_struct_sheet_hbond.range_2_label_atom_id 
_pdbx_struct_sheet_hbond.range_2_label_comp_id 
_pdbx_struct_sheet_hbond.range_2_label_asym_id 
_pdbx_struct_sheet_hbond.range_2_label_seq_id 
_pdbx_struct_sheet_hbond.range_2_PDB_ins_code 
_pdbx_struct_sheet_hbond.range_2_auth_atom_id 
_pdbx_struct_sheet_hbond.range_2_auth_comp_id 
_pdbx_struct_sheet_hbond.range_2_auth_asym_id 
_pdbx_struct_sheet_hbond.range_2_auth_seq_id 
A 1 2 N CYS A 8   ? N CYS A 107 O LYS A 101 ? O LYS A 200 
A 2 3 O ILE A 99  ? O ILE A 198 N VAL A 78  ? N VAL A 177 
A 3 4 N ALA A 81  ? N ALA A 180 O GLN A 84  ? O GLN A 183 
A 4 5 O THR A 85  ? O THR A 184 N LEU A 54  ? N LEU A 153 
A 5 6 O GLY A 55  ? O GLY A 154 N VAL A 41  ? N VAL A 140 
A 6 7 N TYR A 40  ? N TYR A 139 O VAL A 123 ? O VAL A 222 
A 7 8 O VAL A 126 ? O VAL A 225 N ILE A 5   ? N ILE A 104 
B 1 2 N VAL B 3   ? N VAL B 102 O ILE B 122 ? O ILE B 221 
B 2 3 O VAL B 123 ? O VAL B 222 N TYR B 40  ? N TYR B 139 
B 3 4 N TYR B 43  ? N TYR B 142 O PHE B 53  ? O PHE B 152 
C 1 2 N ILE B 73  ? N ILE B 172 O THR B 92  ? O THR B 191 
D 1 2 O GLN B 84  ? O GLN B 183 N ALA B 81  ? N ALA B 180 
D 2 3 N ILE B 80  ? N ILE B 179 O GLN B 97  ? O GLN B 196 
# 
_atom_sites.entry_id                    2ZP2 
_atom_sites.fract_transf_matrix[1][1]   -0.01780529 
_atom_sites.fract_transf_matrix[1][2]   -0.00454643 
_atom_sites.fract_transf_matrix[1][3]   0.01257461 
_atom_sites.fract_transf_matrix[2][1]   0.00669851 
_atom_sites.fract_transf_matrix[2][2]   -0.00678217 
_atom_sites.fract_transf_matrix[2][3]   0.00703276 
_atom_sites.fract_transf_matrix[3][1]   0.00239429 
_atom_sites.fract_transf_matrix[3][2]   0.00940716 
_atom_sites.fract_transf_matrix[3][3]   0.00679147 
_atom_sites.fract_transf_vector[1]      -0.125844 
_atom_sites.fract_transf_vector[2]      -0.084192 
_atom_sites.fract_transf_vector[3]      0.167675 
# 
loop_
_atom_type.symbol 
C 
N 
O 
S 
# 
loop_
_atom_site.group_PDB 
_atom_site.id 
_atom_site.type_symbol 
_atom_site.label_atom_id 
_atom_site.label_alt_id 
_atom_site.label_comp_id 
_atom_site.label_asym_id 
_atom_site.label_entity_id 
_atom_site.label_seq_id 
_atom_site.pdbx_PDB_ins_code 
_atom_site.Cartn_x 
_atom_site.Cartn_y 
_atom_site.Cartn_z 
_atom_site.occupancy 
_atom_site.B_iso_or_equiv 
_atom_site.pdbx_formal_charge 
_atom_site.auth_seq_id 
_atom_site.auth_comp_id 
_atom_site.auth_asym_id 
_atom_site.auth_atom_id 
_atom_site.pdbx_PDB_model_num 
ATOM 1    N N   . ARG A 1 1   ? 3.844   -29.112 -10.972 1.00 36.93 ? 100 ARG A N   1 
ATOM 2    C CA  . ARG A 1 1   ? 2.767   -28.087 -11.122 1.00 38.43 ? 100 ARG A CA  1 
ATOM 3    C C   . ARG A 1 1   ? 3.329   -26.662 -11.229 1.00 38.44 ? 100 ARG A C   1 
ATOM 4    O O   . ARG A 1 1   ? 3.437   -25.961 -10.210 1.00 41.60 ? 100 ARG A O   1 
ATOM 5    C CB  . ARG A 1 1   ? 1.795   -28.173 -9.938  1.00 37.13 ? 100 ARG A CB  1 
ATOM 6    N N   . ILE A 1 2   ? 3.675   -26.236 -12.450 1.00 35.03 ? 101 ILE A N   1 
ATOM 7    C CA  . ILE A 1 2   ? 4.184   -24.872 -12.682 1.00 32.43 ? 101 ILE A CA  1 
ATOM 8    C C   . ILE A 1 2   ? 3.078   -23.848 -12.439 1.00 33.05 ? 101 ILE A C   1 
ATOM 9    O O   . ILE A 1 2   ? 1.922   -24.074 -12.803 1.00 34.72 ? 101 ILE A O   1 
ATOM 10   C CB  . ILE A 1 2   ? 4.749   -24.687 -14.121 1.00 30.99 ? 101 ILE A CB  1 
ATOM 11   C CG1 . ILE A 1 2   ? 6.054   -25.467 -14.285 1.00 30.12 ? 101 ILE A CG1 1 
ATOM 12   C CG2 . ILE A 1 2   ? 4.977   -23.211 -14.446 1.00 20.82 ? 101 ILE A CG2 1 
ATOM 13   C CD1 . ILE A 1 2   ? 6.160   -26.239 -15.617 1.00 29.01 ? 101 ILE A CD1 1 
ATOM 14   N N   . VAL A 1 3   ? 3.443   -22.725 -11.829 1.00 33.91 ? 102 VAL A N   1 
ATOM 15   C CA  . VAL A 1 3   ? 2.495   -21.664 -11.494 1.00 35.72 ? 102 VAL A CA  1 
ATOM 16   C C   . VAL A 1 3   ? 3.070   -20.311 -11.916 1.00 38.95 ? 102 VAL A C   1 
ATOM 17   O O   . VAL A 1 3   ? 3.972   -19.791 -11.264 1.00 41.44 ? 102 VAL A O   1 
ATOM 18   C CB  . VAL A 1 3   ? 2.205   -21.670 -9.984  1.00 35.41 ? 102 VAL A CB  1 
ATOM 19   C CG1 . VAL A 1 3   ? 1.503   -20.395 -9.556  1.00 32.78 ? 102 VAL A CG1 1 
ATOM 20   C CG2 . VAL A 1 3   ? 1.403   -22.917 -9.609  1.00 27.78 ? 102 VAL A CG2 1 
ATOM 21   N N   . GLU A 1 4   ? 2.567   -19.755 -13.019 1.00 41.90 ? 103 GLU A N   1 
ATOM 22   C CA  . GLU A 1 4   ? 3.138   -18.530 -13.585 1.00 43.61 ? 103 GLU A CA  1 
ATOM 23   C C   . GLU A 1 4   ? 2.592   -17.328 -12.829 1.00 46.49 ? 103 GLU A C   1 
ATOM 24   O O   . GLU A 1 4   ? 1.441   -16.929 -13.046 1.00 49.91 ? 103 GLU A O   1 
ATOM 25   C CB  . GLU A 1 4   ? 2.827   -18.402 -15.077 1.00 41.02 ? 103 GLU A CB  1 
ATOM 26   N N   . ILE A 1 5   ? 3.414   -16.770 -11.937 1.00 45.58 ? 104 ILE A N   1 
ATOM 27   C CA  . ILE A 1 5   ? 3.033   -15.608 -11.132 1.00 45.12 ? 104 ILE A CA  1 
ATOM 28   C C   . ILE A 1 5   ? 3.303   -14.281 -11.877 1.00 45.37 ? 104 ILE A C   1 
ATOM 29   O O   . ILE A 1 5   ? 4.451   -13.960 -12.179 1.00 47.21 ? 104 ILE A O   1 
ATOM 30   C CB  . ILE A 1 5   ? 3.805   -15.596 -9.797  1.00 44.50 ? 104 ILE A CB  1 
ATOM 31   C CG1 . ILE A 1 5   ? 3.270   -16.669 -8.855  1.00 42.89 ? 104 ILE A CG1 1 
ATOM 32   C CG2 . ILE A 1 5   ? 3.687   -14.258 -9.122  1.00 45.03 ? 104 ILE A CG2 1 
ATOM 33   C CD1 . ILE A 1 5   ? 4.111   -16.825 -7.606  1.00 41.32 ? 104 ILE A CD1 1 
ATOM 34   N N   . PRO A 1 6   ? 2.250   -13.500 -12.162 1.00 43.78 ? 105 PRO A N   1 
ATOM 35   C CA  . PRO A 1 6   ? 2.473   -12.221 -12.806 1.00 43.88 ? 105 PRO A CA  1 
ATOM 36   C C   . PRO A 1 6   ? 2.684   -11.134 -11.764 1.00 45.01 ? 105 PRO A C   1 
ATOM 37   O O   . PRO A 1 6   ? 1.812   -10.961 -10.910 1.00 47.84 ? 105 PRO A O   1 
ATOM 38   C CB  . PRO A 1 6   ? 1.158   -11.989 -13.544 1.00 43.16 ? 105 PRO A CB  1 
ATOM 39   C CG  . PRO A 1 6   ? 0.134   -12.643 -12.689 1.00 41.91 ? 105 PRO A CG  1 
ATOM 40   C CD  . PRO A 1 6   ? 0.818   -13.735 -11.913 1.00 43.36 ? 105 PRO A CD  1 
ATOM 41   N N   . VAL A 1 7   ? 3.805   -10.409 -11.811 1.00 44.68 ? 106 VAL A N   1 
ATOM 42   C CA  . VAL A 1 7   ? 4.031   -9.329  -10.830 1.00 44.92 ? 106 VAL A CA  1 
ATOM 43   C C   . VAL A 1 7   ? 4.575   -8.025  -11.429 1.00 45.40 ? 106 VAL A C   1 
ATOM 44   O O   . VAL A 1 7   ? 5.526   -8.017  -12.192 1.00 47.61 ? 106 VAL A O   1 
ATOM 45   C CB  . VAL A 1 7   ? 4.941   -9.781  -9.623  1.00 44.97 ? 106 VAL A CB  1 
ATOM 46   C CG1 . VAL A 1 7   ? 5.259   -11.277 -9.698  1.00 46.45 ? 106 VAL A CG1 1 
ATOM 47   C CG2 . VAL A 1 7   ? 6.229   -8.965  -9.540  1.00 39.93 ? 106 VAL A CG2 1 
ATOM 48   N N   . CYS A 1 8   ? 3.933   -6.921  -11.075 1.00 46.84 ? 107 CYS A N   1 
ATOM 49   C CA  . CYS A 1 8   ? 4.446   -5.585  -11.338 1.00 46.67 ? 107 CYS A CA  1 
ATOM 50   C C   . CYS A 1 8   ? 5.666   -5.408  -10.444 1.00 48.84 ? 107 CYS A C   1 
ATOM 51   O O   . CYS A 1 8   ? 5.634   -5.803  -9.273  1.00 51.31 ? 107 CYS A O   1 
ATOM 52   C CB  . CYS A 1 8   ? 3.386   -4.551  -10.960 1.00 46.11 ? 107 CYS A CB  1 
ATOM 53   S SG  . CYS A 1 8   ? 3.346   -3.102  -11.993 1.00 48.25 ? 107 CYS A SG  1 
ATOM 54   N N   . TYR A 1 9   ? 6.735   -4.820  -10.980 1.00 49.94 ? 108 TYR A N   1 
ATOM 55   C CA  . TYR A 1 9   ? 7.983   -4.638  -10.216 1.00 48.97 ? 108 TYR A CA  1 
ATOM 56   C C   . TYR A 1 9   ? 8.306   -3.168  -9.918  1.00 49.13 ? 108 TYR A C   1 
ATOM 57   O O   . TYR A 1 9   ? 8.123   -2.285  -10.766 1.00 48.79 ? 108 TYR A O   1 
ATOM 58   C CB  . TYR A 1 9   ? 9.154   -5.272  -10.965 1.00 48.18 ? 108 TYR A CB  1 
ATOM 59   C CG  . TYR A 1 9   ? 9.221   -6.779  -10.864 1.00 47.27 ? 108 TYR A CG  1 
ATOM 60   C CD1 . TYR A 1 9   ? 8.633   -7.586  -11.829 1.00 47.03 ? 108 TYR A CD1 1 
ATOM 61   C CD2 . TYR A 1 9   ? 9.891   -7.398  -9.810  1.00 47.65 ? 108 TYR A CD2 1 
ATOM 62   C CE1 . TYR A 1 9   ? 8.703   -8.975  -11.749 1.00 48.69 ? 108 TYR A CE1 1 
ATOM 63   C CE2 . TYR A 1 9   ? 9.972   -8.785  -9.718  1.00 46.25 ? 108 TYR A CE2 1 
ATOM 64   C CZ  . TYR A 1 9   ? 9.373   -9.570  -10.691 1.00 48.92 ? 108 TYR A CZ  1 
ATOM 65   O OH  . TYR A 1 9   ? 9.449   -10.949 -10.618 1.00 49.34 ? 108 TYR A OH  1 
ATOM 66   N N   . GLY A 1 10  ? 8.789   -2.914  -8.704  1.00 49.29 ? 109 GLY A N   1 
ATOM 67   C CA  . GLY A 1 10  ? 9.264   -1.585  -8.326  1.00 49.06 ? 109 GLY A CA  1 
ATOM 68   C C   . GLY A 1 10  ? 8.160   -0.550  -8.270  1.00 47.81 ? 109 GLY A C   1 
ATOM 69   O O   . GLY A 1 10  ? 6.983   -0.887  -8.348  1.00 47.88 ? 109 GLY A O   1 
ATOM 70   N N   . GLY A 1 11  ? 8.549   0.715   -8.135  1.00 47.51 ? 110 GLY A N   1 
ATOM 71   C CA  . GLY A 1 11  ? 7.590   1.806   -7.966  1.00 47.43 ? 110 GLY A CA  1 
ATOM 72   C C   . GLY A 1 11  ? 6.915   1.698   -6.616  1.00 47.05 ? 110 GLY A C   1 
ATOM 73   O O   . GLY A 1 11  ? 7.560   1.329   -5.639  1.00 45.23 ? 110 GLY A O   1 
ATOM 74   N N   . GLU A 1 12  ? 5.614   1.993   -6.568  1.00 48.93 ? 111 GLU A N   1 
ATOM 75   C CA  . GLU A 1 12  ? 4.819   1.825   -5.335  1.00 50.27 ? 111 GLU A CA  1 
ATOM 76   C C   . GLU A 1 12  ? 4.704   0.347   -4.924  1.00 50.82 ? 111 GLU A C   1 
ATOM 77   O O   . GLU A 1 12  ? 4.605   0.030   -3.738  1.00 48.97 ? 111 GLU A O   1 
ATOM 78   C CB  . GLU A 1 12  ? 3.416   2.434   -5.493  1.00 49.25 ? 111 GLU A CB  1 
ATOM 79   N N   . PHE A 1 13  ? 4.739   -0.546  -5.911  1.00 52.09 ? 112 PHE A N   1 
ATOM 80   C CA  . PHE A 1 13  ? 4.607   -1.976  -5.656  1.00 53.10 ? 112 PHE A CA  1 
ATOM 81   C C   . PHE A 1 13  ? 5.850   -2.523  -4.972  1.00 53.98 ? 112 PHE A C   1 
ATOM 82   O O   . PHE A 1 13  ? 5.736   -3.281  -4.008  1.00 54.74 ? 112 PHE A O   1 
ATOM 83   C CB  . PHE A 1 13  ? 4.344   -2.735  -6.950  1.00 53.32 ? 112 PHE A CB  1 
ATOM 84   C CG  . PHE A 1 13  ? 3.212   -2.176  -7.746  1.00 54.67 ? 112 PHE A CG  1 
ATOM 85   C CD1 . PHE A 1 13  ? 1.902   -2.444  -7.387  1.00 55.77 ? 112 PHE A CD1 1 
ATOM 86   C CD2 . PHE A 1 13  ? 3.455   -1.358  -8.845  1.00 57.36 ? 112 PHE A CD2 1 
ATOM 87   C CE1 . PHE A 1 13  ? 0.846   -1.918  -8.121  1.00 55.96 ? 112 PHE A CE1 1 
ATOM 88   C CE2 . PHE A 1 13  ? 2.405   -0.826  -9.586  1.00 56.53 ? 112 PHE A CE2 1 
ATOM 89   C CZ  . PHE A 1 13  ? 1.100   -1.109  -9.226  1.00 55.61 ? 112 PHE A CZ  1 
ATOM 90   N N   . GLY A 1 14  ? 7.024   -2.112  -5.458  1.00 54.54 ? 113 GLY A N   1 
ATOM 91   C CA  . GLY A 1 14  ? 8.309   -2.568  -4.916  1.00 55.69 ? 113 GLY A CA  1 
ATOM 92   C C   . GLY A 1 14  ? 9.150   -1.466  -4.273  1.00 57.12 ? 113 GLY A C   1 
ATOM 93   O O   . GLY A 1 14  ? 10.173  -1.059  -4.833  1.00 58.80 ? 113 GLY A O   1 
ATOM 94   N N   . PRO A 1 15  ? 8.738   -0.979  -3.085  1.00 56.82 ? 114 PRO A N   1 
ATOM 95   C CA  . PRO A 1 15  ? 9.480   0.021   -2.327  1.00 57.22 ? 114 PRO A CA  1 
ATOM 96   C C   . PRO A 1 15  ? 11.013  -0.128  -2.287  1.00 59.76 ? 114 PRO A C   1 
ATOM 97   O O   . PRO A 1 15  ? 11.712  0.889   -2.176  1.00 62.45 ? 114 PRO A O   1 
ATOM 98   C CB  . PRO A 1 15  ? 8.908   -0.142  -0.919  1.00 56.40 ? 114 PRO A CB  1 
ATOM 99   C CG  . PRO A 1 15  ? 7.517   -0.498  -1.139  1.00 54.76 ? 114 PRO A CG  1 
ATOM 100  C CD  . PRO A 1 15  ? 7.484   -1.333  -2.394  1.00 56.74 ? 114 PRO A CD  1 
ATOM 101  N N   . ASP A 1 16  ? 11.536  -1.357  -2.354  1.00 59.34 ? 115 ASP A N   1 
ATOM 102  C CA  . ASP A 1 16  ? 12.979  -1.573  -2.194  1.00 59.26 ? 115 ASP A CA  1 
ATOM 103  C C   . ASP A 1 16  ? 13.685  -2.193  -3.401  1.00 59.02 ? 115 ASP A C   1 
ATOM 104  O O   . ASP A 1 16  ? 14.701  -2.882  -3.236  1.00 60.32 ? 115 ASP A O   1 
ATOM 105  C CB  . ASP A 1 16  ? 13.238  -2.440  -0.971  1.00 59.26 ? 115 ASP A CB  1 
ATOM 106  C CG  . ASP A 1 16  ? 12.365  -2.062  0.200   1.00 63.47 ? 115 ASP A CG  1 
ATOM 107  O OD1 . ASP A 1 16  ? 12.004  -0.872  0.318   1.00 63.30 ? 115 ASP A OD1 1 
ATOM 108  O OD2 . ASP A 1 16  ? 12.031  -2.955  1.004   1.00 71.84 ? 115 ASP A OD2 1 
ATOM 109  N N   . LEU A 1 17  ? 13.180  -1.942  -4.607  1.00 56.73 ? 116 LEU A N   1 
ATOM 110  C CA  . LEU A 1 17  ? 13.873  -2.402  -5.807  1.00 55.73 ? 116 LEU A CA  1 
ATOM 111  C C   . LEU A 1 17  ? 15.149  -1.576  -6.004  1.00 55.52 ? 116 LEU A C   1 
ATOM 112  O O   . LEU A 1 17  ? 16.132  -2.070  -6.552  1.00 56.69 ? 116 LEU A O   1 
ATOM 113  C CB  . LEU A 1 17  ? 12.979  -2.307  -7.055  1.00 55.85 ? 116 LEU A CB  1 
ATOM 114  C CG  . LEU A 1 17  ? 13.185  -3.339  -8.185  1.00 55.09 ? 116 LEU A CG  1 
ATOM 115  C CD1 . LEU A 1 17  ? 13.082  -2.676  -9.563  1.00 47.47 ? 116 LEU A CD1 1 
ATOM 116  C CD2 . LEU A 1 17  ? 14.504  -4.102  -8.079  1.00 49.77 ? 116 LEU A CD2 1 
ATOM 117  N N   . GLU A 1 18  ? 15.141  -0.321  -5.557  1.00 55.26 ? 117 GLU A N   1 
ATOM 118  C CA  . GLU A 1 18  ? 16.341  0.513   -5.652  1.00 56.18 ? 117 GLU A CA  1 
ATOM 119  C C   . GLU A 1 18  ? 17.434  0.021   -4.690  1.00 57.06 ? 117 GLU A C   1 
ATOM 120  O O   . GLU A 1 18  ? 18.599  -0.056  -5.069  1.00 58.15 ? 117 GLU A O   1 
ATOM 121  C CB  . GLU A 1 18  ? 16.011  1.988   -5.400  1.00 55.41 ? 117 GLU A CB  1 
ATOM 122  N N   . GLU A 1 19  ? 17.059  -0.327  -3.459  1.00 57.84 ? 118 GLU A N   1 
ATOM 123  C CA  . GLU A 1 19  ? 18.023  -0.839  -2.473  1.00 57.98 ? 118 GLU A CA  1 
ATOM 124  C C   . GLU A 1 19  ? 18.601  -2.169  -2.945  1.00 58.07 ? 118 GLU A C   1 
ATOM 125  O O   . GLU A 1 19  ? 19.821  -2.326  -3.024  1.00 59.46 ? 118 GLU A O   1 
ATOM 126  C CB  . GLU A 1 19  ? 17.375  -1.008  -1.090  1.00 57.08 ? 118 GLU A CB  1 
ATOM 127  N N   . VAL A 1 20  ? 17.716  -3.113  -3.267  1.00 57.03 ? 119 VAL A N   1 
ATOM 128  C CA  . VAL A 1 20  ? 18.112  -4.430  -3.772  1.00 56.13 ? 119 VAL A CA  1 
ATOM 129  C C   . VAL A 1 20  ? 19.136  -4.284  -4.892  1.00 56.64 ? 119 VAL A C   1 
ATOM 130  O O   . VAL A 1 20  ? 20.222  -4.863  -4.826  1.00 56.67 ? 119 VAL A O   1 
ATOM 131  C CB  . VAL A 1 20  ? 16.894  -5.209  -4.328  1.00 56.82 ? 119 VAL A CB  1 
ATOM 132  C CG1 . VAL A 1 20  ? 17.353  -6.396  -5.187  1.00 55.74 ? 119 VAL A CG1 1 
ATOM 133  C CG2 . VAL A 1 20  ? 15.979  -5.664  -3.199  1.00 51.64 ? 119 VAL A CG2 1 
ATOM 134  N N   . ALA A 1 21  ? 18.768  -3.502  -5.911  1.00 56.44 ? 120 ALA A N   1 
ATOM 135  C CA  . ALA A 1 21  ? 19.650  -3.189  -7.042  1.00 55.84 ? 120 ALA A CA  1 
ATOM 136  C C   . ALA A 1 21  ? 20.914  -2.456  -6.588  1.00 55.27 ? 120 ALA A C   1 
ATOM 137  O O   . ALA A 1 21  ? 22.024  -2.836  -6.965  1.00 55.26 ? 120 ALA A O   1 
ATOM 138  C CB  . ALA A 1 21  ? 18.901  -2.352  -8.071  1.00 55.10 ? 120 ALA A CB  1 
ATOM 139  N N   . LYS A 1 22  ? 20.732  -1.415  -5.776  1.00 54.79 ? 121 LYS A N   1 
ATOM 140  C CA  . LYS A 1 22  ? 21.842  -0.620  -5.243  1.00 54.68 ? 121 LYS A CA  1 
ATOM 141  C C   . LYS A 1 22  ? 22.901  -1.502  -4.588  1.00 54.11 ? 121 LYS A C   1 
ATOM 142  O O   . LYS A 1 22  ? 24.016  -1.606  -5.086  1.00 53.34 ? 121 LYS A O   1 
ATOM 143  C CB  . LYS A 1 22  ? 21.332  0.411   -4.232  1.00 54.55 ? 121 LYS A CB  1 
ATOM 144  N N   . ILE A 1 23  ? 22.532  -2.147  -3.484  1.00 55.16 ? 122 ILE A N   1 
ATOM 145  C CA  . ILE A 1 23  ? 23.428  -3.057  -2.765  1.00 55.62 ? 122 ILE A CA  1 
ATOM 146  C C   . ILE A 1 23  ? 24.305  -3.880  -3.716  1.00 56.87 ? 122 ILE A C   1 
ATOM 147  O O   . ILE A 1 23  ? 25.532  -3.838  -3.611  1.00 58.70 ? 122 ILE A O   1 
ATOM 148  C CB  . ILE A 1 23  ? 22.633  -4.018  -1.842  1.00 55.34 ? 122 ILE A CB  1 
ATOM 149  C CG1 . ILE A 1 23  ? 22.115  -3.274  -0.607  1.00 54.49 ? 122 ILE A CG1 1 
ATOM 150  C CG2 . ILE A 1 23  ? 23.495  -5.204  -1.413  1.00 57.23 ? 122 ILE A CG2 1 
ATOM 151  C CD1 . ILE A 1 23  ? 21.559  -4.188  0.481   1.00 54.97 ? 122 ILE A CD1 1 
ATOM 152  N N   . ASN A 1 24  ? 23.677  -4.601  -4.653  1.00 57.16 ? 123 ASN A N   1 
ATOM 153  C CA  . ASN A 1 24  ? 24.395  -5.519  -5.561  1.00 55.76 ? 123 ASN A CA  1 
ATOM 154  C C   . ASN A 1 24  ? 24.861  -4.826  -6.831  1.00 55.13 ? 123 ASN A C   1 
ATOM 155  O O   . ASN A 1 24  ? 24.686  -5.367  -7.922  1.00 52.44 ? 123 ASN A O   1 
ATOM 156  C CB  . ASN A 1 24  ? 23.525  -6.728  -5.966  1.00 55.68 ? 123 ASN A CB  1 
ATOM 157  C CG  . ASN A 1 24  ? 22.928  -7.474  -4.775  1.00 52.54 ? 123 ASN A CG  1 
ATOM 158  O OD1 . ASN A 1 24  ? 23.432  -8.526  -4.357  1.00 47.02 ? 123 ASN A OD1 1 
ATOM 159  N ND2 . ASN A 1 24  ? 21.830  -6.947  -4.247  1.00 45.55 ? 123 ASN A ND2 1 
ATOM 160  N N   . GLN A 1 25  ? 25.450  -3.636  -6.685  1.00 56.87 ? 124 GLN A N   1 
ATOM 161  C CA  . GLN A 1 25  ? 25.958  -2.833  -7.817  1.00 58.07 ? 124 GLN A CA  1 
ATOM 162  C C   . GLN A 1 25  ? 25.210  -3.081  -9.133  1.00 58.41 ? 124 GLN A C   1 
ATOM 163  O O   . GLN A 1 25  ? 25.843  -3.339  -10.161 1.00 59.76 ? 124 GLN A O   1 
ATOM 164  C CB  . GLN A 1 25  ? 27.461  -3.083  -8.018  1.00 56.73 ? 124 GLN A CB  1 
ATOM 165  N N   . LEU A 1 26  ? 23.875  -3.001  -9.087  1.00 58.15 ? 125 LEU A N   1 
ATOM 166  C CA  . LEU A 1 26  ? 22.999  -3.320  -10.237 1.00 57.67 ? 125 LEU A CA  1 
ATOM 167  C C   . LEU A 1 26  ? 21.839  -2.327  -10.371 1.00 56.74 ? 125 LEU A C   1 
ATOM 168  O O   . LEU A 1 26  ? 21.578  -1.525  -9.471  1.00 57.54 ? 125 LEU A O   1 
ATOM 169  C CB  . LEU A 1 26  ? 22.421  -4.742  -10.097 1.00 58.13 ? 125 LEU A CB  1 
ATOM 170  C CG  . LEU A 1 26  ? 23.186  -5.912  -10.725 1.00 56.24 ? 125 LEU A CG  1 
ATOM 171  C CD1 . LEU A 1 26  ? 22.673  -7.232  -10.173 1.00 50.68 ? 125 LEU A CD1 1 
ATOM 172  C CD2 . LEU A 1 26  ? 23.070  -5.882  -12.243 1.00 57.02 ? 125 LEU A CD2 1 
ATOM 173  N N   . SER A 1 27  ? 21.133  -2.404  -11.495 1.00 55.13 ? 126 SER A N   1 
ATOM 174  C CA  . SER A 1 27  ? 19.996  -1.523  -11.756 1.00 53.31 ? 126 SER A CA  1 
ATOM 175  C C   . SER A 1 27  ? 18.667  -2.184  -11.382 1.00 53.11 ? 126 SER A C   1 
ATOM 176  O O   . SER A 1 27  ? 18.541  -3.410  -11.441 1.00 52.38 ? 126 SER A O   1 
ATOM 177  C CB  . SER A 1 27  ? 19.965  -1.112  -13.238 1.00 52.98 ? 126 SER A CB  1 
ATOM 178  O OG  . SER A 1 27  ? 20.220  -2.214  -14.099 1.00 49.12 ? 126 SER A OG  1 
ATOM 179  N N   . PRO A 1 28  ? 17.661  -1.374  -11.010 1.00 52.83 ? 127 PRO A N   1 
ATOM 180  C CA  . PRO A 1 28  ? 16.321  -1.923  -10.825 1.00 53.36 ? 127 PRO A CA  1 
ATOM 181  C C   . PRO A 1 28  ? 15.845  -2.738  -12.029 1.00 53.72 ? 127 PRO A C   1 
ATOM 182  O O   . PRO A 1 28  ? 15.176  -3.764  -11.862 1.00 55.40 ? 127 PRO A O   1 
ATOM 183  C CB  . PRO A 1 28  ? 15.442  -0.670  -10.651 1.00 52.98 ? 127 PRO A CB  1 
ATOM 184  C CG  . PRO A 1 28  ? 16.293  0.486   -11.037 1.00 52.40 ? 127 PRO A CG  1 
ATOM 185  C CD  . PRO A 1 28  ? 17.690  0.074   -10.740 1.00 52.75 ? 127 PRO A CD  1 
ATOM 186  N N   . GLU A 1 29  ? 16.185  -2.272  -13.226 1.00 52.49 ? 128 GLU A N   1 
ATOM 187  C CA  . GLU A 1 29  ? 15.784  -2.950  -14.445 1.00 50.86 ? 128 GLU A CA  1 
ATOM 188  C C   . GLU A 1 29  ? 16.557  -4.248  -14.618 1.00 48.97 ? 128 GLU A C   1 
ATOM 189  O O   . GLU A 1 29  ? 16.046  -5.184  -15.220 1.00 51.26 ? 128 GLU A O   1 
ATOM 190  C CB  . GLU A 1 29  ? 15.980  -2.041  -15.657 1.00 51.22 ? 128 GLU A CB  1 
ATOM 191  N N   . GLU A 1 30  ? 17.777  -4.308  -14.093 1.00 46.97 ? 129 GLU A N   1 
ATOM 192  C CA  . GLU A 1 30  ? 18.574  -5.532  -14.156 1.00 47.46 ? 129 GLU A CA  1 
ATOM 193  C C   . GLU A 1 30  ? 18.074  -6.536  -13.121 1.00 48.17 ? 129 GLU A C   1 
ATOM 194  O O   . GLU A 1 30  ? 17.931  -7.719  -13.420 1.00 46.54 ? 129 GLU A O   1 
ATOM 195  C CB  . GLU A 1 30  ? 20.059  -5.234  -13.940 1.00 48.42 ? 129 GLU A CB  1 
ATOM 196  N N   . VAL A 1 31  ? 17.791  -6.051  -11.912 1.00 49.98 ? 130 VAL A N   1 
ATOM 197  C CA  . VAL A 1 31  ? 17.185  -6.873  -10.854 1.00 50.29 ? 130 VAL A CA  1 
ATOM 198  C C   . VAL A 1 31  ? 15.883  -7.553  -11.285 1.00 50.68 ? 130 VAL A C   1 
ATOM 199  O O   . VAL A 1 31  ? 15.646  -8.703  -10.908 1.00 53.18 ? 130 VAL A O   1 
ATOM 200  C CB  . VAL A 1 31  ? 16.856  -6.051  -9.586  1.00 50.21 ? 130 VAL A CB  1 
ATOM 201  C CG1 . VAL A 1 31  ? 16.140  -6.919  -8.562  1.00 48.51 ? 130 VAL A CG1 1 
ATOM 202  C CG2 . VAL A 1 31  ? 18.113  -5.455  -8.982  1.00 53.80 ? 130 VAL A CG2 1 
ATOM 203  N N   . ILE A 1 32  ? 15.034  -6.861  -12.047 1.00 49.38 ? 131 ILE A N   1 
ATOM 204  C CA  . ILE A 1 32  ? 13.753  -7.449  -12.442 1.00 50.13 ? 131 ILE A CA  1 
ATOM 205  C C   . ILE A 1 32  ? 13.985  -8.742  -13.231 1.00 51.78 ? 131 ILE A C   1 
ATOM 206  O O   . ILE A 1 32  ? 13.572  -9.823  -12.806 1.00 51.70 ? 131 ILE A O   1 
ATOM 207  C CB  . ILE A 1 32  ? 12.881  -6.506  -13.294 1.00 50.04 ? 131 ILE A CB  1 
ATOM 208  C CG1 . ILE A 1 32  ? 12.498  -5.240  -12.531 1.00 51.53 ? 131 ILE A CG1 1 
ATOM 209  C CG2 . ILE A 1 32  ? 11.602  -7.205  -13.692 1.00 49.53 ? 131 ILE A CG2 1 
ATOM 210  C CD1 . ILE A 1 32  ? 11.804  -4.197  -13.399 1.00 47.83 ? 131 ILE A CD1 1 
ATOM 211  N N   . ASP A 1 33  ? 14.667  -8.634  -14.367 1.00 54.30 ? 132 ASP A N   1 
ATOM 212  C CA  . ASP A 1 33  ? 14.858  -9.795  -15.242 1.00 56.10 ? 132 ASP A CA  1 
ATOM 213  C C   . ASP A 1 33  ? 15.900  -10.818 -14.732 1.00 56.59 ? 132 ASP A C   1 
ATOM 214  O O   . ASP A 1 33  ? 16.059  -11.877 -15.334 1.00 58.38 ? 132 ASP A O   1 
ATOM 215  C CB  . ASP A 1 33  ? 15.155  -9.368  -16.689 1.00 56.33 ? 132 ASP A CB  1 
ATOM 216  C CG  . ASP A 1 33  ? 16.460  -8.617  -16.826 1.00 58.85 ? 132 ASP A CG  1 
ATOM 217  O OD1 . ASP A 1 33  ? 16.575  -7.533  -16.226 1.00 62.12 ? 132 ASP A OD1 1 
ATOM 218  O OD2 . ASP A 1 33  ? 17.363  -9.098  -17.545 1.00 60.27 ? 132 ASP A OD2 1 
ATOM 219  N N   . ILE A 1 34  ? 16.597  -10.526 -13.636 1.00 56.68 ? 133 ILE A N   1 
ATOM 220  C CA  . ILE A 1 34  ? 17.337  -11.576 -12.927 1.00 57.43 ? 133 ILE A CA  1 
ATOM 221  C C   . ILE A 1 34  ? 16.338  -12.443 -12.158 1.00 58.15 ? 133 ILE A C   1 
ATOM 222  O O   . ILE A 1 34  ? 16.362  -13.668 -12.267 1.00 60.24 ? 133 ILE A O   1 
ATOM 223  C CB  . ILE A 1 34  ? 18.366  -11.019 -11.914 1.00 57.76 ? 133 ILE A CB  1 
ATOM 224  C CG1 . ILE A 1 34  ? 19.475  -10.248 -12.622 1.00 57.69 ? 133 ILE A CG1 1 
ATOM 225  C CG2 . ILE A 1 34  ? 18.983  -12.156 -11.110 1.00 57.47 ? 133 ILE A CG2 1 
ATOM 226  C CD1 . ILE A 1 34  ? 20.293  -11.092 -13.554 1.00 63.76 ? 133 ILE A CD1 1 
ATOM 227  N N   . HIS A 1 35  ? 15.473  -11.790 -11.379 1.00 56.97 ? 134 HIS A N   1 
ATOM 228  C CA  . HIS A 1 35  ? 14.411  -12.453 -10.617 1.00 55.36 ? 134 HIS A CA  1 
ATOM 229  C C   . HIS A 1 35  ? 13.527  -13.265 -11.541 1.00 54.18 ? 134 HIS A C   1 
ATOM 230  O O   . HIS A 1 35  ? 13.194  -14.415 -11.247 1.00 54.90 ? 134 HIS A O   1 
ATOM 231  C CB  . HIS A 1 35  ? 13.560  -11.405 -9.886  1.00 56.39 ? 134 HIS A CB  1 
ATOM 232  C CG  . HIS A 1 35  ? 12.691  -11.960 -8.796  1.00 57.11 ? 134 HIS A CG  1 
ATOM 233  N ND1 . HIS A 1 35  ? 11.313  -11.895 -8.839  1.00 56.77 ? 134 HIS A ND1 1 
ATOM 234  C CD2 . HIS A 1 35  ? 13.002  -12.558 -7.621  1.00 54.97 ? 134 HIS A CD2 1 
ATOM 235  C CE1 . HIS A 1 35  ? 10.815  -12.441 -7.743  1.00 54.61 ? 134 HIS A CE1 1 
ATOM 236  N NE2 . HIS A 1 35  ? 11.817  -12.854 -6.989  1.00 53.88 ? 134 HIS A NE2 1 
ATOM 237  N N   . THR A 1 36  ? 13.157  -12.660 -12.665 1.00 53.49 ? 135 THR A N   1 
ATOM 238  C CA  . THR A 1 36  ? 12.267  -13.298 -13.643 1.00 54.53 ? 135 THR A CA  1 
ATOM 239  C C   . THR A 1 36  ? 12.961  -14.429 -14.429 1.00 54.86 ? 135 THR A C   1 
ATOM 240  O O   . THR A 1 36  ? 12.305  -15.323 -14.979 1.00 54.36 ? 135 THR A O   1 
ATOM 241  C CB  . THR A 1 36  ? 11.708  -12.240 -14.601 1.00 53.67 ? 135 THR A CB  1 
ATOM 242  O OG1 . THR A 1 36  ? 11.339  -11.089 -13.840 1.00 55.50 ? 135 THR A OG1 1 
ATOM 243  C CG2 . THR A 1 36  ? 10.488  -12.752 -15.347 1.00 54.23 ? 135 THR A CG2 1 
ATOM 244  N N   . ASN A 1 37  ? 14.292  -14.386 -14.463 1.00 54.49 ? 136 ASN A N   1 
ATOM 245  C CA  . ASN A 1 37  ? 15.090  -15.464 -15.038 1.00 53.86 ? 136 ASN A CA  1 
ATOM 246  C C   . ASN A 1 37  ? 15.050  -16.740 -14.200 1.00 52.39 ? 136 ASN A C   1 
ATOM 247  O O   . ASN A 1 37  ? 15.436  -17.803 -14.686 1.00 53.08 ? 136 ASN A O   1 
ATOM 248  C CB  . ASN A 1 37  ? 16.556  -15.022 -15.192 1.00 53.84 ? 136 ASN A CB  1 
ATOM 249  N N   . GLY A 1 38  ? 14.592  -16.633 -12.950 1.00 50.59 ? 137 GLY A N   1 
ATOM 250  C CA  . GLY A 1 38  ? 14.713  -17.725 -11.979 1.00 48.49 ? 137 GLY A CA  1 
ATOM 251  C C   . GLY A 1 38  ? 13.691  -18.833 -12.141 1.00 46.13 ? 137 GLY A C   1 
ATOM 252  O O   . GLY A 1 38  ? 12.731  -18.713 -12.900 1.00 46.29 ? 137 GLY A O   1 
ATOM 253  N N   . GLU A 1 39  ? 13.906  -19.916 -11.409 1.00 43.71 ? 138 GLU A N   1 
ATOM 254  C CA  . GLU A 1 39  ? 13.024  -21.070 -11.441 1.00 44.39 ? 138 GLU A CA  1 
ATOM 255  C C   . GLU A 1 39  ? 12.965  -21.603 -10.017 1.00 45.01 ? 138 GLU A C   1 
ATOM 256  O O   . GLU A 1 39  ? 13.937  -22.175 -9.497  1.00 48.42 ? 138 GLU A O   1 
ATOM 257  C CB  . GLU A 1 39  ? 13.589  -22.114 -12.392 1.00 45.13 ? 138 GLU A CB  1 
ATOM 258  C CG  . GLU A 1 39  ? 12.583  -23.107 -12.939 1.00 46.16 ? 138 GLU A CG  1 
ATOM 259  C CD  . GLU A 1 39  ? 13.090  -23.769 -14.211 1.00 47.75 ? 138 GLU A CD  1 
ATOM 260  O OE1 . GLU A 1 39  ? 13.074  -25.018 -14.275 1.00 46.01 ? 138 GLU A OE1 1 
ATOM 261  O OE2 . GLU A 1 39  ? 13.524  -23.035 -15.136 1.00 46.90 ? 138 GLU A OE2 1 
ATOM 262  N N   . TYR A 1 40  ? 11.829  -21.401 -9.375  1.00 42.05 ? 139 TYR A N   1 
ATOM 263  C CA  . TYR A 1 40  ? 11.784  -21.461 -7.934  1.00 38.64 ? 139 TYR A CA  1 
ATOM 264  C C   . TYR A 1 40  ? 10.987  -22.657 -7.444  1.00 36.76 ? 139 TYR A C   1 
ATOM 265  O O   . TYR A 1 40  ? 9.829   -22.827 -7.787  1.00 38.47 ? 139 TYR A O   1 
ATOM 266  C CB  . TYR A 1 40  ? 11.190  -20.155 -7.414  1.00 38.11 ? 139 TYR A CB  1 
ATOM 267  C CG  . TYR A 1 40  ? 11.926  -18.919 -7.906  1.00 37.06 ? 139 TYR A CG  1 
ATOM 268  C CD1 . TYR A 1 40  ? 13.106  -18.498 -7.294  1.00 40.77 ? 139 TYR A CD1 1 
ATOM 269  C CD2 . TYR A 1 40  ? 11.443  -18.167 -8.972  1.00 38.34 ? 139 TYR A CD2 1 
ATOM 270  C CE1 . TYR A 1 40  ? 13.787  -17.366 -7.731  1.00 39.38 ? 139 TYR A CE1 1 
ATOM 271  C CE2 . TYR A 1 40  ? 12.118  -17.022 -9.419  1.00 38.80 ? 139 TYR A CE2 1 
ATOM 272  C CZ  . TYR A 1 40  ? 13.291  -16.632 -8.790  1.00 38.17 ? 139 TYR A CZ  1 
ATOM 273  O OH  . TYR A 1 40  ? 13.972  -15.515 -9.217  1.00 34.33 ? 139 TYR A OH  1 
ATOM 274  N N   . VAL A 1 41  ? 11.617  -23.502 -6.650  1.00 36.95 ? 140 VAL A N   1 
ATOM 275  C CA  . VAL A 1 41  ? 10.901  -24.576 -5.981  1.00 36.77 ? 140 VAL A CA  1 
ATOM 276  C C   . VAL A 1 41  ? 10.288  -24.015 -4.691  1.00 37.99 ? 140 VAL A C   1 
ATOM 277  O O   . VAL A 1 41  ? 10.992  -23.458 -3.839  1.00 37.80 ? 140 VAL A O   1 
ATOM 278  C CB  . VAL A 1 41  ? 11.836  -25.760 -5.675  1.00 35.00 ? 140 VAL A CB  1 
ATOM 279  C CG1 . VAL A 1 41  ? 11.106  -26.843 -4.909  1.00 32.96 ? 140 VAL A CG1 1 
ATOM 280  C CG2 . VAL A 1 41  ? 12.408  -26.309 -6.963  1.00 33.11 ? 140 VAL A CG2 1 
ATOM 281  N N   . VAL A 1 42  ? 8.973   -24.144 -4.572  1.00 39.76 ? 141 VAL A N   1 
ATOM 282  C CA  . VAL A 1 42  ? 8.244   -23.676 -3.399  1.00 41.90 ? 141 VAL A CA  1 
ATOM 283  C C   . VAL A 1 42  ? 8.467   -24.604 -2.206  1.00 44.83 ? 141 VAL A C   1 
ATOM 284  O O   . VAL A 1 42  ? 8.328   -25.821 -2.331  1.00 47.40 ? 141 VAL A O   1 
ATOM 285  C CB  . VAL A 1 42  ? 6.733   -23.607 -3.690  1.00 40.24 ? 141 VAL A CB  1 
ATOM 286  C CG1 . VAL A 1 42  ? 5.935   -23.417 -2.402  1.00 38.91 ? 141 VAL A CG1 1 
ATOM 287  C CG2 . VAL A 1 42  ? 6.456   -22.496 -4.675  1.00 39.52 ? 141 VAL A CG2 1 
ATOM 288  N N   . TYR A 1 43  ? 8.808   -24.030 -1.055  1.00 47.31 ? 142 TYR A N   1 
ATOM 289  C CA  . TYR A 1 43  ? 8.879   -24.788 0.199   1.00 50.56 ? 142 TYR A CA  1 
ATOM 290  C C   . TYR A 1 43  ? 8.317   -23.981 1.385   1.00 53.30 ? 142 TYR A C   1 
ATOM 291  O O   . TYR A 1 43  ? 7.931   -22.815 1.230   1.00 55.82 ? 142 TYR A O   1 
ATOM 292  C CB  . TYR A 1 43  ? 10.320  -25.237 0.475   1.00 50.81 ? 142 TYR A CB  1 
ATOM 293  C CG  . TYR A 1 43  ? 11.259  -24.117 0.882   1.00 49.54 ? 142 TYR A CG  1 
ATOM 294  C CD1 . TYR A 1 43  ? 11.590  -23.924 2.215   1.00 48.38 ? 142 TYR A CD1 1 
ATOM 295  C CD2 . TYR A 1 43  ? 11.812  -23.259 -0.064  1.00 47.21 ? 142 TYR A CD2 1 
ATOM 296  C CE1 . TYR A 1 43  ? 12.438  -22.913 2.596   1.00 50.30 ? 142 TYR A CE1 1 
ATOM 297  C CE2 . TYR A 1 43  ? 12.665  -22.245 0.310   1.00 49.56 ? 142 TYR A CE2 1 
ATOM 298  C CZ  . TYR A 1 43  ? 12.976  -22.076 1.653   1.00 51.16 ? 142 TYR A CZ  1 
ATOM 299  O OH  . TYR A 1 43  ? 13.818  -21.064 2.080   1.00 49.66 ? 142 TYR A OH  1 
ATOM 300  N N   . MET A 1 44  ? 8.259   -24.619 2.553   1.00 54.10 ? 143 MET A N   1 
ATOM 301  C CA  . MET A 1 44  ? 7.765   -23.992 3.789   1.00 55.18 ? 143 MET A CA  1 
ATOM 302  C C   . MET A 1 44  ? 8.596   -24.523 4.966   1.00 54.46 ? 143 MET A C   1 
ATOM 303  O O   . MET A 1 44  ? 9.344   -25.499 4.811   1.00 55.50 ? 143 MET A O   1 
ATOM 304  C CB  . MET A 1 44  ? 6.273   -24.321 3.995   1.00 55.45 ? 143 MET A CB  1 
ATOM 305  C CG  . MET A 1 44  ? 5.307   -23.582 3.036   1.00 58.11 ? 143 MET A CG  1 
ATOM 306  S SD  . MET A 1 44  ? 4.105   -24.623 2.150   1.00 55.80 ? 143 MET A SD  1 
ATOM 307  C CE  . MET A 1 44  ? 3.217   -23.393 1.189   1.00 57.37 ? 143 MET A CE  1 
ATOM 308  N N   . LEU A 1 45  ? 8.495   -23.878 6.127   1.00 51.97 ? 144 LEU A N   1 
ATOM 309  C CA  . LEU A 1 45  ? 9.011   -24.483 7.362   1.00 49.67 ? 144 LEU A CA  1 
ATOM 310  C C   . LEU A 1 45  ? 8.282   -24.018 8.622   1.00 50.98 ? 144 LEU A C   1 
ATOM 311  O O   . LEU A 1 45  ? 7.743   -22.913 8.669   1.00 51.78 ? 144 LEU A O   1 
ATOM 312  C CB  . LEU A 1 45  ? 10.530  -24.302 7.523   1.00 47.49 ? 144 LEU A CB  1 
ATOM 313  C CG  . LEU A 1 45  ? 11.322  -23.056 7.091   1.00 43.57 ? 144 LEU A CG  1 
ATOM 314  C CD1 . LEU A 1 45  ? 12.005  -23.302 5.754   1.00 35.41 ? 144 LEU A CD1 1 
ATOM 315  C CD2 . LEU A 1 45  ? 10.498  -21.787 7.069   1.00 36.75 ? 144 LEU A CD2 1 
ATOM 316  N N   . GLY A 1 46  ? 8.254   -24.896 9.627   1.00 50.35 ? 145 GLY A N   1 
ATOM 317  C CA  . GLY A 1 46  ? 7.773   -24.546 10.956  1.00 48.71 ? 145 GLY A CA  1 
ATOM 318  C C   . GLY A 1 46  ? 6.323   -24.131 10.981  1.00 47.74 ? 145 GLY A C   1 
ATOM 319  O O   . GLY A 1 46  ? 5.938   -23.296 11.796  1.00 48.13 ? 145 GLY A O   1 
ATOM 320  N N   . PRO A 1 49  ? 3.751   -21.769 9.304   1.00 53.00 ? 148 PRO A N   1 
ATOM 321  C CA  . PRO A 1 49  ? 3.136   -20.659 8.609   1.00 52.42 ? 148 PRO A CA  1 
ATOM 322  C C   . PRO A 1 49  ? 2.008   -21.037 7.645   1.00 51.28 ? 148 PRO A C   1 
ATOM 323  O O   . PRO A 1 49  ? 0.839   -20.854 7.978   1.00 52.66 ? 148 PRO A O   1 
ATOM 324  C CB  . PRO A 1 49  ? 4.333   -20.028 7.874   1.00 51.60 ? 148 PRO A CB  1 
ATOM 325  C CG  . PRO A 1 49  ? 5.487   -20.235 8.810   1.00 50.06 ? 148 PRO A CG  1 
ATOM 326  C CD  . PRO A 1 49  ? 5.141   -21.439 9.675   1.00 54.06 ? 148 PRO A CD  1 
ATOM 327  N N   . GLY A 1 50  ? 2.352   -21.598 6.491   1.00 49.93 ? 149 GLY A N   1 
ATOM 328  C CA  . GLY A 1 50  ? 1.474   -21.579 5.325   1.00 49.13 ? 149 GLY A CA  1 
ATOM 329  C C   . GLY A 1 50  ? 1.886   -20.458 4.384   1.00 48.81 ? 149 GLY A C   1 
ATOM 330  O O   . GLY A 1 50  ? 1.111   -20.033 3.539   1.00 50.34 ? 149 GLY A O   1 
ATOM 331  N N   . PHE A 1 51  ? 3.125   -19.996 4.539   1.00 48.67 ? 150 PHE A N   1 
ATOM 332  C CA  . PHE A 1 51  ? 3.720   -18.949 3.719   1.00 48.19 ? 150 PHE A CA  1 
ATOM 333  C C   . PHE A 1 51  ? 4.685   -19.619 2.727   1.00 48.67 ? 150 PHE A C   1 
ATOM 334  O O   . PHE A 1 51  ? 5.454   -20.499 3.131   1.00 51.28 ? 150 PHE A O   1 
ATOM 335  C CB  . PHE A 1 51  ? 4.467   -17.970 4.626   1.00 47.06 ? 150 PHE A CB  1 
ATOM 336  C CG  . PHE A 1 51  ? 5.348   -17.002 3.897   1.00 47.40 ? 150 PHE A CG  1 
ATOM 337  C CD1 . PHE A 1 51  ? 4.865   -15.772 3.491   1.00 46.88 ? 150 PHE A CD1 1 
ATOM 338  C CD2 . PHE A 1 51  ? 6.675   -17.317 3.631   1.00 49.16 ? 150 PHE A CD2 1 
ATOM 339  C CE1 . PHE A 1 51  ? 5.691   -14.876 2.828   1.00 46.39 ? 150 PHE A CE1 1 
ATOM 340  C CE2 . PHE A 1 51  ? 7.500   -16.425 2.963   1.00 46.76 ? 150 PHE A CE2 1 
ATOM 341  C CZ  . PHE A 1 51  ? 7.007   -15.209 2.563   1.00 45.69 ? 150 PHE A CZ  1 
ATOM 342  N N   . PRO A 1 52  ? 4.683   -19.183 1.447   1.00 46.29 ? 151 PRO A N   1 
ATOM 343  C CA  . PRO A 1 52  ? 5.357   -19.924 0.392   1.00 44.32 ? 151 PRO A CA  1 
ATOM 344  C C   . PRO A 1 52  ? 6.781   -19.456 0.173   1.00 42.00 ? 151 PRO A C   1 
ATOM 345  O O   . PRO A 1 52  ? 7.028   -18.611 -0.690  1.00 42.56 ? 151 PRO A O   1 
ATOM 346  C CB  . PRO A 1 52  ? 4.506   -19.594 -0.841  1.00 44.71 ? 151 PRO A CB  1 
ATOM 347  C CG  . PRO A 1 52  ? 4.042   -18.181 -0.604  1.00 45.79 ? 151 PRO A CG  1 
ATOM 348  C CD  . PRO A 1 52  ? 4.080   -17.949 0.910   1.00 47.19 ? 151 PRO A CD  1 
ATOM 349  N N   . PHE A 1 53  ? 7.714   -19.998 0.945   1.00 40.00 ? 152 PHE A N   1 
ATOM 350  C CA  . PHE A 1 53  ? 9.121   -19.704 0.723   1.00 39.56 ? 152 PHE A CA  1 
ATOM 351  C C   . PHE A 1 53  ? 9.508   -20.232 -0.652  1.00 38.49 ? 152 PHE A C   1 
ATOM 352  O O   . PHE A 1 53  ? 9.006   -21.268 -1.075  1.00 38.06 ? 152 PHE A O   1 
ATOM 353  C CB  . PHE A 1 53  ? 9.985   -20.342 1.800   1.00 40.07 ? 152 PHE A CB  1 
ATOM 354  C CG  . PHE A 1 53  ? 9.842   -19.703 3.151   1.00 42.21 ? 152 PHE A CG  1 
ATOM 355  C CD1 . PHE A 1 53  ? 10.644  -18.626 3.513   1.00 45.10 ? 152 PHE A CD1 1 
ATOM 356  C CD2 . PHE A 1 53  ? 8.921   -20.188 4.070   1.00 44.99 ? 152 PHE A CD2 1 
ATOM 357  C CE1 . PHE A 1 53  ? 10.527  -18.040 4.772   1.00 43.85 ? 152 PHE A CE1 1 
ATOM 358  C CE2 . PHE A 1 53  ? 8.799   -19.609 5.331   1.00 44.11 ? 152 PHE A CE2 1 
ATOM 359  C CZ  . PHE A 1 53  ? 9.604   -18.535 5.682   1.00 40.30 ? 152 PHE A CZ  1 
ATOM 360  N N   . LEU A 1 54  ? 10.378  -19.515 -1.356  1.00 38.12 ? 153 LEU A N   1 
ATOM 361  C CA  . LEU A 1 54  ? 10.728  -19.884 -2.726  1.00 39.13 ? 153 LEU A CA  1 
ATOM 362  C C   . LEU A 1 54  ? 12.221  -20.141 -2.843  1.00 41.87 ? 153 LEU A C   1 
ATOM 363  O O   . LEU A 1 54  ? 13.013  -19.201 -2.810  1.00 45.26 ? 153 LEU A O   1 
ATOM 364  C CB  . LEU A 1 54  ? 10.308  -18.781 -3.705  1.00 37.99 ? 153 LEU A CB  1 
ATOM 365  C CG  . LEU A 1 54  ? 8.844   -18.795 -4.163  1.00 33.15 ? 153 LEU A CG  1 
ATOM 366  C CD1 . LEU A 1 54  ? 8.498   -17.574 -4.985  1.00 24.84 ? 153 LEU A CD1 1 
ATOM 367  C CD2 . LEU A 1 54  ? 8.545   -20.032 -4.961  1.00 36.14 ? 153 LEU A CD2 1 
ATOM 368  N N   . GLY A 1 55  ? 12.604  -21.411 -2.982  1.00 42.54 ? 154 GLY A N   1 
ATOM 369  C CA  . GLY A 1 55  ? 14.008  -21.767 -3.151  1.00 43.06 ? 154 GLY A CA  1 
ATOM 370  C C   . GLY A 1 55  ? 14.443  -21.588 -4.591  1.00 43.45 ? 154 GLY A C   1 
ATOM 371  O O   . GLY A 1 55  ? 13.653  -21.811 -5.496  1.00 44.89 ? 154 GLY A O   1 
ATOM 372  N N   . GLY A 1 56  ? 15.692  -21.179 -4.803  1.00 44.72 ? 155 GLY A N   1 
ATOM 373  C CA  . GLY A 1 56  ? 16.279  -21.087 -6.155  1.00 46.03 ? 155 GLY A CA  1 
ATOM 374  C C   . GLY A 1 56  ? 16.870  -19.737 -6.574  1.00 46.81 ? 155 GLY A C   1 
ATOM 375  O O   . GLY A 1 56  ? 17.488  -19.626 -7.649  1.00 46.07 ? 155 GLY A O   1 
ATOM 376  N N   . MET A 1 57  ? 16.703  -18.719 -5.733  1.00 47.08 ? 156 MET A N   1 
ATOM 377  C CA  . MET A 1 57  ? 17.090  -17.355 -6.094  1.00 49.05 ? 156 MET A CA  1 
ATOM 378  C C   . MET A 1 57  ? 18.587  -17.174 -6.372  1.00 48.38 ? 156 MET A C   1 
ATOM 379  O O   . MET A 1 57  ? 19.438  -17.779 -5.705  1.00 46.08 ? 156 MET A O   1 
ATOM 380  C CB  . MET A 1 57  ? 16.634  -16.344 -5.020  1.00 49.89 ? 156 MET A CB  1 
ATOM 381  C CG  . MET A 1 57  ? 17.217  -14.936 -5.200  1.00 49.73 ? 156 MET A CG  1 
ATOM 382  S SD  . MET A 1 57  ? 16.429  -13.643 -4.232  1.00 49.41 ? 156 MET A SD  1 
ATOM 383  C CE  . MET A 1 57  ? 17.876  -12.725 -3.744  1.00 43.90 ? 156 MET A CE  1 
ATOM 384  N N   . SER A 1 58  ? 18.866  -16.314 -7.359  1.00 47.80 ? 157 SER A N   1 
ATOM 385  C CA  . SER A 1 58  ? 20.218  -15.898 -7.720  1.00 48.37 ? 157 SER A CA  1 
ATOM 386  C C   . SER A 1 58  ? 20.887  -15.089 -6.617  1.00 48.15 ? 157 SER A C   1 
ATOM 387  O O   . SER A 1 58  ? 20.331  -14.098 -6.138  1.00 48.52 ? 157 SER A O   1 
ATOM 388  C CB  . SER A 1 58  ? 20.184  -15.038 -8.989  1.00 48.51 ? 157 SER A CB  1 
ATOM 389  N N   . LYS A 1 59  ? 22.098  -15.503 -6.251  1.00 48.02 ? 158 LYS A N   1 
ATOM 390  C CA  . LYS A 1 59  ? 22.941  -14.772 -5.295  1.00 47.69 ? 158 LYS A CA  1 
ATOM 391  C C   . LYS A 1 59  ? 23.248  -13.324 -5.723  1.00 45.59 ? 158 LYS A C   1 
ATOM 392  O O   . LYS A 1 59  ? 23.510  -12.470 -4.875  1.00 44.11 ? 158 LYS A O   1 
ATOM 393  C CB  . LYS A 1 59  ? 24.259  -15.531 -5.065  1.00 47.87 ? 158 LYS A CB  1 
ATOM 394  N N   . ARG A 1 60  ? 23.209  -13.054 -7.027  1.00 45.66 ? 159 ARG A N   1 
ATOM 395  C CA  . ARG A 1 60  ? 23.481  -11.711 -7.546  1.00 46.56 ? 159 ARG A CA  1 
ATOM 396  C C   . ARG A 1 60  ? 22.400  -10.710 -7.137  1.00 47.50 ? 159 ARG A C   1 
ATOM 397  O O   . ARG A 1 60  ? 22.621  -9.502  -7.211  1.00 48.48 ? 159 ARG A O   1 
ATOM 398  C CB  . ARG A 1 60  ? 23.632  -11.729 -9.074  1.00 45.55 ? 159 ARG A CB  1 
ATOM 399  N N   . ILE A 1 61  ? 21.240  -11.208 -6.713  1.00 48.19 ? 160 ILE A N   1 
ATOM 400  C CA  . ILE A 1 61  ? 20.162  -10.346 -6.220  1.00 48.53 ? 160 ILE A CA  1 
ATOM 401  C C   . ILE A 1 61  ? 19.851  -10.557 -4.727  1.00 48.93 ? 160 ILE A C   1 
ATOM 402  O O   . ILE A 1 61  ? 18.857  -10.032 -4.213  1.00 50.93 ? 160 ILE A O   1 
ATOM 403  C CB  . ILE A 1 61  ? 18.897  -10.541 -7.064  1.00 47.49 ? 160 ILE A CB  1 
ATOM 404  C CG1 . ILE A 1 61  ? 19.206  -10.226 -8.520  1.00 50.30 ? 160 ILE A CG1 1 
ATOM 405  C CG2 . ILE A 1 61  ? 17.795  -9.634  -6.596  1.00 49.02 ? 160 ILE A CG2 1 
ATOM 406  C CD1 . ILE A 1 61  ? 19.892  -8.892  -8.717  1.00 50.84 ? 160 ILE A CD1 1 
ATOM 407  N N   . ALA A 1 62  ? 20.709  -11.296 -4.024  1.00 46.97 ? 161 ALA A N   1 
ATOM 408  C CA  . ALA A 1 62  ? 20.614  -11.395 -2.574  1.00 46.38 ? 161 ALA A CA  1 
ATOM 409  C C   . ALA A 1 62  ? 20.470  -10.007 -1.944  1.00 47.43 ? 161 ALA A C   1 
ATOM 410  O O   . ALA A 1 62  ? 20.852  -8.999  -2.530  1.00 46.63 ? 161 ALA A O   1 
ATOM 411  C CB  . ALA A 1 62  ? 21.825  -12.118 -2.006  1.00 45.08 ? 161 ALA A CB  1 
ATOM 412  N N   . ALA A 1 63  ? 19.898  -9.961  -0.750  1.00 50.22 ? 162 ALA A N   1 
ATOM 413  C CA  . ALA A 1 63  ? 19.656  -8.702  -0.058  1.00 50.93 ? 162 ALA A CA  1 
ATOM 414  C C   . ALA A 1 63  ? 19.360  -8.989  1.409   1.00 51.56 ? 162 ALA A C   1 
ATOM 415  O O   . ALA A 1 63  ? 18.690  -9.966  1.715   1.00 53.26 ? 162 ALA A O   1 
ATOM 416  C CB  . ALA A 1 63  ? 18.490  -7.978  -0.695  1.00 50.88 ? 162 ALA A CB  1 
ATOM 417  N N   . PRO A 1 64  ? 19.848  -8.135  2.322   1.00 52.58 ? 163 PRO A N   1 
ATOM 418  C CA  . PRO A 1 64  ? 19.573  -8.314  3.743   1.00 52.48 ? 163 PRO A CA  1 
ATOM 419  C C   . PRO A 1 64  ? 18.184  -7.803  4.083   1.00 51.93 ? 163 PRO A C   1 
ATOM 420  O O   . PRO A 1 64  ? 17.656  -6.944  3.375   1.00 52.50 ? 163 PRO A O   1 
ATOM 421  C CB  . PRO A 1 64  ? 20.627  -7.438  4.403   1.00 52.09 ? 163 PRO A CB  1 
ATOM 422  C CG  . PRO A 1 64  ? 20.798  -6.316  3.443   1.00 53.19 ? 163 PRO A CG  1 
ATOM 423  C CD  . PRO A 1 64  ? 20.657  -6.928  2.077   1.00 53.73 ? 163 PRO A CD  1 
ATOM 424  N N   . ARG A 1 65  ? 17.593  -8.331  5.149   1.00 52.05 ? 164 ARG A N   1 
ATOM 425  C CA  . ARG A 1 65  ? 16.270  -7.880  5.585   1.00 51.59 ? 164 ARG A CA  1 
ATOM 426  C C   . ARG A 1 65  ? 16.370  -6.473  6.189   1.00 51.91 ? 164 ARG A C   1 
ATOM 427  O O   . ARG A 1 65  ? 17.326  -6.159  6.905   1.00 51.77 ? 164 ARG A O   1 
ATOM 428  C CB  . ARG A 1 65  ? 15.666  -8.856  6.601   1.00 49.71 ? 164 ARG A CB  1 
ATOM 429  N N   . LYS A 1 66  ? 15.391  -5.628  5.885   1.00 51.70 ? 165 LYS A N   1 
ATOM 430  C CA  . LYS A 1 66  ? 15.304  -4.311  6.500   1.00 51.81 ? 165 LYS A CA  1 
ATOM 431  C C   . LYS A 1 66  ? 15.515  -4.389  8.013   1.00 52.99 ? 165 LYS A C   1 
ATOM 432  O O   . LYS A 1 66  ? 14.857  -5.169  8.707   1.00 54.23 ? 165 LYS A O   1 
ATOM 433  C CB  . LYS A 1 66  ? 13.954  -3.656  6.193   1.00 51.02 ? 165 LYS A CB  1 
ATOM 434  C CG  . LYS A 1 66  ? 13.861  -3.097  4.791   1.00 53.04 ? 165 LYS A CG  1 
ATOM 435  C CD  . LYS A 1 66  ? 12.571  -2.326  4.572   1.00 59.81 ? 165 LYS A CD  1 
ATOM 436  C CE  . LYS A 1 66  ? 12.734  -1.252  3.492   1.00 65.11 ? 165 LYS A CE  1 
ATOM 437  N NZ  . LYS A 1 66  ? 13.221  0.059   4.034   1.00 71.03 ? 165 LYS A NZ  1 
ATOM 438  N N   . SER A 1 67  ? 16.452  -3.575  8.494   1.00 54.55 ? 166 SER A N   1 
ATOM 439  C CA  . SER A 1 67  ? 16.813  -3.454  9.918   1.00 55.43 ? 166 SER A CA  1 
ATOM 440  C C   . SER A 1 67  ? 15.633  -3.450  10.901  1.00 55.75 ? 166 SER A C   1 
ATOM 441  O O   . SER A 1 67  ? 15.673  -4.128  11.930  1.00 54.61 ? 166 SER A O   1 
ATOM 442  C CB  . SER A 1 67  ? 17.615  -2.164  10.099  1.00 55.92 ? 166 SER A CB  1 
ATOM 443  O OG  . SER A 1 67  ? 17.060  -1.128  9.297   1.00 58.26 ? 166 SER A OG  1 
ATOM 444  N N   . SER A 1 68  ? 14.606  -2.661  10.585  1.00 56.46 ? 167 SER A N   1 
ATOM 445  C CA  . SER A 1 68  ? 13.377  -2.598  11.375  1.00 56.13 ? 167 SER A CA  1 
ATOM 446  C C   . SER A 1 68  ? 12.206  -3.150  10.543  1.00 55.64 ? 167 SER A C   1 
ATOM 447  O O   . SER A 1 68  ? 12.036  -2.760  9.386   1.00 54.40 ? 167 SER A O   1 
ATOM 448  C CB  . SER A 1 68  ? 13.090  -1.154  11.810  1.00 55.68 ? 167 SER A CB  1 
ATOM 449  N N   . PRO A 1 69  ? 11.400  -4.062  11.124  1.00 55.46 ? 168 PRO A N   1 
ATOM 450  C CA  . PRO A 1 69  ? 10.244  -4.623  10.425  1.00 55.16 ? 168 PRO A CA  1 
ATOM 451  C C   . PRO A 1 69  ? 9.198   -3.583  10.065  1.00 53.17 ? 168 PRO A C   1 
ATOM 452  O O   . PRO A 1 69  ? 8.987   -2.642  10.828  1.00 53.37 ? 168 PRO A O   1 
ATOM 453  C CB  . PRO A 1 69  ? 9.644   -5.594  11.458  1.00 55.27 ? 168 PRO A CB  1 
ATOM 454  C CG  . PRO A 1 69  ? 10.735  -5.901  12.381  1.00 55.08 ? 168 PRO A CG  1 
ATOM 455  C CD  . PRO A 1 69  ? 11.522  -4.634  12.474  1.00 56.14 ? 168 PRO A CD  1 
ATOM 456  N N   . ARG A 1 70  ? 8.550   -3.758  8.916   1.00 51.16 ? 169 ARG A N   1 
ATOM 457  C CA  . ARG A 1 70  ? 7.353   -2.985  8.604   1.00 49.23 ? 169 ARG A CA  1 
ATOM 458  C C   . ARG A 1 70  ? 6.219   -3.474  9.492   1.00 50.53 ? 169 ARG A C   1 
ATOM 459  O O   . ARG A 1 70  ? 6.145   -4.668  9.806   1.00 51.78 ? 169 ARG A O   1 
ATOM 460  C CB  . ARG A 1 70  ? 6.921   -3.151  7.147   1.00 46.89 ? 169 ARG A CB  1 
ATOM 461  C CG  . ARG A 1 70  ? 7.760   -2.410  6.158   1.00 39.64 ? 169 ARG A CG  1 
ATOM 462  C CD  . ARG A 1 70  ? 7.039   -2.280  4.847   1.00 35.41 ? 169 ARG A CD  1 
ATOM 463  N NE  . ARG A 1 70  ? 7.876   -1.639  3.836   1.00 40.80 ? 169 ARG A NE  1 
ATOM 464  C CZ  . ARG A 1 70  ? 8.858   -2.231  3.149   1.00 40.51 ? 169 ARG A CZ  1 
ATOM 465  N NH1 . ARG A 1 70  ? 9.168   -3.513  3.348   1.00 46.51 ? 169 ARG A NH1 1 
ATOM 466  N NH2 . ARG A 1 70  ? 9.542   -1.532  2.252   1.00 34.57 ? 169 ARG A NH2 1 
ATOM 467  N N   . PRO A 1 71  ? 5.329   -2.560  9.898   1.00 50.21 ? 170 PRO A N   1 
ATOM 468  C CA  . PRO A 1 71  ? 4.111   -2.970  10.587  1.00 50.25 ? 170 PRO A CA  1 
ATOM 469  C C   . PRO A 1 71  ? 3.154   -3.757  9.688   1.00 48.86 ? 170 PRO A C   1 
ATOM 470  O O   . PRO A 1 71  ? 2.300   -4.479  10.196  1.00 47.56 ? 170 PRO A O   1 
ATOM 471  C CB  . PRO A 1 71  ? 3.478   -1.635  11.008  1.00 51.73 ? 170 PRO A CB  1 
ATOM 472  C CG  . PRO A 1 71  ? 4.026   -0.634  10.062  1.00 52.27 ? 170 PRO A CG  1 
ATOM 473  C CD  . PRO A 1 71  ? 5.416   -1.097  9.746   1.00 50.84 ? 170 PRO A CD  1 
ATOM 474  N N   . SER A 1 72  ? 3.276   -3.601  8.370   1.00 48.69 ? 171 SER A N   1 
ATOM 475  C CA  . SER A 1 72  ? 2.453   -4.375  7.436   1.00 48.55 ? 171 SER A CA  1 
ATOM 476  C C   . SER A 1 72  ? 2.924   -4.306  5.990   1.00 47.47 ? 171 SER A C   1 
ATOM 477  O O   . SER A 1 72  ? 2.853   -3.260  5.343   1.00 47.08 ? 171 SER A O   1 
ATOM 478  C CB  . SER A 1 72  ? 0.990   -3.940  7.473   1.00 48.07 ? 171 SER A CB  1 
ATOM 479  O OG  . SER A 1 72  ? 0.350   -4.340  6.271   1.00 45.91 ? 171 SER A OG  1 
ATOM 480  N N   . ILE A 1 73  ? 3.368   -5.452  5.495   1.00 46.21 ? 172 ILE A N   1 
ATOM 481  C CA  . ILE A 1 73  ? 3.610   -5.657  4.093   1.00 44.87 ? 172 ILE A CA  1 
ATOM 482  C C   . ILE A 1 73  ? 2.260   -6.018  3.500   1.00 45.50 ? 172 ILE A C   1 
ATOM 483  O O   . ILE A 1 73  ? 1.537   -6.829  4.082   1.00 43.99 ? 172 ILE A O   1 
ATOM 484  C CB  . ILE A 1 73  ? 4.538   -6.842  3.868   1.00 44.62 ? 172 ILE A CB  1 
ATOM 485  C CG1 . ILE A 1 73  ? 5.854   -6.664  4.640   1.00 43.80 ? 172 ILE A CG1 1 
ATOM 486  C CG2 . ILE A 1 73  ? 4.782   -7.027  2.373   1.00 47.58 ? 172 ILE A CG2 1 
ATOM 487  C CD1 . ILE A 1 73  ? 6.437   -7.974  5.154   1.00 39.47 ? 172 ILE A CD1 1 
ATOM 488  N N   . PRO A 1 74  ? 1.905   -5.422  2.344   1.00 45.17 ? 173 PRO A N   1 
ATOM 489  C CA  . PRO A 1 74  ? 0.630   -5.777  1.728   1.00 44.33 ? 173 PRO A CA  1 
ATOM 490  C C   . PRO A 1 74  ? 0.607   -7.205  1.185   1.00 44.89 ? 173 PRO A C   1 
ATOM 491  O O   . PRO A 1 74  ? 1.629   -7.705  0.709   1.00 44.91 ? 173 PRO A O   1 
ATOM 492  C CB  . PRO A 1 74  ? 0.499   -4.771  0.580   1.00 42.95 ? 173 PRO A CB  1 
ATOM 493  C CG  . PRO A 1 74  ? 1.868   -4.341  0.279   1.00 42.95 ? 173 PRO A CG  1 
ATOM 494  C CD  . PRO A 1 74  ? 2.632   -4.405  1.560   1.00 44.17 ? 173 PRO A CD  1 
ATOM 495  N N   . ALA A 1 75  ? -0.562  -7.840  1.257   1.00 45.20 ? 174 ALA A N   1 
ATOM 496  C CA  . ALA A 1 75  ? -0.786  -9.142  0.640   1.00 44.13 ? 174 ALA A CA  1 
ATOM 497  C C   . ALA A 1 75  ? -0.450  -9.080  -0.835  1.00 43.25 ? 174 ALA A C   1 
ATOM 498  O O   . ALA A 1 75  ? -0.750  -8.094  -1.508  1.00 45.59 ? 174 ALA A O   1 
ATOM 499  C CB  . ALA A 1 75  ? -2.222  -9.564  0.811   1.00 44.93 ? 174 ALA A CB  1 
ATOM 500  N N   . GLY A 1 76  ? 0.175   -10.140 -1.329  1.00 42.57 ? 175 GLY A N   1 
ATOM 501  C CA  . GLY A 1 76  ? 0.575   -10.221 -2.726  1.00 43.03 ? 175 GLY A CA  1 
ATOM 502  C C   . GLY A 1 76  ? 1.943   -9.622  -3.006  1.00 42.54 ? 175 GLY A C   1 
ATOM 503  O O   . GLY A 1 76  ? 2.426   -9.704  -4.147  1.00 44.16 ? 175 GLY A O   1 
ATOM 504  N N   . SER A 1 77  ? 2.573   -9.028  -1.987  1.00 39.38 ? 176 SER A N   1 
ATOM 505  C CA  . SER A 1 77  ? 3.933   -8.512  -2.141  1.00 38.89 ? 176 SER A CA  1 
ATOM 506  C C   . SER A 1 77  ? 4.843   -9.637  -2.610  1.00 40.11 ? 176 SER A C   1 
ATOM 507  O O   . SER A 1 77  ? 4.491   -10.814 -2.517  1.00 41.53 ? 176 SER A O   1 
ATOM 508  C CB  . SER A 1 77  ? 4.478   -7.924  -0.828  1.00 38.49 ? 176 SER A CB  1 
ATOM 509  O OG  . SER A 1 77  ? 4.092   -6.574  -0.638  1.00 30.43 ? 176 SER A OG  1 
ATOM 510  N N   . VAL A 1 78  ? 6.004   -9.265  -3.126  1.00 40.88 ? 177 VAL A N   1 
ATOM 511  C CA  . VAL A 1 78  ? 7.024   -10.228 -3.517  1.00 41.89 ? 177 VAL A CA  1 
ATOM 512  C C   . VAL A 1 78  ? 8.369   -9.734  -2.992  1.00 42.85 ? 177 VAL A C   1 
ATOM 513  O O   . VAL A 1 78  ? 8.853   -8.675  -3.400  1.00 44.91 ? 177 VAL A O   1 
ATOM 514  C CB  . VAL A 1 78  ? 7.060   -10.397 -5.048  1.00 42.18 ? 177 VAL A CB  1 
ATOM 515  C CG1 . VAL A 1 78  ? 8.383   -11.015 -5.497  1.00 37.41 ? 177 VAL A CG1 1 
ATOM 516  C CG2 . VAL A 1 78  ? 5.863   -11.234 -5.507  1.00 41.86 ? 177 VAL A CG2 1 
ATOM 517  N N   . GLY A 1 79  ? 8.965   -10.493 -2.080  1.00 42.11 ? 178 GLY A N   1 
ATOM 518  C CA  . GLY A 1 79  ? 10.140  -10.025 -1.368  1.00 41.90 ? 178 GLY A CA  1 
ATOM 519  C C   . GLY A 1 79  ? 11.361  -10.914 -1.478  1.00 43.04 ? 178 GLY A C   1 
ATOM 520  O O   . GLY A 1 79  ? 11.289  -12.055 -1.949  1.00 42.24 ? 178 GLY A O   1 
ATOM 521  N N   . ILE A 1 80  ? 12.484  -10.344 -1.035  1.00 44.24 ? 179 ILE A N   1 
ATOM 522  C CA  . ILE A 1 80  ? 13.765  -11.022 -0.901  1.00 43.24 ? 179 ILE A CA  1 
ATOM 523  C C   . ILE A 1 80  ? 14.302  -10.804 0.518   1.00 43.10 ? 179 ILE A C   1 
ATOM 524  O O   . ILE A 1 80  ? 14.452  -9.662  0.968   1.00 42.06 ? 179 ILE A O   1 
ATOM 525  C CB  . ILE A 1 80  ? 14.804  -10.430 -1.850  1.00 43.97 ? 179 ILE A CB  1 
ATOM 526  C CG1 . ILE A 1 80  ? 14.322  -10.522 -3.298  1.00 46.86 ? 179 ILE A CG1 1 
ATOM 527  C CG2 . ILE A 1 80  ? 16.161  -11.123 -1.655  1.00 43.66 ? 179 ILE A CG2 1 
ATOM 528  C CD1 . ILE A 1 80  ? 15.141  -9.678  -4.267  1.00 48.10 ? 179 ILE A CD1 1 
ATOM 529  N N   . ALA A 1 81  ? 14.586  -11.896 1.215   1.00 42.57 ? 180 ALA A N   1 
ATOM 530  C CA  . ALA A 1 81  ? 15.281  -11.839 2.489   1.00 41.33 ? 180 ALA A CA  1 
ATOM 531  C C   . ALA A 1 81  ? 16.494  -12.738 2.378   1.00 41.11 ? 180 ALA A C   1 
ATOM 532  O O   . ALA A 1 81  ? 16.362  -13.964 2.345   1.00 40.96 ? 180 ALA A O   1 
ATOM 533  C CB  . ALA A 1 81  ? 14.372  -12.309 3.617   1.00 41.66 ? 180 ALA A CB  1 
ATOM 534  N N   . GLY A 1 82  ? 17.670  -12.127 2.303   1.00 41.56 ? 181 GLY A N   1 
ATOM 535  C CA  . GLY A 1 82  ? 18.932  -12.870 2.258   1.00 41.82 ? 181 GLY A CA  1 
ATOM 536  C C   . GLY A 1 82  ? 19.177  -13.373 0.856   1.00 41.95 ? 181 GLY A C   1 
ATOM 537  O O   . GLY A 1 82  ? 19.407  -12.579 -0.049  1.00 41.97 ? 181 GLY A O   1 
ATOM 538  N N   . LEU A 1 83  ? 19.137  -14.694 0.687   1.00 41.74 ? 182 LEU A N   1 
ATOM 539  C CA  . LEU A 1 83  ? 19.166  -15.326 -0.627  1.00 39.83 ? 182 LEU A CA  1 
ATOM 540  C C   . LEU A 1 83  ? 17.911  -16.187 -0.769  1.00 40.47 ? 182 LEU A C   1 
ATOM 541  O O   . LEU A 1 83  ? 17.939  -17.237 -1.410  1.00 39.43 ? 182 LEU A O   1 
ATOM 542  C CB  . LEU A 1 83  ? 20.445  -16.159 -0.780  1.00 39.14 ? 182 LEU A CB  1 
ATOM 543  N N   . GLN A 1 84  ? 16.820  -15.721 -0.146  1.00 43.89 ? 183 GLN A N   1 
ATOM 544  C CA  . GLN A 1 84  ? 15.486  -16.351 -0.186  1.00 44.96 ? 183 GLN A CA  1 
ATOM 545  C C   . GLN A 1 84  ? 14.509  -15.356 -0.806  1.00 44.28 ? 183 GLN A C   1 
ATOM 546  O O   . GLN A 1 84  ? 14.429  -14.216 -0.351  1.00 46.45 ? 183 GLN A O   1 
ATOM 547  C CB  . GLN A 1 84  ? 14.969  -16.648 1.231   1.00 44.00 ? 183 GLN A CB  1 
ATOM 548  C CG  . GLN A 1 84  ? 15.359  -17.978 1.869   1.00 46.67 ? 183 GLN A CG  1 
ATOM 549  C CD  . GLN A 1 84  ? 14.693  -18.184 3.266   1.00 50.54 ? 183 GLN A CD  1 
ATOM 550  O OE1 . GLN A 1 84  ? 13.961  -17.315 3.768   1.00 52.32 ? 183 GLN A OE1 1 
ATOM 551  N NE2 . GLN A 1 84  ? 14.955  -19.339 3.884   1.00 55.19 ? 183 GLN A NE2 1 
ATOM 552  N N   . THR A 1 85  ? 13.763  -15.770 -1.824  1.00 43.49 ? 184 THR A N   1 
ATOM 553  C CA  . THR A 1 85  ? 12.678  -14.942 -2.358  1.00 43.26 ? 184 THR A CA  1 
ATOM 554  C C   . THR A 1 85  ? 11.347  -15.540 -1.897  1.00 43.81 ? 184 THR A C   1 
ATOM 555  O O   . THR A 1 85  ? 11.341  -16.522 -1.154  1.00 41.68 ? 184 THR A O   1 
ATOM 556  C CB  . THR A 1 85  ? 12.735  -14.820 -3.916  1.00 44.11 ? 184 THR A CB  1 
ATOM 557  O OG1 . THR A 1 85  ? 11.922  -13.715 -4.353  1.00 37.23 ? 184 THR A OG1 1 
ATOM 558  C CG2 . THR A 1 85  ? 12.287  -16.143 -4.616  1.00 41.66 ? 184 THR A CG2 1 
ATOM 559  N N   . GLY A 1 86  ? 10.227  -14.949 -2.320  1.00 45.29 ? 185 GLY A N   1 
ATOM 560  C CA  . GLY A 1 86  ? 8.910   -15.464 -1.935  1.00 45.76 ? 185 GLY A CA  1 
ATOM 561  C C   . GLY A 1 86  ? 7.798   -14.433 -1.924  1.00 45.66 ? 185 GLY A C   1 
ATOM 562  O O   . GLY A 1 86  ? 8.052   -13.230 -1.823  1.00 46.12 ? 185 GLY A O   1 
ATOM 563  N N   . VAL A 1 87  ? 6.564   -14.934 -2.004  1.00 45.09 ? 186 VAL A N   1 
ATOM 564  C CA  . VAL A 1 87  ? 5.345   -14.126 -2.125  1.00 43.28 ? 186 VAL A CA  1 
ATOM 565  C C   . VAL A 1 87  ? 4.565   -14.103 -0.804  1.00 42.63 ? 186 VAL A C   1 
ATOM 566  O O   . VAL A 1 87  ? 4.616   -15.055 -0.027  1.00 43.18 ? 186 VAL A O   1 
ATOM 567  C CB  . VAL A 1 87  ? 4.425   -14.719 -3.214  1.00 42.72 ? 186 VAL A CB  1 
ATOM 568  C CG1 . VAL A 1 87  ? 3.230   -13.795 -3.503  1.00 42.92 ? 186 VAL A CG1 1 
ATOM 569  C CG2 . VAL A 1 87  ? 5.227   -14.998 -4.484  1.00 42.03 ? 186 VAL A CG2 1 
ATOM 570  N N   . TYR A 1 88  ? 3.834   -13.021 -0.561  1.00 41.02 ? 187 TYR A N   1 
ATOM 571  C CA  . TYR A 1 88  ? 3.051   -12.884 0.658   1.00 40.68 ? 187 TYR A CA  1 
ATOM 572  C C   . TYR A 1 88  ? 1.567   -13.164 0.400   1.00 39.78 ? 187 TYR A C   1 
ATOM 573  O O   . TYR A 1 88  ? 0.902   -12.375 -0.256  1.00 39.72 ? 187 TYR A O   1 
ATOM 574  C CB  . TYR A 1 88  ? 3.241   -11.484 1.224   1.00 41.63 ? 187 TYR A CB  1 
ATOM 575  C CG  . TYR A 1 88  ? 4.390   -11.391 2.194   1.00 43.17 ? 187 TYR A CG  1 
ATOM 576  C CD1 . TYR A 1 88  ? 4.196   -11.663 3.546   1.00 43.47 ? 187 TYR A CD1 1 
ATOM 577  C CD2 . TYR A 1 88  ? 5.664   -11.042 1.768   1.00 44.56 ? 187 TYR A CD2 1 
ATOM 578  C CE1 . TYR A 1 88  ? 5.227   -11.584 4.446   1.00 43.09 ? 187 TYR A CE1 1 
ATOM 579  C CE2 . TYR A 1 88  ? 6.719   -10.955 2.668   1.00 46.54 ? 187 TYR A CE2 1 
ATOM 580  C CZ  . TYR A 1 88  ? 6.492   -11.229 4.013   1.00 48.48 ? 187 TYR A CZ  1 
ATOM 581  O OH  . TYR A 1 88  ? 7.525   -11.157 4.936   1.00 50.02 ? 187 TYR A OH  1 
ATOM 582  N N   . PRO A 1 89  ? 1.044   -14.298 0.893   1.00 40.45 ? 188 PRO A N   1 
ATOM 583  C CA  . PRO A 1 89  ? -0.393  -14.579 0.752   1.00 40.75 ? 188 PRO A CA  1 
ATOM 584  C C   . PRO A 1 89  ? -1.294  -13.561 1.460   1.00 41.35 ? 188 PRO A C   1 
ATOM 585  O O   . PRO A 1 89  ? -2.221  -13.022 0.853   1.00 41.20 ? 188 PRO A O   1 
ATOM 586  C CB  . PRO A 1 89  ? -0.554  -15.961 1.397   1.00 40.78 ? 188 PRO A CB  1 
ATOM 587  C CG  . PRO A 1 89  ? 0.815   -16.550 1.433   1.00 41.18 ? 188 PRO A CG  1 
ATOM 588  C CD  . PRO A 1 89  ? 1.749   -15.392 1.577   1.00 42.24 ? 188 PRO A CD  1 
ATOM 589  N N   . ILE A 1 90  ? -1.030  -13.299 2.736   1.00 42.74 ? 189 ILE A N   1 
ATOM 590  C CA  . ILE A 1 90  ? -1.793  -12.294 3.466   1.00 42.32 ? 189 ILE A CA  1 
ATOM 591  C C   . ILE A 1 90  ? -0.860  -11.202 3.973   1.00 44.01 ? 189 ILE A C   1 
ATOM 592  O O   . ILE A 1 90  ? 0.343   -11.419 4.130   1.00 43.87 ? 189 ILE A O   1 
ATOM 593  C CB  . ILE A 1 90  ? -2.643  -12.902 4.642   1.00 41.10 ? 189 ILE A CB  1 
ATOM 594  C CG1 . ILE A 1 90  ? -1.985  -12.692 6.007   1.00 39.67 ? 189 ILE A CG1 1 
ATOM 595  C CG2 . ILE A 1 90  ? -2.945  -14.376 4.403   1.00 35.27 ? 189 ILE A CG2 1 
ATOM 596  C CD1 . ILE A 1 90  ? -2.833  -13.207 7.167   1.00 41.92 ? 189 ILE A CD1 1 
ATOM 597  N N   . SER A 1 91  ? -1.445  -10.034 4.232   1.00 45.34 ? 190 SER A N   1 
ATOM 598  C CA  . SER A 1 91  ? -0.718  -8.875  4.735   1.00 44.41 ? 190 SER A CA  1 
ATOM 599  C C   . SER A 1 91  ? -0.140  -9.116  6.132   1.00 44.71 ? 190 SER A C   1 
ATOM 600  O O   . SER A 1 91  ? -0.813  -8.909  7.139   1.00 43.74 ? 190 SER A O   1 
ATOM 601  C CB  . SER A 1 91  ? -1.621  -7.636  4.739   1.00 43.17 ? 190 SER A CB  1 
ATOM 602  O OG  . SER A 1 91  ? -1.341  -6.809  5.855   1.00 43.93 ? 190 SER A OG  1 
ATOM 603  N N   . THR A 1 92  ? 1.116   -9.557  6.170   1.00 46.32 ? 191 THR A N   1 
ATOM 604  C CA  . THR A 1 92  ? 1.873   -9.693  7.416   1.00 46.83 ? 191 THR A CA  1 
ATOM 605  C C   . THR A 1 92  ? 2.816   -8.495  7.568   1.00 47.17 ? 191 THR A C   1 
ATOM 606  O O   . THR A 1 92  ? 3.004   -7.737  6.611   1.00 48.51 ? 191 THR A O   1 
ATOM 607  C CB  . THR A 1 92  ? 2.711   -10.976 7.405   1.00 45.52 ? 191 THR A CB  1 
ATOM 608  N N   . PRO A 1 93  ? 3.380   -8.298  8.776   1.00 46.26 ? 192 PRO A N   1 
ATOM 609  C CA  . PRO A 1 93  ? 4.517   -7.401  8.981   1.00 45.39 ? 192 PRO A CA  1 
ATOM 610  C C   . PRO A 1 93  ? 5.828   -8.108  8.681   1.00 44.91 ? 192 PRO A C   1 
ATOM 611  O O   . PRO A 1 93  ? 5.888   -9.339  8.747   1.00 43.75 ? 192 PRO A O   1 
ATOM 612  C CB  . PRO A 1 93  ? 4.444   -7.072  10.471  1.00 45.46 ? 192 PRO A CB  1 
ATOM 613  C CG  . PRO A 1 93  ? 3.796   -8.250  11.085  1.00 47.29 ? 192 PRO A CG  1 
ATOM 614  C CD  . PRO A 1 93  ? 2.924   -8.900  10.042  1.00 46.53 ? 192 PRO A CD  1 
ATOM 615  N N   . GLY A 1 94  ? 6.869   -7.337  8.360   1.00 45.42 ? 193 GLY A N   1 
ATOM 616  C CA  . GLY A 1 94  ? 8.205   -7.904  8.138   1.00 44.19 ? 193 GLY A CA  1 
ATOM 617  C C   . GLY A 1 94  ? 9.148   -7.030  7.342   1.00 42.85 ? 193 GLY A C   1 
ATOM 618  O O   . GLY A 1 94  ? 8.720   -6.257  6.485   1.00 43.09 ? 193 GLY A O   1 
ATOM 619  N N   . GLY A 1 95  ? 10.442  -7.181  7.609   1.00 42.11 ? 194 GLY A N   1 
ATOM 620  C CA  . GLY A 1 95  ? 11.475  -6.431  6.906   1.00 42.10 ? 194 GLY A CA  1 
ATOM 621  C C   . GLY A 1 95  ? 12.079  -7.169  5.725   1.00 43.57 ? 194 GLY A C   1 
ATOM 622  O O   . GLY A 1 95  ? 13.297  -7.175  5.553   1.00 44.40 ? 194 GLY A O   1 
ATOM 623  N N   . TRP A 1 96  ? 11.244  -7.808  4.908   1.00 45.80 ? 195 TRP A N   1 
ATOM 624  C CA  . TRP A 1 96  ? 11.716  -8.392  3.648   1.00 47.05 ? 195 TRP A CA  1 
ATOM 625  C C   . TRP A 1 96  ? 11.786  -7.228  2.671   1.00 48.11 ? 195 TRP A C   1 
ATOM 626  O O   . TRP A 1 96  ? 10.942  -6.323  2.725   1.00 49.21 ? 195 TRP A O   1 
ATOM 627  C CB  . TRP A 1 96  ? 10.757  -9.471  3.125   1.00 47.87 ? 195 TRP A CB  1 
ATOM 628  C CG  . TRP A 1 96  ? 10.976  -10.873 3.680   1.00 49.28 ? 195 TRP A CG  1 
ATOM 629  C CD1 . TRP A 1 96  ? 11.287  -11.213 4.966   1.00 48.36 ? 195 TRP A CD1 1 
ATOM 630  C CD2 . TRP A 1 96  ? 10.859  -12.113 2.958   1.00 49.31 ? 195 TRP A CD2 1 
ATOM 631  N NE1 . TRP A 1 96  ? 11.389  -12.580 5.085   1.00 47.58 ? 195 TRP A NE1 1 
ATOM 632  C CE2 . TRP A 1 96  ? 11.130  -13.156 3.870   1.00 48.04 ? 195 TRP A CE2 1 
ATOM 633  C CE3 . TRP A 1 96  ? 10.568  -12.439 1.628   1.00 47.10 ? 195 TRP A CE3 1 
ATOM 634  C CZ2 . TRP A 1 96  ? 11.120  -14.502 3.495   1.00 47.44 ? 195 TRP A CZ2 1 
ATOM 635  C CZ3 . TRP A 1 96  ? 10.554  -13.771 1.258   1.00 47.99 ? 195 TRP A CZ3 1 
ATOM 636  C CH2 . TRP A 1 96  ? 10.827  -14.788 2.190   1.00 48.61 ? 195 TRP A CH2 1 
ATOM 637  N N   . GLN A 1 97  ? 12.791  -7.228  1.801   1.00 47.77 ? 196 GLN A N   1 
ATOM 638  C CA  . GLN A 1 97  ? 12.944  -6.149  0.829   1.00 47.44 ? 196 GLN A CA  1 
ATOM 639  C C   . GLN A 1 97  ? 11.890  -6.345  -0.247  1.00 46.72 ? 196 GLN A C   1 
ATOM 640  O O   . GLN A 1 97  ? 12.010  -7.268  -1.050  1.00 47.68 ? 196 GLN A O   1 
ATOM 641  C CB  . GLN A 1 97  ? 14.343  -6.161  0.208   1.00 48.28 ? 196 GLN A CB  1 
ATOM 642  C CG  . GLN A 1 97  ? 15.503  -5.964  1.198   1.00 50.49 ? 196 GLN A CG  1 
ATOM 643  C CD  . GLN A 1 97  ? 15.632  -4.539  1.711   1.00 53.78 ? 196 GLN A CD  1 
ATOM 644  O OE1 . GLN A 1 97  ? 16.168  -4.309  2.797   1.00 57.91 ? 196 GLN A OE1 1 
ATOM 645  N NE2 . GLN A 1 97  ? 15.147  -3.577  0.935   1.00 52.66 ? 196 GLN A NE2 1 
ATOM 646  N N   . LEU A 1 98  ? 10.854  -5.500  -0.254  1.00 46.08 ? 197 LEU A N   1 
ATOM 647  C CA  . LEU A 1 98  ? 9.712   -5.667  -1.181  1.00 45.52 ? 197 LEU A CA  1 
ATOM 648  C C   . LEU A 1 98  ? 10.025  -5.131  -2.584  1.00 46.02 ? 197 LEU A C   1 
ATOM 649  O O   . LEU A 1 98  ? 10.258  -3.929  -2.754  1.00 46.55 ? 197 LEU A O   1 
ATOM 650  C CB  . LEU A 1 98  ? 8.463   -4.972  -0.635  1.00 43.79 ? 197 LEU A CB  1 
ATOM 651  C CG  . LEU A 1 98  ? 8.015   -5.396  0.769   1.00 44.80 ? 197 LEU A CG  1 
ATOM 652  C CD1 . LEU A 1 98  ? 6.911   -4.471  1.277   1.00 41.86 ? 197 LEU A CD1 1 
ATOM 653  C CD2 . LEU A 1 98  ? 7.565   -6.862  0.808   1.00 36.97 ? 197 LEU A CD2 1 
ATOM 654  N N   . ILE A 1 99  ? 10.017  -6.018  -3.582  1.00 45.62 ? 198 ILE A N   1 
ATOM 655  C CA  . ILE A 1 99  ? 10.387  -5.646  -4.960  1.00 44.71 ? 198 ILE A CA  1 
ATOM 656  C C   . ILE A 1 99  ? 9.230   -5.662  -5.982  1.00 44.55 ? 198 ILE A C   1 
ATOM 657  O O   . ILE A 1 99  ? 9.395   -5.159  -7.095  1.00 45.31 ? 198 ILE A O   1 
ATOM 658  C CB  . ILE A 1 99  ? 11.572  -6.521  -5.496  1.00 44.20 ? 198 ILE A CB  1 
ATOM 659  C CG1 . ILE A 1 99  ? 11.077  -7.884  -6.012  1.00 43.25 ? 198 ILE A CG1 1 
ATOM 660  C CG2 . ILE A 1 99  ? 12.645  -6.669  -4.417  1.00 41.52 ? 198 ILE A CG2 1 
ATOM 661  C CD1 . ILE A 1 99  ? 12.157  -8.952  -6.131  1.00 42.22 ? 198 ILE A CD1 1 
ATOM 662  N N   . GLY A 1 100 ? 8.076   -6.226  -5.627  1.00 43.44 ? 199 GLY A N   1 
ATOM 663  C CA  . GLY A 1 100 ? 6.950   -6.263  -6.564  1.00 44.58 ? 199 GLY A CA  1 
ATOM 664  C C   . GLY A 1 100 ? 5.651   -6.725  -5.944  1.00 45.71 ? 199 GLY A C   1 
ATOM 665  O O   . GLY A 1 100 ? 5.530   -6.754  -4.716  1.00 47.22 ? 199 GLY A O   1 
ATOM 666  N N   . LYS A 1 101 ? 4.678   -7.089  -6.787  1.00 46.26 ? 200 LYS A N   1 
ATOM 667  C CA  . LYS A 1 101 ? 3.337   -7.478  -6.304  1.00 46.70 ? 200 LYS A CA  1 
ATOM 668  C C   . LYS A 1 101 ? 2.526   -8.253  -7.350  1.00 47.16 ? 200 LYS A C   1 
ATOM 669  O O   . LYS A 1 101 ? 2.537   -7.887  -8.519  1.00 47.15 ? 200 LYS A O   1 
ATOM 670  C CB  . LYS A 1 101 ? 2.548   -6.221  -5.911  1.00 47.68 ? 200 LYS A CB  1 
ATOM 671  C CG  . LYS A 1 101 ? 1.635   -6.366  -4.685  1.00 46.28 ? 200 LYS A CG  1 
ATOM 672  C CD  . LYS A 1 101 ? 0.420   -5.445  -4.801  1.00 43.26 ? 200 LYS A CD  1 
ATOM 673  C CE  . LYS A 1 101 ? -0.241  -5.157  -3.459  1.00 42.44 ? 200 LYS A CE  1 
ATOM 674  N NZ  . LYS A 1 101 ? -0.200  -3.704  -3.139  1.00 36.17 ? 200 LYS A NZ  1 
ATOM 675  N N   . THR A 1 102 ? 1.818   -9.306  -6.929  1.00 47.47 ? 201 THR A N   1 
ATOM 676  C CA  . THR A 1 102 ? 0.871   -10.021 -7.805  1.00 47.54 ? 201 THR A CA  1 
ATOM 677  C C   . THR A 1 102 ? -0.562  -9.895  -7.337  1.00 47.85 ? 201 THR A C   1 
ATOM 678  O O   . THR A 1 102 ? -0.825  -9.383  -6.254  1.00 50.56 ? 201 THR A O   1 
ATOM 679  C CB  . THR A 1 102 ? 1.110   -11.539 -7.798  1.00 46.75 ? 201 THR A CB  1 
ATOM 680  O OG1 . THR A 1 102 ? 1.290   -11.980 -6.445  1.00 47.31 ? 201 THR A OG1 1 
ATOM 681  C CG2 . THR A 1 102 ? 2.303   -11.885 -8.606  1.00 48.45 ? 201 THR A CG2 1 
ATOM 682  N N   . PRO A 1 103 ? -1.501  -10.319 -8.190  1.00 47.78 ? 202 PRO A N   1 
ATOM 683  C CA  . PRO A 1 103 ? -2.721  -11.041 -7.819  1.00 49.52 ? 202 PRO A CA  1 
ATOM 684  C C   . PRO A 1 103 ? -2.594  -12.573 -8.082  1.00 51.13 ? 202 PRO A C   1 
ATOM 685  O O   . PRO A 1 103 ? -2.021  -12.959 -9.102  1.00 53.48 ? 202 PRO A O   1 
ATOM 686  C CB  . PRO A 1 103 ? -3.768  -10.417 -8.746  1.00 49.84 ? 202 PRO A CB  1 
ATOM 687  C CG  . PRO A 1 103 ? -2.955  -9.759  -9.901  1.00 47.52 ? 202 PRO A CG  1 
ATOM 688  C CD  . PRO A 1 103 ? -1.500  -9.965  -9.616  1.00 46.76 ? 202 PRO A CD  1 
ATOM 689  N N   . LEU A 1 104 ? -3.106  -13.457 -7.223  1.00 51.46 ? 203 LEU A N   1 
ATOM 690  C CA  . LEU A 1 104 ? -3.859  -13.143 -6.012  1.00 53.13 ? 203 LEU A CA  1 
ATOM 691  C C   . LEU A 1 104 ? -4.048  -14.457 -5.230  1.00 54.56 ? 203 LEU A C   1 
ATOM 692  O O   . LEU A 1 104 ? -5.086  -15.113 -5.332  1.00 54.24 ? 203 LEU A O   1 
ATOM 693  C CB  . LEU A 1 104 ? -5.212  -12.535 -6.374  1.00 53.67 ? 203 LEU A CB  1 
ATOM 694  N N   . ALA A 1 105 ? -3.034  -14.814 -4.440  1.00 55.86 ? 204 ALA A N   1 
ATOM 695  C CA  . ALA A 1 105 ? -2.823  -16.190 -3.946  1.00 54.85 ? 204 ALA A CA  1 
ATOM 696  C C   . ALA A 1 105 ? -3.661  -16.564 -2.716  1.00 53.29 ? 204 ALA A C   1 
ATOM 697  O O   . ALA A 1 105 ? -3.297  -17.468 -1.947  1.00 50.64 ? 204 ALA A O   1 
ATOM 698  C CB  . ALA A 1 105 ? -1.310  -16.400 -3.649  1.00 53.75 ? 204 ALA A CB  1 
ATOM 699  N N   . THR A 1 115 ? -4.655  -22.341 -0.206  1.00 52.84 ? 214 THR A N   1 
ATOM 700  C CA  . THR A 1 115 ? -3.314  -21.935 -0.613  1.00 52.25 ? 214 THR A CA  1 
ATOM 701  C C   . THR A 1 115 ? -2.999  -22.409 -2.040  1.00 51.88 ? 214 THR A C   1 
ATOM 702  O O   . THR A 1 115 ? -3.052  -23.605 -2.339  1.00 50.51 ? 214 THR A O   1 
ATOM 703  C CB  . THR A 1 115 ? -2.245  -22.473 0.361   1.00 51.30 ? 214 THR A CB  1 
ATOM 704  N N   . LEU A 1 116 ? -2.673  -21.457 -2.915  1.00 51.56 ? 215 LEU A N   1 
ATOM 705  C CA  . LEU A 1 116 ? -2.373  -21.764 -4.318  1.00 50.73 ? 215 LEU A CA  1 
ATOM 706  C C   . LEU A 1 116 ? -1.052  -22.513 -4.422  1.00 49.53 ? 215 LEU A C   1 
ATOM 707  O O   . LEU A 1 116 ? -0.969  -23.579 -5.023  1.00 50.57 ? 215 LEU A O   1 
ATOM 708  C CB  . LEU A 1 116 ? -2.281  -20.478 -5.157  1.00 50.55 ? 215 LEU A CB  1 
ATOM 709  C CG  . LEU A 1 116 ? -2.731  -20.541 -6.623  1.00 49.74 ? 215 LEU A CG  1 
ATOM 710  C CD1 . LEU A 1 116 ? -1.708  -19.827 -7.517  1.00 46.13 ? 215 LEU A CD1 1 
ATOM 711  C CD2 . LEU A 1 116 ? -2.971  -21.970 -7.112  1.00 46.08 ? 215 LEU A CD2 1 
ATOM 712  N N   . LEU A 1 117 ? -0.012  -21.943 -3.836  1.00 48.14 ? 216 LEU A N   1 
ATOM 713  C CA  . LEU A 1 117 ? 1.298   -22.563 -3.884  1.00 47.42 ? 216 LEU A CA  1 
ATOM 714  C C   . LEU A 1 117 ? 1.406   -23.575 -2.737  1.00 46.88 ? 216 LEU A C   1 
ATOM 715  O O   . LEU A 1 117 ? 1.133   -23.248 -1.570  1.00 48.45 ? 216 LEU A O   1 
ATOM 716  C CB  . LEU A 1 117 ? 2.409   -21.498 -3.831  1.00 46.26 ? 216 LEU A CB  1 
ATOM 717  C CG  . LEU A 1 117 ? 2.261   -20.351 -4.844  1.00 40.96 ? 216 LEU A CG  1 
ATOM 718  C CD1 . LEU A 1 117 ? 3.331   -19.316 -4.628  1.00 34.57 ? 216 LEU A CD1 1 
ATOM 719  C CD2 . LEU A 1 117 ? 2.295   -20.859 -6.288  1.00 40.26 ? 216 LEU A CD2 1 
ATOM 720  N N   . ARG A 1 118 ? 1.761   -24.808 -3.089  1.00 44.97 ? 217 ARG A N   1 
ATOM 721  C CA  . ARG A 1 118 ? 2.023   -25.861 -2.109  1.00 44.07 ? 217 ARG A CA  1 
ATOM 722  C C   . ARG A 1 118 ? 3.417   -26.443 -2.335  1.00 42.93 ? 217 ARG A C   1 
ATOM 723  O O   . ARG A 1 118 ? 3.922   -26.462 -3.460  1.00 43.06 ? 217 ARG A O   1 
ATOM 724  C CB  . ARG A 1 118 ? 0.961   -26.968 -2.194  1.00 42.81 ? 217 ARG A CB  1 
ATOM 725  N N   . ALA A 1 119 ? 4.027   -26.899 -1.245  1.00 42.23 ? 218 ALA A N   1 
ATOM 726  C CA  . ALA A 1 119 ? 5.329   -27.557 -1.257  1.00 41.03 ? 218 ALA A CA  1 
ATOM 727  C C   . ALA A 1 119 ? 5.603   -28.287 -2.559  1.00 42.42 ? 218 ALA A C   1 
ATOM 728  O O   . ALA A 1 119 ? 4.812   -29.139 -2.976  1.00 43.01 ? 218 ALA A O   1 
ATOM 729  C CB  . ALA A 1 119 ? 5.407   -28.545 -0.115  1.00 39.70 ? 218 ALA A CB  1 
ATOM 730  N N   . GLY A 1 120 ? 6.724   -27.952 -3.194  1.00 41.95 ? 219 GLY A N   1 
ATOM 731  C CA  . GLY A 1 120 ? 7.184   -28.668 -4.369  1.00 41.40 ? 219 GLY A CA  1 
ATOM 732  C C   . GLY A 1 120 ? 6.718   -28.091 -5.684  1.00 41.63 ? 219 GLY A C   1 
ATOM 733  O O   . GLY A 1 120 ? 7.123   -28.573 -6.736  1.00 43.53 ? 219 GLY A O   1 
ATOM 734  N N   . ASP A 1 121 ? 5.872   -27.066 -5.645  1.00 42.87 ? 220 ASP A N   1 
ATOM 735  C CA  . ASP A 1 121 ? 5.431   -26.405 -6.878  1.00 44.12 ? 220 ASP A CA  1 
ATOM 736  C C   . ASP A 1 121 ? 6.615   -25.683 -7.498  1.00 43.20 ? 220 ASP A C   1 
ATOM 737  O O   . ASP A 1 121 ? 7.678   -25.592 -6.880  1.00 45.30 ? 220 ASP A O   1 
ATOM 738  C CB  . ASP A 1 121 ? 4.282   -25.427 -6.602  1.00 45.24 ? 220 ASP A CB  1 
ATOM 739  C CG  . ASP A 1 121 ? 2.917   -26.106 -6.607  1.00 49.43 ? 220 ASP A CG  1 
ATOM 740  O OD1 . ASP A 1 121 ? 2.753   -27.175 -5.969  1.00 46.88 ? 220 ASP A OD1 1 
ATOM 741  O OD2 . ASP A 1 121 ? 1.997   -25.552 -7.250  1.00 58.78 ? 220 ASP A OD2 1 
ATOM 742  N N   . ILE A 1 122 ? 6.456   -25.194 -8.723  1.00 41.78 ? 221 ILE A N   1 
ATOM 743  C CA  . ILE A 1 122 ? 7.527   -24.434 -9.364  1.00 41.54 ? 221 ILE A CA  1 
ATOM 744  C C   . ILE A 1 122 ? 6.991   -23.094 -9.785  1.00 42.08 ? 221 ILE A C   1 
ATOM 745  O O   . ILE A 1 122 ? 5.952   -23.017 -10.442 1.00 43.76 ? 221 ILE A O   1 
ATOM 746  C CB  . ILE A 1 122 ? 8.107   -25.140 -10.587 1.00 41.35 ? 221 ILE A CB  1 
ATOM 747  C CG1 . ILE A 1 122 ? 9.052   -26.251 -10.152 1.00 39.02 ? 221 ILE A CG1 1 
ATOM 748  C CG2 . ILE A 1 122 ? 8.872   -24.158 -11.460 1.00 40.41 ? 221 ILE A CG2 1 
ATOM 749  C CD1 . ILE A 1 122 ? 9.571   -27.044 -11.318 1.00 42.53 ? 221 ILE A CD1 1 
ATOM 750  N N   . VAL A 1 123 ? 7.700   -22.038 -9.406  1.00 41.80 ? 222 VAL A N   1 
ATOM 751  C CA  . VAL A 1 123 ? 7.219   -20.697 -9.646  1.00 41.39 ? 222 VAL A CA  1 
ATOM 752  C C   . VAL A 1 123 ? 8.113   -20.016 -10.658 1.00 41.81 ? 222 VAL A C   1 
ATOM 753  O O   . VAL A 1 123 ? 9.340   -20.067 -10.561 1.00 42.15 ? 222 VAL A O   1 
ATOM 754  C CB  . VAL A 1 123 ? 7.128   -19.878 -8.350  1.00 40.56 ? 222 VAL A CB  1 
ATOM 755  C CG1 . VAL A 1 123 ? 6.742   -18.438 -8.665  1.00 41.68 ? 222 VAL A CG1 1 
ATOM 756  C CG2 . VAL A 1 123 ? 6.101   -20.506 -7.409  1.00 38.59 ? 222 VAL A CG2 1 
ATOM 757  N N   . LYS A 1 124 ? 7.464   -19.408 -11.646 1.00 41.53 ? 223 LYS A N   1 
ATOM 758  C CA  . LYS A 1 124 ? 8.114   -18.600 -12.652 1.00 40.65 ? 223 LYS A CA  1 
ATOM 759  C C   . LYS A 1 124 ? 7.389   -17.269 -12.668 1.00 40.23 ? 223 LYS A C   1 
ATOM 760  O O   . LYS A 1 124 ? 6.217   -17.207 -13.027 1.00 41.83 ? 223 LYS A O   1 
ATOM 761  C CB  . LYS A 1 124 ? 8.005   -19.292 -14.007 1.00 41.88 ? 223 LYS A CB  1 
ATOM 762  C CG  . LYS A 1 124 ? 9.229   -20.110 -14.395 1.00 41.00 ? 223 LYS A CG  1 
ATOM 763  C CD  . LYS A 1 124 ? 10.296  -19.221 -15.005 1.00 40.50 ? 223 LYS A CD  1 
ATOM 764  C CE  . LYS A 1 124 ? 11.244  -20.018 -15.862 1.00 43.40 ? 223 LYS A CE  1 
ATOM 765  N NZ  . LYS A 1 124 ? 12.223  -19.158 -16.559 1.00 44.45 ? 223 LYS A NZ  1 
ATOM 766  N N   . PHE A 1 125 ? 8.066   -16.211 -12.241 1.00 40.50 ? 224 PHE A N   1 
ATOM 767  C CA  . PHE A 1 125 ? 7.455   -14.889 -12.199 1.00 39.45 ? 224 PHE A CA  1 
ATOM 768  C C   . PHE A 1 125 ? 7.443   -14.336 -13.606 1.00 39.05 ? 224 PHE A C   1 
ATOM 769  O O   . PHE A 1 125 ? 8.365   -14.581 -14.366 1.00 42.04 ? 224 PHE A O   1 
ATOM 770  C CB  . PHE A 1 125 ? 8.236   -13.944 -11.277 1.00 40.39 ? 224 PHE A CB  1 
ATOM 771  C CG  . PHE A 1 125 ? 8.233   -14.360 -9.833  1.00 40.70 ? 224 PHE A CG  1 
ATOM 772  C CD1 . PHE A 1 125 ? 7.063   -14.325 -9.096  1.00 44.18 ? 224 PHE A CD1 1 
ATOM 773  C CD2 . PHE A 1 125 ? 9.397   -14.785 -9.209  1.00 42.58 ? 224 PHE A CD2 1 
ATOM 774  C CE1 . PHE A 1 125 ? 7.055   -14.716 -7.748  1.00 45.89 ? 224 PHE A CE1 1 
ATOM 775  C CE2 . PHE A 1 125 ? 9.393   -15.178 -7.865  1.00 39.95 ? 224 PHE A CE2 1 
ATOM 776  C CZ  . PHE A 1 125 ? 8.228   -15.141 -7.141  1.00 38.56 ? 224 PHE A CZ  1 
ATOM 777  N N   . VAL A 1 126 ? 6.387   -13.615 -13.956 1.00 39.36 ? 225 VAL A N   1 
ATOM 778  C CA  . VAL A 1 126 ? 6.308   -12.899 -15.230 1.00 39.20 ? 225 VAL A CA  1 
ATOM 779  C C   . VAL A 1 126 ? 5.874   -11.464 -14.934 1.00 39.25 ? 225 VAL A C   1 
ATOM 780  O O   . VAL A 1 126 ? 4.943   -11.252 -14.157 1.00 38.97 ? 225 VAL A O   1 
ATOM 781  C CB  . VAL A 1 126 ? 5.298   -13.560 -16.194 1.00 36.91 ? 225 VAL A CB  1 
ATOM 782  N N   . ARG A 1 127 ? 6.552   -10.482 -15.529 1.00 40.15 ? 226 ARG A N   1 
ATOM 783  C CA  . ARG A 1 127 ? 6.213   -9.073  -15.296 1.00 40.51 ? 226 ARG A CA  1 
ATOM 784  C C   . ARG A 1 127 ? 4.829   -8.752  -15.882 1.00 43.25 ? 226 ARG A C   1 
ATOM 785  O O   . ARG A 1 127 ? 4.330   -9.465  -16.758 1.00 43.53 ? 226 ARG A O   1 
ATOM 786  C CB  . ARG A 1 127 ? 7.281   -8.141  -15.877 1.00 37.89 ? 226 ARG A CB  1 
ATOM 787  N N   . ILE A 1 128 ? 4.198   -7.699  -15.368 1.00 44.79 ? 227 ILE A N   1 
ATOM 788  C CA  . ILE A 1 128 ? 2.955   -7.184  -15.946 1.00 45.18 ? 227 ILE A CA  1 
ATOM 789  C C   . ILE A 1 128 ? 2.908   -5.666  -15.769 1.00 46.90 ? 227 ILE A C   1 
ATOM 790  O O   . ILE A 1 128 ? 3.644   -5.123  -14.938 1.00 47.59 ? 227 ILE A O   1 
ATOM 791  C CB  . ILE A 1 128 ? 1.711   -7.843  -15.314 1.00 45.50 ? 227 ILE A CB  1 
ATOM 792  C CG1 . ILE A 1 128 ? 1.772   -7.793  -13.782 1.00 45.19 ? 227 ILE A CG1 1 
ATOM 793  C CG2 . ILE A 1 128 ? 1.580   -9.284  -15.786 1.00 41.24 ? 227 ILE A CG2 1 
ATOM 794  C CD1 . ILE A 1 128 ? 0.428   -8.054  -13.123 1.00 44.24 ? 227 ILE A CD1 1 
ATOM 795  N N   . SER A 1 129 ? 2.061   -4.984  -16.543 1.00 48.25 ? 228 SER A N   1 
ATOM 796  C CA  . SER A 1 129 ? 1.966   -3.513  -16.459 1.00 48.82 ? 228 SER A CA  1 
ATOM 797  C C   . SER A 1 129 ? 1.289   -3.105  -15.165 1.00 48.75 ? 228 SER A C   1 
ATOM 798  O O   . SER A 1 129 ? 0.665   -3.939  -14.514 1.00 48.83 ? 228 SER A O   1 
ATOM 799  C CB  . SER A 1 129 ? 1.185   -2.932  -17.642 1.00 47.92 ? 228 SER A CB  1 
ATOM 800  N N   . GLU A 1 130 ? 1.423   -1.827  -14.792 1.00 50.02 ? 229 GLU A N   1 
ATOM 801  C CA  . GLU A 1 130 ? 0.593   -1.240  -13.722 1.00 49.09 ? 229 GLU A CA  1 
ATOM 802  C C   . GLU A 1 130 ? -0.873  -1.318  -14.158 1.00 48.37 ? 229 GLU A C   1 
ATOM 803  O O   . GLU A 1 130 ? -1.760  -1.541  -13.333 1.00 48.74 ? 229 GLU A O   1 
ATOM 804  C CB  . GLU A 1 130 ? 0.992   0.214   -13.418 1.00 46.98 ? 229 GLU A CB  1 
ATOM 805  N N   . LYS A 1 131 ? -1.103  -1.180  -15.469 1.00 47.53 ? 230 LYS A N   1 
ATOM 806  C CA  . LYS A 1 131 ? -2.444  -1.234  -16.062 1.00 47.02 ? 230 LYS A CA  1 
ATOM 807  C C   . LYS A 1 131 ? -3.131  -2.612  -15.958 1.00 47.13 ? 230 LYS A C   1 
ATOM 808  O O   . LYS A 1 131 ? -4.293  -2.748  -16.345 1.00 43.69 ? 230 LYS A O   1 
ATOM 809  C CB  . LYS A 1 131 ? -2.388  -0.768  -17.530 1.00 46.61 ? 230 LYS A CB  1 
ATOM 810  N N   . ASP A 1 132 ? -2.417  -3.622  -15.446 1.00 49.96 ? 231 ASP A N   1 
ATOM 811  C CA  . ASP A 1 132 ? -3.004  -4.942  -15.129 1.00 51.16 ? 231 ASP A CA  1 
ATOM 812  C C   . ASP A 1 132 ? -3.066  -5.159  -13.604 1.00 49.61 ? 231 ASP A C   1 
ATOM 813  C CB  . ASP A 1 132 ? -2.194  -6.076  -15.774 1.00 51.61 ? 231 ASP A CB  1 
ATOM 814  C CG  . ASP A 1 132 ? -1.662  -5.721  -17.175 1.00 58.70 ? 231 ASP A CG  1 
ATOM 815  O OD1 . ASP A 1 132 ? -1.164  -4.588  -17.389 1.00 60.89 ? 231 ASP A OD1 1 
ATOM 816  O OD2 . ASP A 1 132 ? -1.716  -6.601  -18.061 1.00 63.98 ? 231 ASP A OD2 1 
ATOM 817  N N   . ARG B 1 1   ? -15.944 24.022  -10.231 1.00 47.47 ? 100 ARG B N   1 
ATOM 818  C CA  . ARG B 1 1   ? -15.399 24.204  -8.851  1.00 47.12 ? 100 ARG B CA  1 
ATOM 819  C C   . ARG B 1 1   ? -15.763 23.027  -7.931  1.00 45.63 ? 100 ARG B C   1 
ATOM 820  O O   . ARG B 1 1   ? -15.072 22.796  -6.947  1.00 47.12 ? 100 ARG B O   1 
ATOM 821  C CB  . ARG B 1 1   ? -15.875 25.536  -8.247  1.00 47.34 ? 100 ARG B CB  1 
ATOM 822  N N   . ILE B 1 2   ? -16.827 22.288  -8.250  1.00 43.66 ? 101 ILE B N   1 
ATOM 823  C CA  . ILE B 1 2   ? -17.165 21.060  -7.515  1.00 42.79 ? 101 ILE B CA  1 
ATOM 824  C C   . ILE B 1 2   ? -16.274 19.920  -7.999  1.00 44.49 ? 101 ILE B C   1 
ATOM 825  O O   . ILE B 1 2   ? -16.013 19.785  -9.198  1.00 46.34 ? 101 ILE B O   1 
ATOM 826  C CB  . ILE B 1 2   ? -18.647 20.647  -7.700  1.00 42.45 ? 101 ILE B CB  1 
ATOM 827  C CG1 . ILE B 1 2   ? -19.575 21.805  -7.295  1.00 42.19 ? 101 ILE B CG1 1 
ATOM 828  C CG2 . ILE B 1 2   ? -18.949 19.376  -6.901  1.00 35.54 ? 101 ILE B CG2 1 
ATOM 829  C CD1 . ILE B 1 2   ? -21.026 21.440  -7.161  1.00 37.09 ? 101 ILE B CD1 1 
ATOM 830  N N   . VAL B 1 3   ? -15.801 19.098  -7.067  1.00 44.68 ? 102 VAL B N   1 
ATOM 831  C CA  . VAL B 1 3   ? -14.861 18.034  -7.405  1.00 43.91 ? 102 VAL B CA  1 
ATOM 832  C C   . VAL B 1 3   ? -15.203 16.754  -6.665  1.00 45.90 ? 102 VAL B C   1 
ATOM 833  O O   . VAL B 1 3   ? -14.932 16.636  -5.473  1.00 46.98 ? 102 VAL B O   1 
ATOM 834  C CB  . VAL B 1 3   ? -13.414 18.426  -7.057  1.00 43.37 ? 102 VAL B CB  1 
ATOM 835  C CG1 . VAL B 1 3   ? -12.470 17.273  -7.374  1.00 40.44 ? 102 VAL B CG1 1 
ATOM 836  C CG2 . VAL B 1 3   ? -13.004 19.697  -7.798  1.00 37.57 ? 102 VAL B CG2 1 
ATOM 837  N N   . GLU B 1 4   ? -15.807 15.804  -7.373  1.00 47.71 ? 103 GLU B N   1 
ATOM 838  C CA  . GLU B 1 4   ? -16.071 14.489  -6.807  1.00 49.45 ? 103 GLU B CA  1 
ATOM 839  C C   . GLU B 1 4   ? -14.772 13.692  -6.697  1.00 52.07 ? 103 GLU B C   1 
ATOM 840  O O   . GLU B 1 4   ? -14.065 13.515  -7.695  1.00 55.61 ? 103 GLU B O   1 
ATOM 841  C CB  . GLU B 1 4   ? -17.066 13.711  -7.662  1.00 48.36 ? 103 GLU B CB  1 
ATOM 842  C CG  . GLU B 1 4   ? -18.485 13.727  -7.144  1.00 52.46 ? 103 GLU B CG  1 
ATOM 843  C CD  . GLU B 1 4   ? -19.101 12.340  -7.146  1.00 58.39 ? 103 GLU B CD  1 
ATOM 844  O OE1 . GLU B 1 4   ? -19.366 11.808  -6.041  1.00 59.33 ? 103 GLU B OE1 1 
ATOM 845  O OE2 . GLU B 1 4   ? -19.289 11.769  -8.248  1.00 61.27 ? 103 GLU B OE2 1 
ATOM 846  N N   . ILE B 1 5   ? -14.457 13.231  -5.486  1.00 52.01 ? 104 ILE B N   1 
ATOM 847  C CA  . ILE B 1 5   ? -13.348 12.307  -5.254  1.00 51.68 ? 104 ILE B CA  1 
ATOM 848  C C   . ILE B 1 5   ? -13.927 10.938  -4.847  1.00 51.66 ? 104 ILE B C   1 
ATOM 849  O O   . ILE B 1 5   ? -14.417 10.775  -3.731  1.00 51.28 ? 104 ILE B O   1 
ATOM 850  C CB  . ILE B 1 5   ? -12.390 12.836  -4.156  1.00 50.63 ? 104 ILE B CB  1 
ATOM 851  N N   . PRO B 1 6   ? -13.886 9.948   -5.758  1.00 51.56 ? 105 PRO B N   1 
ATOM 852  C CA  . PRO B 1 6   ? -14.415 8.626   -5.438  1.00 51.40 ? 105 PRO B CA  1 
ATOM 853  C C   . PRO B 1 6   ? -13.479 7.894   -4.496  1.00 52.38 ? 105 PRO B C   1 
ATOM 854  O O   . PRO B 1 6   ? -12.270 7.892   -4.730  1.00 52.18 ? 105 PRO B O   1 
ATOM 855  C CB  . PRO B 1 6   ? -14.453 7.929   -6.795  1.00 51.71 ? 105 PRO B CB  1 
ATOM 856  C CG  . PRO B 1 6   ? -13.392 8.592   -7.600  1.00 50.47 ? 105 PRO B CG  1 
ATOM 857  C CD  . PRO B 1 6   ? -13.324 10.007  -7.118  1.00 51.99 ? 105 PRO B CD  1 
ATOM 858  N N   . VAL B 1 7   ? -14.023 7.291   -3.438  1.00 53.11 ? 106 VAL B N   1 
ATOM 859  C CA  . VAL B 1 7   ? -13.191 6.646   -2.411  1.00 53.84 ? 106 VAL B CA  1 
ATOM 860  C C   . VAL B 1 7   ? -13.638 5.215   -2.096  1.00 54.64 ? 106 VAL B C   1 
ATOM 861  O O   . VAL B 1 7   ? -14.828 4.921   -2.032  1.00 57.29 ? 106 VAL B O   1 
ATOM 862  C CB  . VAL B 1 7   ? -13.168 7.466   -1.094  1.00 51.91 ? 106 VAL B CB  1 
ATOM 863  N N   . CYS B 1 8   ? -12.659 4.332   -1.927  1.00 54.61 ? 107 CYS B N   1 
ATOM 864  C CA  . CYS B 1 8   ? -12.862 2.989   -1.404  1.00 53.60 ? 107 CYS B CA  1 
ATOM 865  C C   . CYS B 1 8   ? -12.401 3.070   0.049   1.00 52.83 ? 107 CYS B C   1 
ATOM 866  O O   . CYS B 1 8   ? -11.364 3.687   0.313   1.00 53.76 ? 107 CYS B O   1 
ATOM 867  C CB  . CYS B 1 8   ? -11.988 2.019   -2.192  1.00 54.48 ? 107 CYS B CB  1 
ATOM 868  S SG  . CYS B 1 8   ? -12.529 0.316   -2.221  1.00 58.40 ? 107 CYS B SG  1 
ATOM 869  N N   . TYR B 1 9   ? -13.144 2.474   0.989   1.00 50.96 ? 108 TYR B N   1 
ATOM 870  C CA  . TYR B 1 9   ? -12.970 2.806   2.427   1.00 48.85 ? 108 TYR B CA  1 
ATOM 871  C C   . TYR B 1 9   ? -12.374 1.721   3.335   1.00 49.46 ? 108 TYR B C   1 
ATOM 872  O O   . TYR B 1 9   ? -11.923 2.013   4.446   1.00 50.59 ? 108 TYR B O   1 
ATOM 873  C CB  . TYR B 1 9   ? -14.304 3.312   3.016   1.00 46.98 ? 108 TYR B CB  1 
ATOM 874  C CG  . TYR B 1 9   ? -14.580 4.778   2.709   1.00 47.01 ? 108 TYR B CG  1 
ATOM 875  C CD1 . TYR B 1 9   ? -15.036 5.176   1.455   1.00 46.92 ? 108 TYR B CD1 1 
ATOM 876  C CD2 . TYR B 1 9   ? -14.356 5.768   3.664   1.00 46.91 ? 108 TYR B CD2 1 
ATOM 877  C CE1 . TYR B 1 9   ? -15.274 6.513   1.161   1.00 44.08 ? 108 TYR B CE1 1 
ATOM 878  C CE2 . TYR B 1 9   ? -14.586 7.114   3.380   1.00 45.79 ? 108 TYR B CE2 1 
ATOM 879  C CZ  . TYR B 1 9   ? -15.052 7.482   2.122   1.00 46.97 ? 108 TYR B CZ  1 
ATOM 880  O OH  . TYR B 1 9   ? -15.298 8.817   1.827   1.00 46.55 ? 108 TYR B OH  1 
ATOM 881  N N   . GLY B 1 10  ? -12.334 0.478   2.882   1.00 49.50 ? 109 GLY B N   1 
ATOM 882  C CA  . GLY B 1 10  ? -12.042 -0.620  3.803   1.00 50.50 ? 109 GLY B CA  1 
ATOM 883  C C   . GLY B 1 10  ? -10.592 -1.007  4.031   1.00 49.99 ? 109 GLY B C   1 
ATOM 884  O O   . GLY B 1 10  ? -9.692  -0.521  3.354   1.00 50.97 ? 109 GLY B O   1 
ATOM 885  N N   . GLY B 1 11  ? -10.401 -1.883  5.020   1.00 49.80 ? 110 GLY B N   1 
ATOM 886  C CA  . GLY B 1 11  ? -9.168  -2.638  5.255   1.00 48.32 ? 110 GLY B CA  1 
ATOM 887  C C   . GLY B 1 11  ? -7.887  -2.064  4.699   1.00 48.72 ? 110 GLY B C   1 
ATOM 888  O O   . GLY B 1 11  ? -7.350  -1.096  5.242   1.00 50.06 ? 110 GLY B O   1 
ATOM 889  N N   . GLU B 1 12  ? -7.398  -2.664  3.615   1.00 48.13 ? 111 GLU B N   1 
ATOM 890  C CA  . GLU B 1 12  ? -6.130  -2.262  2.991   1.00 46.18 ? 111 GLU B CA  1 
ATOM 891  C C   . GLU B 1 12  ? -6.083  -0.765  2.656   1.00 46.50 ? 111 GLU B C   1 
ATOM 892  O O   . GLU B 1 12  ? -5.067  -0.099  2.875   1.00 45.71 ? 111 GLU B O   1 
ATOM 893  C CB  . GLU B 1 12  ? -5.897  -3.080  1.720   1.00 45.16 ? 111 GLU B CB  1 
ATOM 894  N N   . PHE B 1 13  ? -7.192  -0.242  2.143   1.00 47.76 ? 112 PHE B N   1 
ATOM 895  C CA  . PHE B 1 13  ? -7.263  1.150   1.710   1.00 49.18 ? 112 PHE B CA  1 
ATOM 896  C C   . PHE B 1 13  ? -7.290  2.106   2.890   1.00 50.46 ? 112 PHE B C   1 
ATOM 897  O O   . PHE B 1 13  ? -6.705  3.197   2.823   1.00 49.37 ? 112 PHE B O   1 
ATOM 898  C CB  . PHE B 1 13  ? -8.492  1.371   0.838   1.00 49.57 ? 112 PHE B CB  1 
ATOM 899  C CG  . PHE B 1 13  ? -8.544  0.468   -0.354  1.00 53.51 ? 112 PHE B CG  1 
ATOM 900  C CD1 . PHE B 1 13  ? -7.806  0.760   -1.490  1.00 52.01 ? 112 PHE B CD1 1 
ATOM 901  C CD2 . PHE B 1 13  ? -9.321  -0.692  -0.334  1.00 57.43 ? 112 PHE B CD2 1 
ATOM 902  C CE1 . PHE B 1 13  ? -7.851  -0.076  -2.596  1.00 53.74 ? 112 PHE B CE1 1 
ATOM 903  C CE2 . PHE B 1 13  ? -9.368  -1.541  -1.433  1.00 54.13 ? 112 PHE B CE2 1 
ATOM 904  C CZ  . PHE B 1 13  ? -8.638  -1.230  -2.568  1.00 54.38 ? 112 PHE B CZ  1 
ATOM 905  N N   . GLY B 1 14  ? -7.965  1.679   3.964   1.00 51.82 ? 113 GLY B N   1 
ATOM 906  C CA  . GLY B 1 14  ? -8.151  2.489   5.171   1.00 52.52 ? 113 GLY B CA  1 
ATOM 907  C C   . GLY B 1 14  ? -7.899  1.720   6.461   1.00 53.27 ? 113 GLY B C   1 
ATOM 908  O O   . GLY B 1 14  ? -8.821  1.508   7.255   1.00 54.90 ? 113 GLY B O   1 
ATOM 909  N N   . PRO B 1 15  ? -6.636  1.333   6.710   1.00 52.96 ? 114 PRO B N   1 
ATOM 910  C CA  . PRO B 1 15  ? -6.343  0.482   7.858   1.00 52.73 ? 114 PRO B CA  1 
ATOM 911  C C   . PRO B 1 15  ? -6.544  1.140   9.244   1.00 53.89 ? 114 PRO B C   1 
ATOM 912  O O   . PRO B 1 15  ? -6.231  0.511   10.262  1.00 56.25 ? 114 PRO B O   1 
ATOM 913  C CB  . PRO B 1 15  ? -4.877  0.090   7.625   1.00 52.53 ? 114 PRO B CB  1 
ATOM 914  C CG  . PRO B 1 15  ? -4.306  1.206   6.838   1.00 49.52 ? 114 PRO B CG  1 
ATOM 915  C CD  . PRO B 1 15  ? -5.418  1.670   5.951   1.00 52.64 ? 114 PRO B CD  1 
ATOM 916  N N   . ASP B 1 16  ? -7.065  2.370   9.297   1.00 53.24 ? 115 ASP B N   1 
ATOM 917  C CA  . ASP B 1 16  ? -7.470  2.976   10.575  1.00 53.65 ? 115 ASP B CA  1 
ATOM 918  C C   . ASP B 1 16  ? -8.986  3.217   10.708  1.00 52.91 ? 115 ASP B C   1 
ATOM 919  O O   . ASP B 1 16  ? -9.429  3.935   11.626  1.00 51.70 ? 115 ASP B O   1 
ATOM 920  C CB  . ASP B 1 16  ? -6.725  4.293   10.794  1.00 53.82 ? 115 ASP B CB  1 
ATOM 921  C CG  . ASP B 1 16  ? -5.323  4.085   11.270  1.00 57.07 ? 115 ASP B CG  1 
ATOM 922  O OD1 . ASP B 1 16  ? -4.581  3.359   10.580  1.00 57.31 ? 115 ASP B OD1 1 
ATOM 923  O OD2 . ASP B 1 16  ? -4.969  4.633   12.341  1.00 63.19 ? 115 ASP B OD2 1 
ATOM 924  N N   . LEU B 1 17  ? -9.782  2.628   9.814   1.00 51.68 ? 116 LEU B N   1 
ATOM 925  C CA  . LEU B 1 17  ? -11.222 2.872   9.844   1.00 52.15 ? 116 LEU B CA  1 
ATOM 926  C C   . LEU B 1 17  ? -11.790 2.306   11.144  1.00 52.70 ? 116 LEU B C   1 
ATOM 927  O O   . LEU B 1 17  ? -12.387 3.040   11.941  1.00 53.62 ? 116 LEU B O   1 
ATOM 928  C CB  . LEU B 1 17  ? -11.935 2.268   8.623   1.00 52.11 ? 116 LEU B CB  1 
ATOM 929  C CG  . LEU B 1 17  ? -13.202 2.993   8.132   1.00 50.92 ? 116 LEU B CG  1 
ATOM 930  C CD1 . LEU B 1 17  ? -14.132 2.034   7.384   1.00 48.07 ? 116 LEU B CD1 1 
ATOM 931  C CD2 . LEU B 1 17  ? -13.953 3.679   9.272   1.00 46.40 ? 116 LEU B CD2 1 
ATOM 932  N N   . GLU B 1 18  ? -11.569 1.012   11.376  1.00 51.52 ? 117 GLU B N   1 
ATOM 933  C CA  . GLU B 1 18  ? -12.054 0.361   12.592  1.00 51.30 ? 117 GLU B CA  1 
ATOM 934  C C   . GLU B 1 18  ? -11.645 1.142   13.851  1.00 51.88 ? 117 GLU B C   1 
ATOM 935  O O   . GLU B 1 18  ? -12.423 1.233   14.798  1.00 52.71 ? 117 GLU B O   1 
ATOM 936  C CB  . GLU B 1 18  ? -11.559 -1.088  12.662  1.00 50.68 ? 117 GLU B CB  1 
ATOM 937  N N   . GLU B 1 19  ? -10.439 1.714   13.846  1.00 52.99 ? 118 GLU B N   1 
ATOM 938  C CA  . GLU B 1 19  ? -9.954  2.533   14.963  1.00 52.76 ? 118 GLU B CA  1 
ATOM 939  C C   . GLU B 1 19  ? -10.758 3.809   15.036  1.00 52.86 ? 118 GLU B C   1 
ATOM 940  O O   . GLU B 1 19  ? -11.452 4.042   16.025  1.00 54.10 ? 118 GLU B O   1 
ATOM 941  C CB  . GLU B 1 19  ? -8.465  2.879   14.819  1.00 52.14 ? 118 GLU B CB  1 
ATOM 942  N N   . VAL B 1 20  ? -10.676 4.622   13.981  1.00 52.36 ? 119 VAL B N   1 
ATOM 943  C CA  . VAL B 1 20  ? -11.352 5.925   13.959  1.00 52.18 ? 119 VAL B CA  1 
ATOM 944  C C   . VAL B 1 20  ? -12.818 5.781   14.379  1.00 51.01 ? 119 VAL B C   1 
ATOM 945  O O   . VAL B 1 20  ? -13.333 6.600   15.147  1.00 47.29 ? 119 VAL B O   1 
ATOM 946  C CB  . VAL B 1 20  ? -11.252 6.609   12.570  1.00 52.61 ? 119 VAL B CB  1 
ATOM 947  N N   . ALA B 1 21  ? -13.463 4.714   13.895  1.00 52.61 ? 120 ALA B N   1 
ATOM 948  C CA  . ALA B 1 21  ? -14.832 4.357   14.301  1.00 53.18 ? 120 ALA B CA  1 
ATOM 949  C C   . ALA B 1 21  ? -14.865 3.915   15.765  1.00 54.18 ? 120 ALA B C   1 
ATOM 950  O O   . ALA B 1 21  ? -15.687 4.408   16.543  1.00 55.42 ? 120 ALA B O   1 
ATOM 951  C CB  . ALA B 1 21  ? -15.402 3.265   13.400  1.00 50.75 ? 120 ALA B CB  1 
ATOM 952  N N   . LYS B 1 22  ? -13.965 3.001   16.135  1.00 55.16 ? 121 LYS B N   1 
ATOM 953  C CA  . LYS B 1 22  ? -13.864 2.513   17.520  1.00 56.12 ? 121 LYS B CA  1 
ATOM 954  C C   . LYS B 1 22  ? -13.767 3.667   18.511  1.00 55.88 ? 121 LYS B C   1 
ATOM 955  O O   . LYS B 1 22  ? -14.566 3.771   19.441  1.00 56.53 ? 121 LYS B O   1 
ATOM 956  C CB  . LYS B 1 22  ? -12.648 1.599   17.691  1.00 56.01 ? 121 LYS B CB  1 
ATOM 957  N N   . ILE B 1 23  ? -12.790 4.536   18.282  1.00 55.52 ? 122 ILE B N   1 
ATOM 958  C CA  . ILE B 1 23  ? -12.583 5.726   19.099  1.00 54.41 ? 122 ILE B CA  1 
ATOM 959  C C   . ILE B 1 23  ? -13.902 6.423   19.420  1.00 55.08 ? 122 ILE B C   1 
ATOM 960  O O   . ILE B 1 23  ? -14.208 6.651   20.583  1.00 56.08 ? 122 ILE B O   1 
ATOM 961  C CB  . ILE B 1 23  ? -11.657 6.738   18.374  1.00 54.36 ? 122 ILE B CB  1 
ATOM 962  C CG1 . ILE B 1 23  ? -10.218 6.222   18.325  1.00 50.26 ? 122 ILE B CG1 1 
ATOM 963  C CG2 . ILE B 1 23  ? -11.713 8.120   19.044  1.00 52.34 ? 122 ILE B CG2 1 
ATOM 964  C CD1 . ILE B 1 23  ? -9.291  7.145   17.574  1.00 50.76 ? 122 ILE B CD1 1 
ATOM 965  N N   . ASN B 1 24  ? -14.685 6.737   18.389  1.00 56.29 ? 123 ASN B N   1 
ATOM 966  C CA  . ASN B 1 24  ? -15.874 7.592   18.540  1.00 56.72 ? 123 ASN B CA  1 
ATOM 967  C C   . ASN B 1 24  ? -17.162 6.817   18.821  1.00 57.91 ? 123 ASN B C   1 
ATOM 968  O O   . ASN B 1 24  ? -18.250 7.244   18.420  1.00 58.44 ? 123 ASN B O   1 
ATOM 969  C CB  . ASN B 1 24  ? -16.064 8.455   17.286  1.00 55.64 ? 123 ASN B CB  1 
ATOM 970  C CG  . ASN B 1 24  ? -15.021 9.535   17.164  1.00 55.04 ? 123 ASN B CG  1 
ATOM 971  O OD1 . ASN B 1 24  ? -14.991 10.479  17.956  1.00 53.97 ? 123 ASN B OD1 1 
ATOM 972  N ND2 . ASN B 1 24  ? -14.165 9.416   16.157  1.00 55.72 ? 123 ASN B ND2 1 
ATOM 973  N N   . GLN B 1 25  ? -17.044 5.686   19.514  1.00 58.16 ? 124 GLN B N   1 
ATOM 974  C CA  . GLN B 1 25  ? -18.195 4.823   19.771  1.00 57.86 ? 124 GLN B CA  1 
ATOM 975  C C   . GLN B 1 25  ? -19.092 4.763   18.527  1.00 56.48 ? 124 GLN B C   1 
ATOM 976  O O   . GLN B 1 25  ? -20.262 5.140   18.588  1.00 57.76 ? 124 GLN B O   1 
ATOM 977  C CB  . GLN B 1 25  ? -18.974 5.326   20.999  1.00 55.91 ? 124 GLN B CB  1 
ATOM 978  N N   . LEU B 1 26  ? -18.528 4.308   17.404  1.00 55.35 ? 125 LEU B N   1 
ATOM 979  C CA  . LEU B 1 26  ? -19.244 4.289   16.111  1.00 54.82 ? 125 LEU B CA  1 
ATOM 980  C C   . LEU B 1 26  ? -18.803 3.149   15.169  1.00 52.40 ? 125 LEU B C   1 
ATOM 981  O O   . LEU B 1 26  ? -17.740 2.550   15.346  1.00 52.85 ? 125 LEU B O   1 
ATOM 982  C CB  . LEU B 1 26  ? -19.102 5.648   15.403  1.00 54.20 ? 125 LEU B CB  1 
ATOM 983  N N   . SER B 1 27  ? -19.635 2.862   14.172  1.00 50.59 ? 126 SER B N   1 
ATOM 984  C CA  . SER B 1 27  ? -19.378 1.775   13.221  1.00 50.87 ? 126 SER B CA  1 
ATOM 985  C C   . SER B 1 27  ? -18.578 2.254   11.999  1.00 51.44 ? 126 SER B C   1 
ATOM 986  O O   . SER B 1 27  ? -18.863 3.316   11.449  1.00 49.84 ? 126 SER B O   1 
ATOM 987  C CB  . SER B 1 27  ? -20.704 1.170   12.741  1.00 49.50 ? 126 SER B CB  1 
ATOM 988  N N   . PRO B 1 28  ? -17.589 1.458   11.551  1.00 52.55 ? 127 PRO B N   1 
ATOM 989  C CA  . PRO B 1 28  ? -16.879 1.765   10.308  1.00 53.52 ? 127 PRO B CA  1 
ATOM 990  C C   . PRO B 1 28  ? -17.788 2.280   9.180   1.00 54.77 ? 127 PRO B C   1 
ATOM 991  O O   . PRO B 1 28  ? -17.394 3.189   8.438   1.00 55.34 ? 127 PRO B O   1 
ATOM 992  C CB  . PRO B 1 28  ? -16.257 0.419   9.925   1.00 52.38 ? 127 PRO B CB  1 
ATOM 993  C CG  . PRO B 1 28  ? -16.001 -0.243  11.225  1.00 52.88 ? 127 PRO B CG  1 
ATOM 994  C CD  . PRO B 1 28  ? -17.067 0.232   12.184  1.00 53.08 ? 127 PRO B CD  1 
ATOM 995  N N   . GLU B 1 29  ? -18.984 1.700   9.054   1.00 54.56 ? 128 GLU B N   1 
ATOM 996  C CA  . GLU B 1 29  ? -19.968 2.166   8.082   1.00 53.37 ? 128 GLU B CA  1 
ATOM 997  C C   . GLU B 1 29  ? -20.627 3.456   8.576   1.00 53.72 ? 128 GLU B C   1 
ATOM 998  O O   . GLU B 1 29  ? -21.011 4.310   7.775   1.00 56.16 ? 128 GLU B O   1 
ATOM 999  C CB  . GLU B 1 29  ? -21.013 1.087   7.806   1.00 52.55 ? 128 GLU B CB  1 
ATOM 1000 N N   . GLU B 1 30  ? -20.752 3.602   9.893   1.00 52.55 ? 129 GLU B N   1 
ATOM 1001 C CA  . GLU B 1 30  ? -21.202 4.864   10.475  1.00 52.48 ? 129 GLU B CA  1 
ATOM 1002 C C   . GLU B 1 30  ? -20.154 5.982   10.292  1.00 53.03 ? 129 GLU B C   1 
ATOM 1003 O O   . GLU B 1 30  ? -20.487 7.165   10.356  1.00 52.60 ? 129 GLU B O   1 
ATOM 1004 C CB  . GLU B 1 30  ? -21.543 4.676   11.955  1.00 52.40 ? 129 GLU B CB  1 
ATOM 1005 N N   . VAL B 1 31  ? -18.895 5.604   10.073  1.00 53.36 ? 130 VAL B N   1 
ATOM 1006 C CA  . VAL B 1 31  ? -17.844 6.561   9.714   1.00 52.60 ? 130 VAL B CA  1 
ATOM 1007 C C   . VAL B 1 31  ? -17.808 6.789   8.191   1.00 52.15 ? 130 VAL B C   1 
ATOM 1008 O O   . VAL B 1 31  ? -17.598 7.916   7.735   1.00 52.43 ? 130 VAL B O   1 
ATOM 1009 C CB  . VAL B 1 31  ? -16.456 6.103   10.214  1.00 51.03 ? 130 VAL B CB  1 
ATOM 1010 N N   . ILE B 1 32  ? -18.014 5.728   7.412   1.00 52.25 ? 131 ILE B N   1 
ATOM 1011 C CA  . ILE B 1 32  ? -18.061 5.837   5.945   1.00 53.09 ? 131 ILE B CA  1 
ATOM 1012 C C   . ILE B 1 32  ? -19.146 6.815   5.507   1.00 53.48 ? 131 ILE B C   1 
ATOM 1013 O O   . ILE B 1 32  ? -18.951 7.595   4.578   1.00 52.02 ? 131 ILE B O   1 
ATOM 1014 C CB  . ILE B 1 32  ? -18.360 4.474   5.260   1.00 53.35 ? 131 ILE B CB  1 
ATOM 1015 C CG1 . ILE B 1 32  ? -17.155 3.538   5.308   1.00 54.77 ? 131 ILE B CG1 1 
ATOM 1016 C CG2 . ILE B 1 32  ? -18.733 4.678   3.808   1.00 55.69 ? 131 ILE B CG2 1 
ATOM 1017 C CD1 . ILE B 1 32  ? -17.462 2.154   4.766   1.00 52.20 ? 131 ILE B CD1 1 
ATOM 1018 N N   . ASP B 1 33  ? -20.293 6.758   6.181   1.00 55.01 ? 132 ASP B N   1 
ATOM 1019 C CA  . ASP B 1 33  ? -21.439 7.592   5.823   1.00 56.26 ? 132 ASP B CA  1 
ATOM 1020 C C   . ASP B 1 33  ? -21.234 9.050   6.250   1.00 55.65 ? 132 ASP B C   1 
ATOM 1021 O O   . ASP B 1 33  ? -21.519 9.963   5.478   1.00 56.58 ? 132 ASP B O   1 
ATOM 1022 C CB  . ASP B 1 33  ? -22.732 7.034   6.438   1.00 56.44 ? 132 ASP B CB  1 
ATOM 1023 C CG  . ASP B 1 33  ? -23.100 5.663   5.893   1.00 60.26 ? 132 ASP B CG  1 
ATOM 1024 O OD1 . ASP B 1 33  ? -22.521 5.229   4.866   1.00 66.37 ? 132 ASP B OD1 1 
ATOM 1025 O OD2 . ASP B 1 33  ? -23.973 5.014   6.502   1.00 65.17 ? 132 ASP B OD2 1 
ATOM 1026 N N   . ILE B 1 34  ? -20.740 9.262   7.471   1.00 53.56 ? 133 ILE B N   1 
ATOM 1027 C CA  . ILE B 1 34  ? -20.489 10.610  7.969   1.00 51.90 ? 133 ILE B CA  1 
ATOM 1028 C C   . ILE B 1 34  ? -19.502 11.328  7.057   1.00 51.92 ? 133 ILE B C   1 
ATOM 1029 O O   . ILE B 1 34  ? -19.688 12.503  6.747   1.00 52.65 ? 133 ILE B O   1 
ATOM 1030 C CB  . ILE B 1 34  ? -19.972 10.607  9.434   1.00 51.60 ? 133 ILE B CB  1 
ATOM 1031 C CG1 . ILE B 1 34  ? -21.091 10.182  10.383  1.00 51.17 ? 133 ILE B CG1 1 
ATOM 1032 C CG2 . ILE B 1 34  ? -19.495 11.995  9.851   1.00 49.64 ? 133 ILE B CG2 1 
ATOM 1033 C CD1 . ILE B 1 34  ? -20.649 9.966   11.803  1.00 47.50 ? 133 ILE B CD1 1 
ATOM 1034 N N   . HIS B 1 35  ? -18.466 10.622  6.611   1.00 51.46 ? 134 HIS B N   1 
ATOM 1035 C CA  . HIS B 1 35  ? -17.488 11.219  5.707   1.00 51.22 ? 134 HIS B CA  1 
ATOM 1036 C C   . HIS B 1 35  ? -18.129 11.574  4.371   1.00 50.06 ? 134 HIS B C   1 
ATOM 1037 O O   . HIS B 1 35  ? -18.031 12.716  3.912   1.00 50.92 ? 134 HIS B O   1 
ATOM 1038 C CB  . HIS B 1 35  ? -16.288 10.294  5.480   1.00 51.49 ? 134 HIS B CB  1 
ATOM 1039 C CG  . HIS B 1 35  ? -15.089 10.993  4.909   1.00 52.80 ? 134 HIS B CG  1 
ATOM 1040 N ND1 . HIS B 1 35  ? -14.546 10.666  3.686   1.00 55.44 ? 134 HIS B ND1 1 
ATOM 1041 C CD2 . HIS B 1 35  ? -14.338 12.014  5.393   1.00 54.12 ? 134 HIS B CD2 1 
ATOM 1042 C CE1 . HIS B 1 35  ? -13.502 11.444  3.447   1.00 55.14 ? 134 HIS B CE1 1 
ATOM 1043 N NE2 . HIS B 1 35  ? -13.356 12.273  4.465   1.00 52.21 ? 134 HIS B NE2 1 
ATOM 1044 N N   . THR B 1 36  ? -18.788 10.602  3.747   1.00 48.21 ? 135 THR B N   1 
ATOM 1045 C CA  . THR B 1 36  ? -19.395 10.825  2.430   1.00 47.33 ? 135 THR B CA  1 
ATOM 1046 C C   . THR B 1 36  ? -20.647 11.718  2.478   1.00 46.68 ? 135 THR B C   1 
ATOM 1047 O O   . THR B 1 36  ? -20.966 12.376  1.487   1.00 47.79 ? 135 THR B O   1 
ATOM 1048 C CB  . THR B 1 36  ? -19.729 9.508   1.744   1.00 45.53 ? 135 THR B CB  1 
ATOM 1049 O OG1 . THR B 1 36  ? -20.544 8.721   2.621   1.00 53.77 ? 135 THR B OG1 1 
ATOM 1050 C CG2 . THR B 1 36  ? -18.449 8.757   1.414   1.00 41.99 ? 135 THR B CG2 1 
ATOM 1051 N N   . ASN B 1 37  ? -21.333 11.761  3.622   1.00 44.95 ? 136 ASN B N   1 
ATOM 1052 C CA  . ASN B 1 37  ? -22.432 12.712  3.830   1.00 43.85 ? 136 ASN B CA  1 
ATOM 1053 C C   . ASN B 1 37  ? -21.955 14.160  3.911   1.00 43.61 ? 136 ASN B C   1 
ATOM 1054 O O   . ASN B 1 37  ? -22.763 15.091  3.845   1.00 42.83 ? 136 ASN B O   1 
ATOM 1055 C CB  . ASN B 1 37  ? -23.209 12.378  5.106   1.00 44.34 ? 136 ASN B CB  1 
ATOM 1056 N N   . GLY B 1 38  ? -20.643 14.344  4.054   1.00 44.75 ? 137 GLY B N   1 
ATOM 1057 C CA  . GLY B 1 38  ? -20.045 15.668  4.238   1.00 43.35 ? 137 GLY B CA  1 
ATOM 1058 C C   . GLY B 1 38  ? -19.959 16.521  2.989   1.00 41.16 ? 137 GLY B C   1 
ATOM 1059 O O   . GLY B 1 38  ? -20.201 16.058  1.874   1.00 39.96 ? 137 GLY B O   1 
ATOM 1060 N N   . GLU B 1 39  ? -19.624 17.787  3.203   1.00 40.66 ? 138 GLU B N   1 
ATOM 1061 C CA  . GLU B 1 39  ? -19.389 18.733  2.126   1.00 41.38 ? 138 GLU B CA  1 
ATOM 1062 C C   . GLU B 1 39  ? -18.258 19.615  2.594   1.00 41.68 ? 138 GLU B C   1 
ATOM 1063 O O   . GLU B 1 39  ? -18.417 20.385  3.548   1.00 41.77 ? 138 GLU B O   1 
ATOM 1064 C CB  . GLU B 1 39  ? -20.637 19.563  1.862   1.00 42.06 ? 138 GLU B CB  1 
ATOM 1065 C CG  . GLU B 1 39  ? -20.577 20.450  0.627   1.00 38.22 ? 138 GLU B CG  1 
ATOM 1066 C CD  . GLU B 1 39  ? -21.940 21.027  0.305   1.00 40.49 ? 138 GLU B CD  1 
ATOM 1067 O OE1 . GLU B 1 39  ? -22.030 22.233  -0.012  1.00 40.29 ? 138 GLU B OE1 1 
ATOM 1068 O OE2 . GLU B 1 39  ? -22.937 20.271  0.394   1.00 47.96 ? 138 GLU B OE2 1 
ATOM 1069 N N   . TYR B 1 40  ? -17.124 19.498  1.914   1.00 41.38 ? 139 TYR B N   1 
ATOM 1070 C CA  . TYR B 1 40  ? -15.857 20.009  2.409   1.00 40.64 ? 139 TYR B CA  1 
ATOM 1071 C C   . TYR B 1 40  ? -15.387 21.161  1.555   1.00 39.83 ? 139 TYR B C   1 
ATOM 1072 O O   . TYR B 1 40  ? -15.956 21.425  0.507   1.00 41.82 ? 139 TYR B O   1 
ATOM 1073 C CB  . TYR B 1 40  ? -14.832 18.883  2.394   1.00 41.18 ? 139 TYR B CB  1 
ATOM 1074 C CG  . TYR B 1 40  ? -15.339 17.643  3.097   1.00 39.77 ? 139 TYR B CG  1 
ATOM 1075 C CD1 . TYR B 1 40  ? -14.961 17.360  4.405   1.00 39.98 ? 139 TYR B CD1 1 
ATOM 1076 C CD2 . TYR B 1 40  ? -16.214 16.771  2.465   1.00 36.89 ? 139 TYR B CD2 1 
ATOM 1077 C CE1 . TYR B 1 40  ? -15.433 16.242  5.056   1.00 38.85 ? 139 TYR B CE1 1 
ATOM 1078 C CE2 . TYR B 1 40  ? -16.694 15.654  3.112   1.00 41.19 ? 139 TYR B CE2 1 
ATOM 1079 C CZ  . TYR B 1 40  ? -16.305 15.399  4.409   1.00 39.12 ? 139 TYR B CZ  1 
ATOM 1080 O OH  . TYR B 1 40  ? -16.783 14.291  5.057   1.00 39.11 ? 139 TYR B OH  1 
ATOM 1081 N N   . VAL B 1 41  ? -14.366 21.867  2.018   1.00 40.08 ? 140 VAL B N   1 
ATOM 1082 C CA  . VAL B 1 41  ? -13.793 22.971  1.253   1.00 40.40 ? 140 VAL B CA  1 
ATOM 1083 C C   . VAL B 1 41  ? -12.267 22.903  1.310   1.00 42.03 ? 140 VAL B C   1 
ATOM 1084 O O   . VAL B 1 41  ? -11.682 22.706  2.384   1.00 41.72 ? 140 VAL B O   1 
ATOM 1085 C CB  . VAL B 1 41  ? -14.265 24.346  1.765   1.00 39.38 ? 140 VAL B CB  1 
ATOM 1086 C CG1 . VAL B 1 41  ? -13.770 25.440  0.837   1.00 37.23 ? 140 VAL B CG1 1 
ATOM 1087 C CG2 . VAL B 1 41  ? -15.782 24.385  1.872   1.00 35.70 ? 140 VAL B CG2 1 
ATOM 1088 N N   . VAL B 1 42  ? -11.639 23.071  0.146   1.00 43.38 ? 141 VAL B N   1 
ATOM 1089 C CA  . VAL B 1 42  ? -10.193 22.931  0.002   1.00 44.25 ? 141 VAL B CA  1 
ATOM 1090 C C   . VAL B 1 42  ? -9.468  24.164  0.539   1.00 47.85 ? 141 VAL B C   1 
ATOM 1091 O O   . VAL B 1 42  ? -9.917  25.295  0.330   1.00 50.46 ? 141 VAL B O   1 
ATOM 1092 C CB  . VAL B 1 42  ? -9.813  22.738  -1.475  1.00 42.57 ? 141 VAL B CB  1 
ATOM 1093 C CG1 . VAL B 1 42  ? -8.302  22.699  -1.643  1.00 41.24 ? 141 VAL B CG1 1 
ATOM 1094 C CG2 . VAL B 1 42  ? -10.449 21.471  -2.017  1.00 42.76 ? 141 VAL B CG2 1 
ATOM 1095 N N   . TYR B 1 43  ? -8.354  23.945  1.232   1.00 50.22 ? 142 TYR B N   1 
ATOM 1096 C CA  . TYR B 1 43  ? -7.466  25.038  1.634   1.00 52.46 ? 142 TYR B CA  1 
ATOM 1097 C C   . TYR B 1 43  ? -6.050  24.505  1.880   1.00 56.11 ? 142 TYR B C   1 
ATOM 1098 O O   . TYR B 1 43  ? -5.875  23.317  2.161   1.00 58.78 ? 142 TYR B O   1 
ATOM 1099 C CB  . TYR B 1 43  ? -8.011  25.743  2.879   1.00 51.46 ? 142 TYR B CB  1 
ATOM 1100 C CG  . TYR B 1 43  ? -7.972  24.893  4.115   1.00 49.02 ? 142 TYR B CG  1 
ATOM 1101 C CD1 . TYR B 1 43  ? -6.827  24.842  4.901   1.00 47.45 ? 142 TYR B CD1 1 
ATOM 1102 C CD2 . TYR B 1 43  ? -9.068  24.127  4.492   1.00 48.23 ? 142 TYR B CD2 1 
ATOM 1103 C CE1 . TYR B 1 43  ? -6.773  24.058  6.032   1.00 47.92 ? 142 TYR B CE1 1 
ATOM 1104 C CE2 . TYR B 1 43  ? -9.025  23.340  5.628   1.00 48.91 ? 142 TYR B CE2 1 
ATOM 1105 C CZ  . TYR B 1 43  ? -7.870  23.312  6.394   1.00 47.55 ? 142 TYR B CZ  1 
ATOM 1106 O OH  . TYR B 1 43  ? -7.801  22.532  7.518   1.00 47.84 ? 142 TYR B OH  1 
ATOM 1107 N N   . MET B 1 44  ? -5.047  25.377  1.777   1.00 57.75 ? 143 MET B N   1 
ATOM 1108 C CA  . MET B 1 44  ? -3.644  24.947  1.787   1.00 59.78 ? 143 MET B CA  1 
ATOM 1109 C C   . MET B 1 44  ? -2.799  25.840  2.704   1.00 59.89 ? 143 MET B C   1 
ATOM 1110 O O   . MET B 1 44  ? -2.623  27.025  2.442   1.00 61.54 ? 143 MET B O   1 
ATOM 1111 C CB  . MET B 1 44  ? -3.099  24.935  0.350   1.00 59.98 ? 143 MET B CB  1 
ATOM 1112 C CG  . MET B 1 44  ? -3.930  24.075  -0.635  1.00 58.92 ? 143 MET B CG  1 
ATOM 1113 S SD  . MET B 1 44  ? -3.496  24.319  -2.375  1.00 63.48 ? 143 MET B SD  1 
ATOM 1114 C CE  . MET B 1 44  ? -3.957  22.738  -3.103  1.00 62.28 ? 143 MET B CE  1 
ATOM 1115 N N   . LEU B 1 45  ? -2.259  25.254  3.769   1.00 60.42 ? 144 LEU B N   1 
ATOM 1116 C CA  . LEU B 1 45  ? -1.700  26.019  4.890   1.00 60.18 ? 144 LEU B CA  1 
ATOM 1117 C C   . LEU B 1 45  ? -0.286  26.586  4.696   1.00 59.90 ? 144 LEU B C   1 
ATOM 1118 O O   . LEU B 1 45  ? 0.174   27.367  5.536   1.00 62.82 ? 144 LEU B O   1 
ATOM 1119 C CB  . LEU B 1 45  ? -1.728  25.171  6.168   1.00 60.57 ? 144 LEU B CB  1 
ATOM 1120 C CG  . LEU B 1 45  ? -3.121  24.815  6.688   1.00 60.69 ? 144 LEU B CG  1 
ATOM 1121 C CD1 . LEU B 1 45  ? -3.037  23.533  7.476   1.00 65.81 ? 144 LEU B CD1 1 
ATOM 1122 C CD2 . LEU B 1 45  ? -3.737  25.939  7.527   1.00 56.23 ? 144 LEU B CD2 1 
ATOM 1123 N N   . GLY B 1 46  ? 0.417   26.201  3.635   1.00 57.04 ? 145 GLY B N   1 
ATOM 1124 C CA  . GLY B 1 46  ? 1.657   26.900  3.278   1.00 56.77 ? 145 GLY B CA  1 
ATOM 1125 C C   . GLY B 1 46  ? 2.948   26.230  3.710   1.00 56.05 ? 145 GLY B C   1 
ATOM 1126 O O   . GLY B 1 46  ? 3.937   26.251  2.973   1.00 55.60 ? 145 GLY B O   1 
ATOM 1127 N N   . PHE B 1 47  ? 2.962   25.649  4.907   1.00 54.67 ? 146 PHE B N   1 
ATOM 1128 C CA  . PHE B 1 47  ? 4.028   24.705  5.248   1.00 52.85 ? 146 PHE B CA  1 
ATOM 1129 C C   . PHE B 1 47  ? 3.833   23.417  4.439   1.00 54.55 ? 146 PHE B C   1 
ATOM 1130 O O   . PHE B 1 47  ? 4.798   22.694  4.167   1.00 55.05 ? 146 PHE B O   1 
ATOM 1131 C CB  . PHE B 1 47  ? 4.099   24.426  6.759   1.00 50.24 ? 146 PHE B CB  1 
ATOM 1132 C CG  . PHE B 1 47  ? 2.961   23.591  7.307   1.00 47.43 ? 146 PHE B CG  1 
ATOM 1133 C CD1 . PHE B 1 47  ? 2.020   24.152  8.156   1.00 43.47 ? 146 PHE B CD1 1 
ATOM 1134 C CD2 . PHE B 1 47  ? 2.860   22.233  7.014   1.00 48.67 ? 146 PHE B CD2 1 
ATOM 1135 C CE1 . PHE B 1 47  ? 0.988   23.391  8.681   1.00 42.40 ? 146 PHE B CE1 1 
ATOM 1136 C CE2 . PHE B 1 47  ? 1.826   21.464  7.534   1.00 46.82 ? 146 PHE B CE2 1 
ATOM 1137 C CZ  . PHE B 1 47  ? 0.893   22.044  8.373   1.00 45.68 ? 146 PHE B CZ  1 
ATOM 1138 N N   . ALA B 1 48  ? 2.575   23.140  4.084   1.00 55.36 ? 147 ALA B N   1 
ATOM 1139 C CA  . ALA B 1 48  ? 2.210   22.016  3.238   1.00 55.55 ? 147 ALA B CA  1 
ATOM 1140 C C   . ALA B 1 48  ? 1.763   22.574  1.897   1.00 57.57 ? 147 ALA B C   1 
ATOM 1141 O O   . ALA B 1 48  ? 0.566   22.773  1.689   1.00 58.98 ? 147 ALA B O   1 
ATOM 1142 C CB  . ALA B 1 48  ? 1.094   21.234  3.876   1.00 54.35 ? 147 ALA B CB  1 
ATOM 1143 N N   . PRO B 1 49  ? 2.723   22.847  0.986   1.00 59.75 ? 148 PRO B N   1 
ATOM 1144 C CA  . PRO B 1 49  ? 2.419   23.510  -0.294  1.00 59.31 ? 148 PRO B CA  1 
ATOM 1145 C C   . PRO B 1 49  ? 1.321   22.846  -1.143  1.00 56.83 ? 148 PRO B C   1 
ATOM 1146 O O   . PRO B 1 49  ? 0.211   23.388  -1.231  1.00 57.10 ? 148 PRO B O   1 
ATOM 1147 C CB  . PRO B 1 49  ? 3.778   23.518  -1.030  1.00 59.85 ? 148 PRO B CB  1 
ATOM 1148 C CG  . PRO B 1 49  ? 4.628   22.541  -0.318  1.00 59.82 ? 148 PRO B CG  1 
ATOM 1149 C CD  . PRO B 1 49  ? 4.165   22.565  1.107   1.00 60.30 ? 148 PRO B CD  1 
ATOM 1150 N N   . GLY B 1 50  ? 1.615   21.698  -1.746  1.00 53.76 ? 149 GLY B N   1 
ATOM 1151 C CA  . GLY B 1 50  ? 0.669   21.061  -2.670  1.00 53.64 ? 149 GLY B CA  1 
ATOM 1152 C C   . GLY B 1 50  ? -0.205  20.005  -2.017  1.00 53.27 ? 149 GLY B C   1 
ATOM 1153 O O   . GLY B 1 50  ? -0.123  18.821  -2.373  1.00 54.68 ? 149 GLY B O   1 
ATOM 1154 N N   . PHE B 1 51  ? -1.043  20.422  -1.066  1.00 50.93 ? 150 PHE B N   1 
ATOM 1155 C CA  . PHE B 1 51  ? -1.812  19.476  -0.246  1.00 49.22 ? 150 PHE B CA  1 
ATOM 1156 C C   . PHE B 1 51  ? -3.202  20.015  0.081   1.00 48.85 ? 150 PHE B C   1 
ATOM 1157 O O   . PHE B 1 51  ? -3.318  21.110  0.629   1.00 52.31 ? 150 PHE B O   1 
ATOM 1158 C CB  . PHE B 1 51  ? -1.076  19.159  1.057   1.00 47.84 ? 150 PHE B CB  1 
ATOM 1159 C CG  . PHE B 1 51  ? -1.691  18.025  1.836   1.00 47.28 ? 150 PHE B CG  1 
ATOM 1160 C CD1 . PHE B 1 51  ? -1.317  16.716  1.587   1.00 44.17 ? 150 PHE B CD1 1 
ATOM 1161 C CD2 . PHE B 1 51  ? -2.656  18.267  2.806   1.00 48.22 ? 150 PHE B CD2 1 
ATOM 1162 C CE1 . PHE B 1 51  ? -1.883  15.671  2.296   1.00 44.38 ? 150 PHE B CE1 1 
ATOM 1163 C CE2 . PHE B 1 51  ? -3.227  17.223  3.520   1.00 45.58 ? 150 PHE B CE2 1 
ATOM 1164 C CZ  . PHE B 1 51  ? -2.836  15.923  3.263   1.00 45.19 ? 150 PHE B CZ  1 
ATOM 1165 N N   . PRO B 1 52  ? -4.257  19.228  -0.205  1.00 46.60 ? 151 PRO B N   1 
ATOM 1166 C CA  . PRO B 1 52  ? -5.596  19.752  -0.138  1.00 45.22 ? 151 PRO B CA  1 
ATOM 1167 C C   . PRO B 1 52  ? -6.225  19.460  1.215   1.00 43.98 ? 151 PRO B C   1 
ATOM 1168 O O   . PRO B 1 52  ? -7.041  18.539  1.352   1.00 42.53 ? 151 PRO B O   1 
ATOM 1169 C CB  . PRO B 1 52  ? -6.304  18.986  -1.257  1.00 45.49 ? 151 PRO B CB  1 
ATOM 1170 C CG  . PRO B 1 52  ? -5.647  17.641  -1.251  1.00 47.45 ? 151 PRO B CG  1 
ATOM 1171 C CD  . PRO B 1 52  ? -4.289  17.802  -0.575  1.00 48.82 ? 151 PRO B CD  1 
ATOM 1172 N N   . PHE B 1 53  ? -5.830  20.234  2.217   1.00 42.34 ? 152 PHE B N   1 
ATOM 1173 C CA  . PHE B 1 53  ? -6.500  20.160  3.488   1.00 40.89 ? 152 PHE B CA  1 
ATOM 1174 C C   . PHE B 1 53  ? -7.951  20.488  3.176   1.00 41.13 ? 152 PHE B C   1 
ATOM 1175 O O   . PHE B 1 53  ? -8.248  21.585  2.692   1.00 41.92 ? 152 PHE B O   1 
ATOM 1176 C CB  . PHE B 1 53  ? -5.941  21.176  4.478   1.00 40.89 ? 152 PHE B CB  1 
ATOM 1177 C CG  . PHE B 1 53  ? -4.486  21.006  4.789   1.00 39.71 ? 152 PHE B CG  1 
ATOM 1178 C CD1 . PHE B 1 53  ? -4.070  20.072  5.722   1.00 39.60 ? 152 PHE B CD1 1 
ATOM 1179 C CD2 . PHE B 1 53  ? -3.529  21.813  4.178   1.00 43.58 ? 152 PHE B CD2 1 
ATOM 1180 C CE1 . PHE B 1 53  ? -2.717  19.927  6.034   1.00 41.89 ? 152 PHE B CE1 1 
ATOM 1181 C CE2 . PHE B 1 53  ? -2.171  21.673  4.481   1.00 41.85 ? 152 PHE B CE2 1 
ATOM 1182 C CZ  . PHE B 1 53  ? -1.767  20.729  5.411   1.00 39.29 ? 152 PHE B CZ  1 
ATOM 1183 N N   . LEU B 1 54  ? -8.847  19.530  3.391   1.00 41.47 ? 153 LEU B N   1 
ATOM 1184 C CA  . LEU B 1 54  ? -10.281 19.790  3.263   1.00 40.65 ? 153 LEU B CA  1 
ATOM 1185 C C   . LEU B 1 54  ? -10.729 20.324  4.602   1.00 41.33 ? 153 LEU B C   1 
ATOM 1186 O O   . LEU B 1 54  ? -10.137 19.982  5.625   1.00 40.34 ? 153 LEU B O   1 
ATOM 1187 C CB  . LEU B 1 54  ? -11.054 18.523  2.923   1.00 39.63 ? 153 LEU B CB  1 
ATOM 1188 C CG  . LEU B 1 54  ? -10.578 17.763  1.682   1.00 42.13 ? 153 LEU B CG  1 
ATOM 1189 C CD1 . LEU B 1 54  ? -11.424 16.525  1.443   1.00 42.54 ? 153 LEU B CD1 1 
ATOM 1190 C CD2 . LEU B 1 54  ? -10.585 18.669  0.459   1.00 43.88 ? 153 LEU B CD2 1 
ATOM 1191 N N   . GLY B 1 55  ? -11.740 21.188  4.591   1.00 42.08 ? 154 GLY B N   1 
ATOM 1192 C CA  . GLY B 1 55  ? -12.322 21.721  5.816   1.00 42.33 ? 154 GLY B CA  1 
ATOM 1193 C C   . GLY B 1 55  ? -13.826 21.571  5.782   1.00 43.73 ? 154 GLY B C   1 
ATOM 1194 O O   . GLY B 1 55  ? -14.437 21.784  4.735   1.00 45.39 ? 154 GLY B O   1 
ATOM 1195 N N   . GLY B 1 56  ? -14.422 21.211  6.921   1.00 45.11 ? 155 GLY B N   1 
ATOM 1196 C CA  . GLY B 1 56  ? -15.879 20.990  7.020   1.00 46.02 ? 155 GLY B CA  1 
ATOM 1197 C C   . GLY B 1 56  ? -16.318 19.616  7.531   1.00 46.55 ? 155 GLY B C   1 
ATOM 1198 O O   . GLY B 1 56  ? -17.515 19.330  7.595   1.00 47.08 ? 155 GLY B O   1 
ATOM 1199 N N   . MET B 1 57  ? -15.362 18.768  7.899   1.00 47.09 ? 156 MET B N   1 
ATOM 1200 C CA  . MET B 1 57  ? -15.668 17.436  8.415   1.00 49.35 ? 156 MET B CA  1 
ATOM 1201 C C   . MET B 1 57  ? -16.399 17.518  9.759   1.00 50.20 ? 156 MET B C   1 
ATOM 1202 O O   . MET B 1 57  ? -16.272 18.504  10.500  1.00 50.54 ? 156 MET B O   1 
ATOM 1203 C CB  . MET B 1 57  ? -14.366 16.628  8.564   1.00 50.68 ? 156 MET B CB  1 
ATOM 1204 C CG  . MET B 1 57  ? -14.483 15.263  9.235   1.00 48.55 ? 156 MET B CG  1 
ATOM 1205 S SD  . MET B 1 57  ? -12.853 14.520  9.457   1.00 52.68 ? 156 MET B SD  1 
ATOM 1206 C CE  . MET B 1 57  ? -12.968 13.881  11.125  1.00 49.08 ? 156 MET B CE  1 
ATOM 1207 N N   . SER B 1 58  ? -17.166 16.470  10.056  1.00 49.83 ? 157 SER B N   1 
ATOM 1208 C CA  . SER B 1 58  ? -17.927 16.376  11.298  1.00 48.66 ? 157 SER B CA  1 
ATOM 1209 C C   . SER B 1 58  ? -17.014 16.239  12.500  1.00 49.60 ? 157 SER B C   1 
ATOM 1210 O O   . SER B 1 58  ? -15.915 15.706  12.389  1.00 51.80 ? 157 SER B O   1 
ATOM 1211 C CB  . SER B 1 58  ? -18.864 15.169  11.253  1.00 46.55 ? 157 SER B CB  1 
ATOM 1212 O OG  . SER B 1 58  ? -19.523 15.008  12.495  1.00 47.75 ? 157 SER B OG  1 
ATOM 1213 N N   . LYS B 1 59  ? -17.480 16.711  13.651  1.00 51.19 ? 158 LYS B N   1 
ATOM 1214 C CA  . LYS B 1 59  ? -16.779 16.473  14.917  1.00 51.49 ? 158 LYS B CA  1 
ATOM 1215 C C   . LYS B 1 59  ? -16.933 15.019  15.348  1.00 52.14 ? 158 LYS B C   1 
ATOM 1216 O O   . LYS B 1 59  ? -16.114 14.526  16.117  1.00 55.18 ? 158 LYS B O   1 
ATOM 1217 C CB  . LYS B 1 59  ? -17.288 17.402  16.029  1.00 50.06 ? 158 LYS B CB  1 
ATOM 1218 N N   . ARG B 1 60  ? -17.980 14.341  14.865  1.00 52.23 ? 159 ARG B N   1 
ATOM 1219 C CA  . ARG B 1 60  ? -18.211 12.930  15.196  1.00 51.58 ? 159 ARG B CA  1 
ATOM 1220 C C   . ARG B 1 60  ? -17.047 12.084  14.685  1.00 51.12 ? 159 ARG B C   1 
ATOM 1221 O O   . ARG B 1 60  ? -16.273 11.533  15.468  1.00 50.34 ? 159 ARG B O   1 
ATOM 1222 C CB  . ARG B 1 60  ? -19.534 12.438  14.597  1.00 50.83 ? 159 ARG B CB  1 
ATOM 1223 N N   . ILE B 1 61  ? -16.918 12.028  13.363  1.00 51.04 ? 160 ILE B N   1 
ATOM 1224 C CA  . ILE B 1 61  ? -15.812 11.348  12.673  1.00 50.90 ? 160 ILE B CA  1 
ATOM 1225 C C   . ILE B 1 61  ? -14.388 11.759  13.164  1.00 50.68 ? 160 ILE B C   1 
ATOM 1226 O O   . ILE B 1 61  ? -13.424 11.024  12.937  1.00 51.30 ? 160 ILE B O   1 
ATOM 1227 C CB  . ILE B 1 61  ? -15.956 11.606  11.145  1.00 50.42 ? 160 ILE B CB  1 
ATOM 1228 C CG1 . ILE B 1 61  ? -14.923 10.855  10.310  1.00 53.16 ? 160 ILE B CG1 1 
ATOM 1229 C CG2 . ILE B 1 61  ? -15.834 13.081  10.848  1.00 50.33 ? 160 ILE B CG2 1 
ATOM 1230 C CD1 . ILE B 1 61  ? -15.025 11.169  8.809   1.00 52.07 ? 160 ILE B CD1 1 
ATOM 1231 N N   . ALA B 1 62  ? -14.255 12.913  13.826  1.00 48.42 ? 161 ALA B N   1 
ATOM 1232 C CA  . ALA B 1 62  ? -12.961 13.393  14.335  1.00 47.05 ? 161 ALA B CA  1 
ATOM 1233 C C   . ALA B 1 62  ? -12.108 12.306  14.997  1.00 47.76 ? 161 ALA B C   1 
ATOM 1234 O O   . ALA B 1 62  ? -12.644 11.337  15.540  1.00 46.57 ? 161 ALA B O   1 
ATOM 1235 C CB  . ALA B 1 62  ? -13.179 14.531  15.304  1.00 45.78 ? 161 ALA B CB  1 
ATOM 1236 N N   . ALA B 1 63  ? -10.781 12.482  14.941  1.00 48.59 ? 162 ALA B N   1 
ATOM 1237 C CA  . ALA B 1 63  ? -9.818  11.552  15.566  1.00 49.07 ? 162 ALA B CA  1 
ATOM 1238 C C   . ALA B 1 63  ? -8.359  12.073  15.543  1.00 48.69 ? 162 ALA B C   1 
ATOM 1239 O O   . ALA B 1 63  ? -7.973  12.802  14.631  1.00 50.41 ? 162 ALA B O   1 
ATOM 1240 C CB  . ALA B 1 63  ? -9.895  10.190  14.888  1.00 49.42 ? 162 ALA B CB  1 
ATOM 1241 N N   . PRO B 1 64  ? -7.537  11.685  16.543  1.00 47.77 ? 163 PRO B N   1 
ATOM 1242 C CA  . PRO B 1 64  ? -6.138  12.116  16.604  1.00 47.49 ? 163 PRO B CA  1 
ATOM 1243 C C   . PRO B 1 64  ? -5.208  11.368  15.641  1.00 47.18 ? 163 PRO B C   1 
ATOM 1244 O O   . PRO B 1 64  ? -5.617  10.395  15.003  1.00 47.40 ? 163 PRO B O   1 
ATOM 1245 C CB  . PRO B 1 64  ? -5.749  11.791  18.047  1.00 45.82 ? 163 PRO B CB  1 
ATOM 1246 C CG  . PRO B 1 64  ? -6.537  10.607  18.363  1.00 45.61 ? 163 PRO B CG  1 
ATOM 1247 C CD  . PRO B 1 64  ? -7.869  10.818  17.687  1.00 48.57 ? 163 PRO B CD  1 
ATOM 1248 N N   . ARG B 1 65  ? -3.960  11.826  15.563  1.00 46.02 ? 164 ARG B N   1 
ATOM 1249 C CA  . ARG B 1 65  ? -2.971  11.241  14.662  1.00 45.68 ? 164 ARG B CA  1 
ATOM 1250 C C   . ARG B 1 65  ? -2.254  10.053  15.326  1.00 44.91 ? 164 ARG B C   1 
ATOM 1251 O O   . ARG B 1 65  ? -1.943  10.098  16.516  1.00 45.57 ? 164 ARG B O   1 
ATOM 1252 C CB  . ARG B 1 65  ? -1.956  12.316  14.227  1.00 43.83 ? 164 ARG B CB  1 
ATOM 1253 N N   . LYS B 1 66  ? -1.985  9.004   14.551  1.00 44.13 ? 165 LYS B N   1 
ATOM 1254 C CA  . LYS B 1 66  ? -1.181  7.878   15.026  1.00 45.24 ? 165 LYS B CA  1 
ATOM 1255 C C   . LYS B 1 66  ? 0.057   8.379   15.779  1.00 46.41 ? 165 LYS B C   1 
ATOM 1256 O O   . LYS B 1 66  ? 0.603   9.420   15.434  1.00 46.67 ? 165 LYS B O   1 
ATOM 1257 C CB  . LYS B 1 66  ? -0.767  6.974   13.857  1.00 43.77 ? 165 LYS B CB  1 
ATOM 1258 N N   . SER B 1 67  ? 0.483   7.642   16.809  1.00 49.23 ? 166 SER B N   1 
ATOM 1259 C CA  . SER B 1 67  ? 1.589   8.070   17.691  1.00 49.42 ? 166 SER B CA  1 
ATOM 1260 C C   . SER B 1 67  ? 2.942   8.084   16.978  1.00 50.79 ? 166 SER B C   1 
ATOM 1261 O O   . SER B 1 67  ? 3.735   8.999   17.178  1.00 51.20 ? 166 SER B O   1 
ATOM 1262 C CB  . SER B 1 67  ? 1.663   7.190   18.943  1.00 48.28 ? 166 SER B CB  1 
ATOM 1263 N N   . SER B 1 68  ? 3.199   7.072   16.151  1.00 52.24 ? 167 SER B N   1 
ATOM 1264 C CA  . SER B 1 68  ? 4.363   7.063   15.266  1.00 52.72 ? 167 SER B CA  1 
ATOM 1265 C C   . SER B 1 68  ? 3.869   7.191   13.820  1.00 54.36 ? 167 SER B C   1 
ATOM 1266 O O   . SER B 1 68  ? 2.984   6.445   13.408  1.00 57.05 ? 167 SER B O   1 
ATOM 1267 C CB  . SER B 1 68  ? 5.162   5.771   15.448  1.00 50.84 ? 167 SER B CB  1 
ATOM 1268 N N   . PRO B 1 69  ? 4.405   8.155   13.049  1.00 55.51 ? 168 PRO B N   1 
ATOM 1269 C CA  . PRO B 1 69  ? 3.972   8.263   11.657  1.00 55.84 ? 168 PRO B CA  1 
ATOM 1270 C C   . PRO B 1 69  ? 4.421   7.084   10.818  1.00 55.30 ? 168 PRO B C   1 
ATOM 1271 O O   . PRO B 1 69  ? 5.386   6.410   11.175  1.00 56.27 ? 168 PRO B O   1 
ATOM 1272 C CB  . PRO B 1 69  ? 4.675   9.535   11.165  1.00 56.45 ? 168 PRO B CB  1 
ATOM 1273 C CG  . PRO B 1 69  ? 5.835   9.701   12.054  1.00 56.00 ? 168 PRO B CG  1 
ATOM 1274 C CD  . PRO B 1 69  ? 5.388   9.197   13.389  1.00 56.85 ? 168 PRO B CD  1 
ATOM 1275 N N   . ARG B 1 70  ? 3.724   6.848   9.707   1.00 54.17 ? 169 ARG B N   1 
ATOM 1276 C CA  . ARG B 1 70  ? 4.149   5.844   8.738   1.00 52.63 ? 169 ARG B CA  1 
ATOM 1277 C C   . ARG B 1 70  ? 5.330   6.382   7.936   1.00 54.69 ? 169 ARG B C   1 
ATOM 1278 O O   . ARG B 1 70  ? 5.404   7.585   7.686   1.00 56.17 ? 169 ARG B O   1 
ATOM 1279 C CB  . ARG B 1 70  ? 3.020   5.519   7.777   1.00 50.93 ? 169 ARG B CB  1 
ATOM 1280 C CG  . ARG B 1 70  ? 1.797   4.968   8.448   1.00 46.02 ? 169 ARG B CG  1 
ATOM 1281 C CD  . ARG B 1 70  ? 0.974   4.172   7.477   1.00 43.90 ? 169 ARG B CD  1 
ATOM 1282 N NE  . ARG B 1 70  ? -0.088  3.434   8.149   1.00 43.53 ? 169 ARG B NE  1 
ATOM 1283 C CZ  . ARG B 1 70  ? -1.240  3.958   8.562   1.00 45.31 ? 169 ARG B CZ  1 
ATOM 1284 N NH1 . ARG B 1 70  ? -1.512  5.247   8.392   1.00 51.66 ? 169 ARG B NH1 1 
ATOM 1285 N NH2 . ARG B 1 70  ? -2.135  3.187   9.158   1.00 45.91 ? 169 ARG B NH2 1 
ATOM 1286 N N   . PRO B 1 71  ? 6.268   5.504   7.545   1.00 54.96 ? 170 PRO B N   1 
ATOM 1287 C CA  . PRO B 1 71  ? 7.320   5.936   6.629   1.00 54.41 ? 170 PRO B CA  1 
ATOM 1288 C C   . PRO B 1 71  ? 6.792   6.365   5.253   1.00 53.50 ? 170 PRO B C   1 
ATOM 1289 O O   . PRO B 1 71  ? 7.437   7.170   4.576   1.00 53.57 ? 170 PRO B O   1 
ATOM 1290 C CB  . PRO B 1 71  ? 8.212   4.690   6.491   1.00 54.60 ? 170 PRO B CB  1 
ATOM 1291 C CG  . PRO B 1 71  ? 7.879   3.828   7.642   1.00 55.85 ? 170 PRO B CG  1 
ATOM 1292 C CD  . PRO B 1 71  ? 6.436   4.096   7.942   1.00 56.53 ? 170 PRO B CD  1 
ATOM 1293 N N   . SER B 1 72  ? 5.647   5.828   4.829   1.00 51.83 ? 171 SER B N   1 
ATOM 1294 C CA  . SER B 1 72  ? 5.089   6.206   3.529   1.00 49.63 ? 171 SER B CA  1 
ATOM 1295 C C   . SER B 1 72  ? 3.615   5.839   3.403   1.00 46.76 ? 171 SER B C   1 
ATOM 1296 O O   . SER B 1 72  ? 3.275   4.667   3.292   1.00 44.67 ? 171 SER B O   1 
ATOM 1297 C CB  . SER B 1 72  ? 5.899   5.576   2.387   1.00 48.96 ? 171 SER B CB  1 
ATOM 1298 O OG  . SER B 1 72  ? 6.046   6.489   1.310   1.00 50.21 ? 171 SER B OG  1 
ATOM 1299 N N   . ILE B 1 73  ? 2.764   6.868   3.444   1.00 45.45 ? 172 ILE B N   1 
ATOM 1300 C CA  . ILE B 1 73  ? 1.335   6.757   3.158   1.00 43.83 ? 172 ILE B CA  1 
ATOM 1301 C C   . ILE B 1 73  ? 1.150   6.730   1.649   1.00 44.70 ? 172 ILE B C   1 
ATOM 1302 O O   . ILE B 1 73  ? 1.714   7.572   0.950   1.00 44.97 ? 172 ILE B O   1 
ATOM 1303 C CB  . ILE B 1 73  ? 0.552   7.985   3.651   1.00 42.45 ? 172 ILE B CB  1 
ATOM 1304 C CG1 . ILE B 1 73  ? 0.607   8.101   5.173   1.00 42.30 ? 172 ILE B CG1 1 
ATOM 1305 C CG2 . ILE B 1 73  ? -0.898  7.913   3.182   1.00 41.28 ? 172 ILE B CG2 1 
ATOM 1306 C CD1 . ILE B 1 73  ? 0.442   9.519   5.665   1.00 37.51 ? 172 ILE B CD1 1 
ATOM 1307 N N   . PRO B 1 74  ? 0.376   5.761   1.135   1.00 44.82 ? 173 PRO B N   1 
ATOM 1308 C CA  . PRO B 1 74  ? 0.039   5.755   -0.281  1.00 46.01 ? 173 PRO B CA  1 
ATOM 1309 C C   . PRO B 1 74  ? -0.516  7.088   -0.766  1.00 47.33 ? 173 PRO B C   1 
ATOM 1310 O O   . PRO B 1 74  ? -1.450  7.616   -0.162  1.00 49.01 ? 173 PRO B O   1 
ATOM 1311 C CB  . PRO B 1 74  ? -1.039  4.675   -0.365  1.00 45.40 ? 173 PRO B CB  1 
ATOM 1312 C CG  . PRO B 1 74  ? -0.673  3.728   0.704   1.00 44.61 ? 173 PRO B CG  1 
ATOM 1313 C CD  . PRO B 1 74  ? -0.179  4.584   1.825   1.00 45.06 ? 173 PRO B CD  1 
ATOM 1314 N N   . ALA B 1 75  ? 0.071   7.630   -1.834  1.00 47.54 ? 174 ALA B N   1 
ATOM 1315 C CA  . ALA B 1 75  ? -0.513  8.779   -2.527  1.00 46.92 ? 174 ALA B CA  1 
ATOM 1316 C C   . ALA B 1 75  ? -1.854  8.337   -3.082  1.00 45.65 ? 174 ALA B C   1 
ATOM 1317 O O   . ALA B 1 75  ? -1.908  7.413   -3.884  1.00 46.77 ? 174 ALA B O   1 
ATOM 1318 C CB  . ALA B 1 75  ? 0.383   9.249   -3.662  1.00 47.04 ? 174 ALA B CB  1 
ATOM 1319 N N   . GLY B 1 76  ? -2.922  8.997   -2.651  1.00 43.68 ? 175 GLY B N   1 
ATOM 1320 C CA  . GLY B 1 76  ? -4.271  8.595   -2.996  1.00 44.00 ? 175 GLY B CA  1 
ATOM 1321 C C   . GLY B 1 76  ? -5.074  8.391   -1.732  1.00 45.82 ? 175 GLY B C   1 
ATOM 1322 O O   . GLY B 1 76  ? -6.299  8.563   -1.726  1.00 48.07 ? 175 GLY B O   1 
ATOM 1323 N N   . SER B 1 77  ? -4.381  8.031   -0.654  1.00 45.76 ? 176 SER B N   1 
ATOM 1324 C CA  . SER B 1 77  ? -5.016  7.867   0.650   1.00 46.35 ? 176 SER B CA  1 
ATOM 1325 C C   . SER B 1 77  ? -5.917  9.055   1.008   1.00 45.33 ? 176 SER B C   1 
ATOM 1326 O O   . SER B 1 77  ? -5.736  10.171  0.515   1.00 44.56 ? 176 SER B O   1 
ATOM 1327 C CB  . SER B 1 77  ? -3.956  7.672   1.752   1.00 47.41 ? 176 SER B CB  1 
ATOM 1328 O OG  . SER B 1 77  ? -3.295  6.416   1.631   1.00 47.23 ? 176 SER B OG  1 
ATOM 1329 N N   . VAL B 1 78  ? -6.904  8.782   1.852   1.00 44.46 ? 177 VAL B N   1 
ATOM 1330 C CA  . VAL B 1 78  ? -7.736  9.814   2.448   1.00 44.65 ? 177 VAL B CA  1 
ATOM 1331 C C   . VAL B 1 78  ? -7.650  9.632   3.959   1.00 43.61 ? 177 VAL B C   1 
ATOM 1332 O O   . VAL B 1 78  ? -7.711  8.504   4.449   1.00 44.64 ? 177 VAL B O   1 
ATOM 1333 C CB  . VAL B 1 78  ? -9.192  9.728   1.951   1.00 45.40 ? 177 VAL B CB  1 
ATOM 1334 C CG1 . VAL B 1 78  ? -10.140 10.446  2.922   1.00 43.90 ? 177 VAL B CG1 1 
ATOM 1335 C CG2 . VAL B 1 78  ? -9.294  10.309  0.524   1.00 43.57 ? 177 VAL B CG2 1 
ATOM 1336 N N   . GLY B 1 79  ? -7.496  10.735  4.686   1.00 40.61 ? 178 GLY B N   1 
ATOM 1337 C CA  . GLY B 1 79  ? -7.118  10.662  6.083   1.00 39.78 ? 178 GLY B CA  1 
ATOM 1338 C C   . GLY B 1 79  ? -7.774  11.690  6.980   1.00 40.59 ? 178 GLY B C   1 
ATOM 1339 O O   . GLY B 1 79  ? -8.363  12.669  6.513   1.00 38.96 ? 178 GLY B O   1 
ATOM 1340 N N   . ILE B 1 80  ? -7.660  11.439  8.284   1.00 41.56 ? 179 ILE B N   1 
ATOM 1341 C CA  . ILE B 1 80  ? -8.211  12.298  9.322   1.00 40.79 ? 179 ILE B CA  1 
ATOM 1342 C C   . ILE B 1 80  ? -7.117  12.650  10.327  1.00 42.64 ? 179 ILE B C   1 
ATOM 1343 O O   . ILE B 1 80  ? -6.288  11.809  10.689  1.00 42.18 ? 179 ILE B O   1 
ATOM 1344 C CB  . ILE B 1 80  ? -9.343  11.603  10.091  1.00 38.77 ? 179 ILE B CB  1 
ATOM 1345 C CG1 . ILE B 1 80  ? -10.523 11.308  9.163   1.00 37.73 ? 179 ILE B CG1 1 
ATOM 1346 C CG2 . ILE B 1 80  ? -9.794  12.461  11.268  1.00 37.12 ? 179 ILE B CG2 1 
ATOM 1347 C CD1 . ILE B 1 80  ? -11.511 10.274  9.723   1.00 33.58 ? 179 ILE B CD1 1 
ATOM 1348 N N   . ALA B 1 81  ? -7.133  13.902  10.773  1.00 43.16 ? 180 ALA B N   1 
ATOM 1349 C CA  . ALA B 1 81  ? -6.221  14.381  11.791  1.00 42.02 ? 180 ALA B CA  1 
ATOM 1350 C C   . ALA B 1 81  ? -6.971  15.422  12.636  1.00 41.44 ? 180 ALA B C   1 
ATOM 1351 O O   . ALA B 1 81  ? -7.246  16.530  12.181  1.00 40.25 ? 180 ALA B O   1 
ATOM 1352 C CB  . ALA B 1 81  ? -4.957  14.980  11.138  1.00 39.57 ? 180 ALA B CB  1 
ATOM 1353 N N   . GLY B 1 82  ? -7.312  15.045  13.865  1.00 41.09 ? 181 GLY B N   1 
ATOM 1354 C CA  . GLY B 1 82  ? -8.059  15.921  14.766  1.00 41.12 ? 181 GLY B CA  1 
ATOM 1355 C C   . GLY B 1 82  ? -9.453  16.171  14.226  1.00 40.02 ? 181 GLY B C   1 
ATOM 1356 O O   . GLY B 1 82  ? -10.288 15.277  14.229  1.00 39.48 ? 181 GLY B O   1 
ATOM 1357 N N   . LEU B 1 83  ? -9.690  17.390  13.755  1.00 40.21 ? 182 LEU B N   1 
ATOM 1358 C CA  . LEU B 1 83  ? -10.955 17.759  13.135  1.00 40.65 ? 182 LEU B CA  1 
ATOM 1359 C C   . LEU B 1 83  ? -10.740 18.022  11.649  1.00 41.67 ? 182 LEU B C   1 
ATOM 1360 O O   . LEU B 1 83  ? -11.530 18.731  11.029  1.00 39.78 ? 182 LEU B O   1 
ATOM 1361 C CB  . LEU B 1 83  ? -11.541 19.001  13.822  1.00 40.29 ? 182 LEU B CB  1 
ATOM 1362 N N   . GLN B 1 84  ? -9.672  17.434  11.094  1.00 45.66 ? 183 GLN B N   1 
ATOM 1363 C CA  . GLN B 1 84  ? -9.266  17.598  9.682   1.00 46.64 ? 183 GLN B CA  1 
ATOM 1364 C C   . GLN B 1 84  ? -9.583  16.374  8.824   1.00 45.70 ? 183 GLN B C   1 
ATOM 1365 O O   . GLN B 1 84  ? -9.585  15.238  9.307   1.00 47.06 ? 183 GLN B O   1 
ATOM 1366 C CB  . GLN B 1 84  ? -7.751  17.777  9.582   1.00 47.40 ? 183 GLN B CB  1 
ATOM 1367 C CG  . GLN B 1 84  ? -7.160  18.858  10.448  1.00 52.10 ? 183 GLN B CG  1 
ATOM 1368 C CD  . GLN B 1 84  ? -7.070  20.158  9.712   1.00 57.22 ? 183 GLN B CD  1 
ATOM 1369 O OE1 . GLN B 1 84  ? -5.997  20.769  9.627   1.00 61.21 ? 183 GLN B OE1 1 
ATOM 1370 N NE2 . GLN B 1 84  ? -8.192  20.581  9.137   1.00 56.63 ? 183 GLN B NE2 1 
ATOM 1371 N N   . THR B 1 85  ? -9.824  16.614  7.544   1.00 43.61 ? 184 THR B N   1 
ATOM 1372 C CA  . THR B 1 85  ? -9.759  15.566  6.543   1.00 44.42 ? 184 THR B CA  1 
ATOM 1373 C C   . THR B 1 85  ? -8.992  16.117  5.347   1.00 46.24 ? 184 THR B C   1 
ATOM 1374 O O   . THR B 1 85  ? -8.843  17.333  5.189   1.00 45.81 ? 184 THR B O   1 
ATOM 1375 C CB  . THR B 1 85  ? -11.166 15.032  6.129   1.00 45.72 ? 184 THR B CB  1 
ATOM 1376 O OG1 . THR B 1 85  ? -11.055 13.699  5.598   1.00 39.77 ? 184 THR B OG1 1 
ATOM 1377 C CG2 . THR B 1 85  ? -11.852 15.952  5.102   1.00 46.80 ? 184 THR B CG2 1 
ATOM 1378 N N   . GLY B 1 86  ? -8.494  15.211  4.514   1.00 48.15 ? 185 GLY B N   1 
ATOM 1379 C CA  . GLY B 1 86  ? -7.634  15.575  3.397   1.00 47.71 ? 185 GLY B CA  1 
ATOM 1380 C C   . GLY B 1 86  ? -7.399  14.370  2.512   1.00 47.45 ? 185 GLY B C   1 
ATOM 1381 O O   . GLY B 1 86  ? -7.923  13.279  2.790   1.00 45.99 ? 185 GLY B O   1 
ATOM 1382 N N   . VAL B 1 87  ? -6.614  14.576  1.450   1.00 46.39 ? 186 VAL B N   1 
ATOM 1383 C CA  . VAL B 1 87  ? -6.357  13.547  0.436   1.00 44.17 ? 186 VAL B CA  1 
ATOM 1384 C C   . VAL B 1 87  ? -4.968  13.723  -0.155  1.00 43.37 ? 186 VAL B C   1 
ATOM 1385 O O   . VAL B 1 87  ? -4.661  14.763  -0.731  1.00 44.12 ? 186 VAL B O   1 
ATOM 1386 C CB  . VAL B 1 87  ? -7.365  13.608  -0.723  1.00 42.96 ? 186 VAL B CB  1 
ATOM 1387 C CG1 . VAL B 1 87  ? -7.379  12.265  -1.460  1.00 42.93 ? 186 VAL B CG1 1 
ATOM 1388 C CG2 . VAL B 1 87  ? -8.752  13.977  -0.213  1.00 40.93 ? 186 VAL B CG2 1 
ATOM 1389 N N   . TYR B 1 88  ? -4.145  12.688  -0.034  1.00 41.68 ? 187 TYR B N   1 
ATOM 1390 C CA  . TYR B 1 88  ? -2.728  12.795  -0.335  1.00 39.25 ? 187 TYR B CA  1 
ATOM 1391 C C   . TYR B 1 88  ? -2.449  12.706  -1.825  1.00 39.20 ? 187 TYR B C   1 
ATOM 1392 O O   . TYR B 1 88  ? -2.630  11.651  -2.418  1.00 39.58 ? 187 TYR B O   1 
ATOM 1393 C CB  . TYR B 1 88  ? -1.976  11.691  0.382   1.00 38.19 ? 187 TYR B CB  1 
ATOM 1394 C CG  . TYR B 1 88  ? -1.789  11.954  1.845   1.00 36.97 ? 187 TYR B CG  1 
ATOM 1395 C CD1 . TYR B 1 88  ? -0.583  12.457  2.328   1.00 37.78 ? 187 TYR B CD1 1 
ATOM 1396 C CD2 . TYR B 1 88  ? -2.808  11.694  2.756   1.00 40.16 ? 187 TYR B CD2 1 
ATOM 1397 C CE1 . TYR B 1 88  ? -0.396  12.699  3.674   1.00 40.63 ? 187 TYR B CE1 1 
ATOM 1398 C CE2 . TYR B 1 88  ? -2.630  11.926  4.121   1.00 39.37 ? 187 TYR B CE2 1 
ATOM 1399 C CZ  . TYR B 1 88  ? -1.422  12.427  4.570   1.00 41.51 ? 187 TYR B CZ  1 
ATOM 1400 O OH  . TYR B 1 88  ? -1.223  12.661  5.911   1.00 41.67 ? 187 TYR B OH  1 
ATOM 1401 N N   . PRO B 1 89  ? -2.008  13.815  -2.441  1.00 40.15 ? 188 PRO B N   1 
ATOM 1402 C CA  . PRO B 1 89  ? -1.620  13.715  -3.838  1.00 39.97 ? 188 PRO B CA  1 
ATOM 1403 C C   . PRO B 1 89  ? -0.355  12.871  -4.049  1.00 41.29 ? 188 PRO B C   1 
ATOM 1404 O O   . PRO B 1 89  ? -0.307  12.060  -4.968  1.00 43.22 ? 188 PRO B O   1 
ATOM 1405 C CB  . PRO B 1 89  ? -1.385  15.176  -4.241  1.00 38.94 ? 188 PRO B CB  1 
ATOM 1406 C CG  . PRO B 1 89  ? -2.035  15.996  -3.169  1.00 38.54 ? 188 PRO B CG  1 
ATOM 1407 C CD  . PRO B 1 89  ? -1.859  15.193  -1.942  1.00 41.03 ? 188 PRO B CD  1 
ATOM 1408 N N   . ILE B 1 90  ? 0.658   13.058  -3.215  1.00 43.68 ? 189 ILE B N   1 
ATOM 1409 C CA  . ILE B 1 90  ? 1.912   12.311  -3.360  1.00 44.99 ? 189 ILE B CA  1 
ATOM 1410 C C   . ILE B 1 90  ? 2.099   11.431  -2.146  1.00 46.00 ? 189 ILE B C   1 
ATOM 1411 O O   . ILE B 1 90  ? 1.618   11.753  -1.059  1.00 46.29 ? 189 ILE B O   1 
ATOM 1412 C CB  . ILE B 1 90  ? 3.146   13.241  -3.483  1.00 43.67 ? 189 ILE B CB  1 
ATOM 1413 N N   . SER B 1 91  ? 2.797   10.316  -2.336  1.00 47.49 ? 190 SER B N   1 
ATOM 1414 C CA  . SER B 1 91  ? 3.190   9.477   -1.218  1.00 47.86 ? 190 SER B CA  1 
ATOM 1415 C C   . SER B 1 91  ? 4.113   10.285  -0.315  1.00 49.25 ? 190 SER B C   1 
ATOM 1416 O O   . SER B 1 91  ? 4.822   11.188  -0.769  1.00 50.46 ? 190 SER B O   1 
ATOM 1417 C CB  . SER B 1 91  ? 3.886   8.201   -1.689  1.00 47.42 ? 190 SER B CB  1 
ATOM 1418 O OG  . SER B 1 91  ? 4.556   7.570   -0.611  1.00 46.89 ? 190 SER B OG  1 
ATOM 1419 N N   . THR B 1 92  ? 4.087   9.957   0.968   1.00 49.51 ? 191 THR B N   1 
ATOM 1420 C CA  . THR B 1 92  ? 4.772   10.743  1.972   1.00 49.08 ? 191 THR B CA  1 
ATOM 1421 C C   . THR B 1 92  ? 4.508   10.087  3.310   1.00 50.39 ? 191 THR B C   1 
ATOM 1422 O O   . THR B 1 92  ? 3.493   9.403   3.465   1.00 53.11 ? 191 THR B O   1 
ATOM 1423 C CB  . THR B 1 92  ? 4.228   12.181  2.023   1.00 46.69 ? 191 THR B CB  1 
ATOM 1424 N N   . PRO B 1 93  ? 5.410   10.281  4.282   1.00 49.64 ? 192 PRO B N   1 
ATOM 1425 C CA  . PRO B 1 93  ? 5.134   9.785   5.624   1.00 48.70 ? 192 PRO B CA  1 
ATOM 1426 C C   . PRO B 1 93  ? 4.051   10.598  6.320   1.00 48.18 ? 192 PRO B C   1 
ATOM 1427 O O   . PRO B 1 93  ? 3.656   11.653  5.821   1.00 46.76 ? 192 PRO B O   1 
ATOM 1428 C CB  . PRO B 1 93  ? 6.468   9.977   6.343   1.00 49.12 ? 192 PRO B CB  1 
ATOM 1429 C CG  . PRO B 1 93  ? 7.094   11.116  5.648   1.00 50.77 ? 192 PRO B CG  1 
ATOM 1430 C CD  . PRO B 1 93  ? 6.717   10.952  4.204   1.00 50.37 ? 192 PRO B CD  1 
ATOM 1431 N N   . GLY B 1 94  ? 3.578   10.108  7.465   1.00 49.03 ? 193 GLY B N   1 
ATOM 1432 C CA  . GLY B 1 94  ? 2.616   10.858  8.283   1.00 48.47 ? 193 GLY B CA  1 
ATOM 1433 C C   . GLY B 1 94  ? 1.721   9.974   9.125   1.00 47.18 ? 193 GLY B C   1 
ATOM 1434 O O   . GLY B 1 94  ? 1.380   8.861   8.720   1.00 48.41 ? 193 GLY B O   1 
ATOM 1435 N N   . GLY B 1 95  ? 1.325   10.490  10.288  1.00 45.10 ? 194 GLY B N   1 
ATOM 1436 C CA  . GLY B 1 95  ? 0.466   9.768   11.222  1.00 45.47 ? 194 GLY B CA  1 
ATOM 1437 C C   . GLY B 1 95  ? -1.004  10.146  11.109  1.00 46.38 ? 194 GLY B C   1 
ATOM 1438 O O   . GLY B 1 95  ? -1.734  10.127  12.103  1.00 45.80 ? 194 GLY B O   1 
ATOM 1439 N N   . TRP B 1 96  ? -1.454  10.499  9.908   1.00 46.78 ? 195 TRP B N   1 
ATOM 1440 C CA  . TRP B 1 96  ? -2.864  10.812  9.712   1.00 47.84 ? 195 TRP B CA  1 
ATOM 1441 C C   . TRP B 1 96  ? -3.629  9.504   9.775   1.00 49.01 ? 195 TRP B C   1 
ATOM 1442 O O   . TRP B 1 96  ? -3.134  8.484   9.300   1.00 52.45 ? 195 TRP B O   1 
ATOM 1443 C CB  . TRP B 1 96  ? -3.107  11.514  8.375   1.00 47.40 ? 195 TRP B CB  1 
ATOM 1444 C CG  . TRP B 1 96  ? -3.013  13.027  8.444   1.00 48.33 ? 195 TRP B CG  1 
ATOM 1445 C CD1 . TRP B 1 96  ? -2.055  13.769  9.082   1.00 46.48 ? 195 TRP B CD1 1 
ATOM 1446 C CD2 . TRP B 1 96  ? -3.902  13.968  7.831   1.00 45.88 ? 195 TRP B CD2 1 
ATOM 1447 N NE1 . TRP B 1 96  ? -2.301  15.107  8.906   1.00 45.96 ? 195 TRP B NE1 1 
ATOM 1448 C CE2 . TRP B 1 96  ? -3.425  15.259  8.139   1.00 44.38 ? 195 TRP B CE2 1 
ATOM 1449 C CE3 . TRP B 1 96  ? -5.057  13.843  7.049   1.00 46.50 ? 195 TRP B CE3 1 
ATOM 1450 C CZ2 . TRP B 1 96  ? -4.062  16.420  7.695   1.00 48.11 ? 195 TRP B CZ2 1 
ATOM 1451 C CZ3 . TRP B 1 96  ? -5.692  15.000  6.602   1.00 48.10 ? 195 TRP B CZ3 1 
ATOM 1452 C CH2 . TRP B 1 96  ? -5.191  16.273  6.928   1.00 48.17 ? 195 TRP B CH2 1 
ATOM 1453 N N   . GLN B 1 97  ? -4.815  9.529   10.375  1.00 48.28 ? 196 GLN B N   1 
ATOM 1454 C CA  . GLN B 1 97  ? -5.620  8.324   10.519  1.00 48.21 ? 196 GLN B CA  1 
ATOM 1455 C C   . GLN B 1 97  ? -6.247  8.040   9.158   1.00 46.94 ? 196 GLN B C   1 
ATOM 1456 O O   . GLN B 1 97  ? -7.118  8.782   8.712   1.00 45.09 ? 196 GLN B O   1 
ATOM 1457 C CB  . GLN B 1 97  ? -6.695  8.510   11.598  1.00 50.18 ? 196 GLN B CB  1 
ATOM 1458 C CG  . GLN B 1 97  ? -6.748  7.398   12.639  1.00 54.64 ? 196 GLN B CG  1 
ATOM 1459 C CD  . GLN B 1 97  ? -5.701  7.562   13.741  1.00 60.78 ? 196 GLN B CD  1 
ATOM 1460 O OE1 . GLN B 1 97  ? -4.494  7.460   13.497  1.00 65.22 ? 196 GLN B OE1 1 
ATOM 1461 N NE2 . GLN B 1 97  ? -6.167  7.817   14.962  1.00 60.78 ? 196 GLN B NE2 1 
ATOM 1462 N N   . LEU B 1 98  ? -5.774  6.979   8.498   1.00 47.32 ? 197 LEU B N   1 
ATOM 1463 C CA  . LEU B 1 98  ? -6.154  6.671   7.109   1.00 45.87 ? 197 LEU B CA  1 
ATOM 1464 C C   . LEU B 1 98  ? -7.417  5.820   7.058   1.00 45.00 ? 197 LEU B C   1 
ATOM 1465 O O   . LEU B 1 98  ? -7.490  4.776   7.706   1.00 45.67 ? 197 LEU B O   1 
ATOM 1466 C CB  . LEU B 1 98  ? -5.017  5.933   6.382   1.00 45.46 ? 197 LEU B CB  1 
ATOM 1467 C CG  . LEU B 1 98  ? -3.685  6.665   6.161   1.00 43.52 ? 197 LEU B CG  1 
ATOM 1468 C CD1 . LEU B 1 98  ? -2.763  5.786   5.328   1.00 44.17 ? 197 LEU B CD1 1 
ATOM 1469 C CD2 . LEU B 1 98  ? -3.868  8.014   5.486   1.00 39.34 ? 197 LEU B CD2 1 
ATOM 1470 N N   . ILE B 1 99  ? -8.394  6.257   6.264   1.00 44.54 ? 198 ILE B N   1 
ATOM 1471 C CA  . ILE B 1 99  ? -9.716  5.618   6.217   1.00 43.17 ? 198 ILE B CA  1 
ATOM 1472 C C   . ILE B 1 99  ? -10.150 5.142   4.813   1.00 43.34 ? 198 ILE B C   1 
ATOM 1473 O O   . ILE B 1 99  ? -11.250 4.625   4.654   1.00 42.72 ? 198 ILE B O   1 
ATOM 1474 C CB  . ILE B 1 99  ? -10.801 6.574   6.805   1.00 42.31 ? 198 ILE B CB  1 
ATOM 1475 C CG1 . ILE B 1 99  ? -11.146 7.696   5.811   1.00 42.09 ? 198 ILE B CG1 1 
ATOM 1476 C CG2 . ILE B 1 99  ? -10.327 7.153   8.139   1.00 37.78 ? 198 ILE B CG2 1 
ATOM 1477 C CD1 . ILE B 1 99  ? -12.161 8.720   6.321   1.00 41.93 ? 198 ILE B CD1 1 
ATOM 1478 N N   . GLY B 1 100 ? -9.302  5.291   3.801   1.00 44.23 ? 199 GLY B N   1 
ATOM 1479 C CA  . GLY B 1 100 ? -9.713  4.952   2.436   1.00 45.31 ? 199 GLY B CA  1 
ATOM 1480 C C   . GLY B 1 100 ? -8.898  5.660   1.382   1.00 45.62 ? 199 GLY B C   1 
ATOM 1481 O O   . GLY B 1 100 ? -8.130  6.564   1.701   1.00 48.17 ? 199 GLY B O   1 
ATOM 1482 N N   . LYS B 1 101 ? -9.092  5.272   0.124   1.00 45.75 ? 200 LYS B N   1 
ATOM 1483 C CA  . LYS B 1 101 ? -8.186  5.660   -0.964  1.00 47.13 ? 200 LYS B CA  1 
ATOM 1484 C C   . LYS B 1 101 ? -8.984  6.078   -2.186  1.00 47.65 ? 200 LYS B C   1 
ATOM 1485 O O   . LYS B 1 101 ? -9.974  5.426   -2.511  1.00 47.55 ? 200 LYS B O   1 
ATOM 1486 C CB  . LYS B 1 101 ? -7.308  4.456   -1.326  1.00 48.39 ? 200 LYS B CB  1 
ATOM 1487 C CG  . LYS B 1 101 ? -5.929  4.750   -1.912  1.00 47.72 ? 200 LYS B CG  1 
ATOM 1488 C CD  . LYS B 1 101 ? -5.255  3.423   -2.336  1.00 47.04 ? 200 LYS B CD  1 
ATOM 1489 C CE  . LYS B 1 101 ? -3.750  3.546   -2.542  1.00 46.74 ? 200 LYS B CE  1 
ATOM 1490 N NZ  . LYS B 1 101 ? -3.361  4.781   -3.299  1.00 45.28 ? 200 LYS B NZ  1 
ATOM 1491 N N   . THR B 1 102 ? -8.559  7.155   -2.855  1.00 48.89 ? 201 THR B N   1 
ATOM 1492 C CA  . THR B 1 102 ? -9.142  7.569   -4.147  1.00 48.04 ? 201 THR B CA  1 
ATOM 1493 C C   . THR B 1 102 ? -8.295  7.085   -5.319  1.00 48.35 ? 201 THR B C   1 
ATOM 1494 O O   . THR B 1 102 ? -7.075  7.118   -5.240  1.00 50.35 ? 201 THR B O   1 
ATOM 1495 C CB  . THR B 1 102 ? -9.251  9.100   -4.273  1.00 48.00 ? 201 THR B CB  1 
ATOM 1496 O OG1 . THR B 1 102 ? -9.897  9.429   -5.508  1.00 49.05 ? 201 THR B OG1 1 
ATOM 1497 C CG2 . THR B 1 102 ? -7.869  9.769   -4.234  1.00 43.58 ? 201 THR B CG2 1 
ATOM 1498 N N   . PRO B 1 103 ? -8.934  6.655   -6.420  1.00 49.31 ? 202 PRO B N   1 
ATOM 1499 C CA  . PRO B 1 103 ? -8.236  6.272   -7.645  1.00 50.40 ? 202 PRO B CA  1 
ATOM 1500 C C   . PRO B 1 103 ? -7.971  7.419   -8.632  1.00 51.39 ? 202 PRO B C   1 
ATOM 1501 O O   . PRO B 1 103 ? -7.648  7.160   -9.791  1.00 52.81 ? 202 PRO B O   1 
ATOM 1502 C CB  . PRO B 1 103 ? -9.212  5.294   -8.285  1.00 50.09 ? 202 PRO B CB  1 
ATOM 1503 C CG  . PRO B 1 103 ? -10.530 5.868   -7.962  1.00 52.40 ? 202 PRO B CG  1 
ATOM 1504 C CD  . PRO B 1 103 ? -10.387 6.491   -6.578  1.00 51.72 ? 202 PRO B CD  1 
ATOM 1505 N N   . LEU B 1 104 ? -8.091  8.668   -8.196  1.00 51.37 ? 203 LEU B N   1 
ATOM 1506 C CA  . LEU B 1 104 ? -7.961  9.783   -9.119  1.00 50.88 ? 203 LEU B CA  1 
ATOM 1507 C C   . LEU B 1 104 ? -6.572  10.396  -9.134  1.00 50.94 ? 203 LEU B C   1 
ATOM 1508 O O   . LEU B 1 104 ? -5.944  10.555  -8.088  1.00 53.07 ? 203 LEU B O   1 
ATOM 1509 C CB  . LEU B 1 104 ? -8.992  10.854  -8.790  1.00 50.81 ? 203 LEU B CB  1 
ATOM 1510 C CG  . LEU B 1 104 ? -10.429 10.462  -9.131  1.00 50.39 ? 203 LEU B CG  1 
ATOM 1511 C CD1 . LEU B 1 104 ? -11.266 11.733  -9.223  1.00 51.38 ? 203 LEU B CD1 1 
ATOM 1512 C CD2 . LEU B 1 104 ? -10.537 9.650   -10.435 1.00 50.35 ? 203 LEU B CD2 1 
ATOM 1513 N N   . ALA B 1 105 ? -6.103  10.738  -10.332 1.00 50.07 ? 204 ALA B N   1 
ATOM 1514 C CA  . ALA B 1 105 ? -4.893  11.542  -10.489 1.00 50.22 ? 204 ALA B CA  1 
ATOM 1515 C C   . ALA B 1 105 ? -5.140  12.935  -9.906  1.00 50.42 ? 204 ALA B C   1 
ATOM 1516 O O   . ALA B 1 105 ? -6.027  13.657  -10.368 1.00 50.70 ? 204 ALA B O   1 
ATOM 1517 C CB  . ALA B 1 105 ? -4.513  11.649  -11.963 1.00 50.11 ? 204 ALA B CB  1 
ATOM 1518 N N   . LEU B 1 106 ? -4.371  13.291  -8.878  1.00 50.32 ? 205 LEU B N   1 
ATOM 1519 C CA  . LEU B 1 106 ? -4.492  14.592  -8.218  1.00 49.52 ? 205 LEU B CA  1 
ATOM 1520 C C   . LEU B 1 106 ? -3.299  15.499  -8.540  1.00 50.64 ? 205 LEU B C   1 
ATOM 1521 O O   . LEU B 1 106 ? -3.456  16.718  -8.603  1.00 52.36 ? 205 LEU B O   1 
ATOM 1522 C CB  . LEU B 1 106 ? -4.637  14.414  -6.696  1.00 50.01 ? 205 LEU B CB  1 
ATOM 1523 C CG  . LEU B 1 106 ? -5.707  13.443  -6.163  1.00 46.55 ? 205 LEU B CG  1 
ATOM 1524 C CD1 . LEU B 1 106 ? -6.057  13.752  -4.706  1.00 36.68 ? 205 LEU B CD1 1 
ATOM 1525 C CD2 . LEU B 1 106 ? -6.964  13.483  -7.023  1.00 46.89 ? 205 LEU B CD2 1 
ATOM 1526 N N   . PHE B 1 107 ? -2.118  14.913  -8.744  1.00 51.39 ? 206 PHE B N   1 
ATOM 1527 C CA  . PHE B 1 107 ? -0.941  15.666  -9.196  1.00 51.19 ? 206 PHE B CA  1 
ATOM 1528 C C   . PHE B 1 107 ? -1.047  16.010  -10.682 1.00 50.96 ? 206 PHE B C   1 
ATOM 1529 O O   . PHE B 1 107 ? -1.882  15.465  -11.404 1.00 50.92 ? 206 PHE B O   1 
ATOM 1530 C CB  . PHE B 1 107 ? 0.351   14.880  -8.942  1.00 50.25 ? 206 PHE B CB  1 
ATOM 1531 N N   . LEU B 1 117 ? -6.954  19.498  -7.558  1.00 47.50 ? 216 LEU B N   1 
ATOM 1532 C CA  . LEU B 1 117 ? -7.627  20.149  -6.438  1.00 45.63 ? 216 LEU B CA  1 
ATOM 1533 C C   . LEU B 1 117 ? -6.999  21.516  -6.117  1.00 46.85 ? 216 LEU B C   1 
ATOM 1534 O O   . LEU B 1 117 ? -5.890  21.590  -5.571  1.00 47.82 ? 216 LEU B O   1 
ATOM 1535 C CB  . LEU B 1 117 ? -7.613  19.242  -5.195  1.00 43.52 ? 216 LEU B CB  1 
ATOM 1536 C CG  . LEU B 1 117 ? -8.646  18.107  -5.068  1.00 38.64 ? 216 LEU B CG  1 
ATOM 1537 C CD1 . LEU B 1 117 ? -8.679  17.608  -3.625  1.00 31.47 ? 216 LEU B CD1 1 
ATOM 1538 C CD2 . LEU B 1 117 ? -10.066 18.503  -5.502  1.00 31.74 ? 216 LEU B CD2 1 
ATOM 1539 N N   . ARG B 1 118 ? -7.721  22.587  -6.462  1.00 47.70 ? 217 ARG B N   1 
ATOM 1540 C CA  . ARG B 1 118 ? -7.289  23.967  -6.190  1.00 47.80 ? 217 ARG B CA  1 
ATOM 1541 C C   . ARG B 1 118 ? -8.057  24.531  -5.001  1.00 47.37 ? 217 ARG B C   1 
ATOM 1542 O O   . ARG B 1 118 ? -9.172  24.101  -4.722  1.00 48.15 ? 217 ARG B O   1 
ATOM 1543 C CB  . ARG B 1 118 ? -7.515  24.860  -7.415  1.00 47.92 ? 217 ARG B CB  1 
ATOM 1544 N N   . ALA B 1 119 ? -7.455  25.498  -4.313  1.00 46.63 ? 218 ALA B N   1 
ATOM 1545 C CA  . ALA B 1 119 ? -8.050  26.112  -3.122  1.00 45.84 ? 218 ALA B CA  1 
ATOM 1546 C C   . ALA B 1 119 ? -9.502  26.515  -3.345  1.00 46.32 ? 218 ALA B C   1 
ATOM 1547 O O   . ALA B 1 119 ? -9.910  26.812  -4.470  1.00 48.20 ? 218 ALA B O   1 
ATOM 1548 C CB  . ALA B 1 119 ? -7.243  27.337  -2.710  1.00 44.63 ? 218 ALA B CB  1 
ATOM 1549 N N   . GLY B 1 120 ? -10.283 26.524  -2.269  1.00 45.96 ? 219 GLY B N   1 
ATOM 1550 C CA  . GLY B 1 120 ? -11.675 26.968  -2.335  1.00 46.35 ? 219 GLY B CA  1 
ATOM 1551 C C   . GLY B 1 120 ? -12.666 25.984  -2.947  1.00 46.84 ? 219 GLY B C   1 
ATOM 1552 O O   . GLY B 1 120 ? -13.872 26.174  -2.815  1.00 45.98 ? 219 GLY B O   1 
ATOM 1553 N N   . ASP B 1 121 ? -12.174 24.932  -3.605  1.00 47.80 ? 220 ASP B N   1 
ATOM 1554 C CA  . ASP B 1 121 ? -13.043 23.957  -4.260  1.00 47.97 ? 220 ASP B CA  1 
ATOM 1555 C C   . ASP B 1 121 ? -13.866 23.192  -3.229  1.00 47.50 ? 220 ASP B C   1 
ATOM 1556 O O   . ASP B 1 121 ? -13.502 23.126  -2.051  1.00 48.80 ? 220 ASP B O   1 
ATOM 1557 C CB  . ASP B 1 121 ? -12.230 22.962  -5.101  1.00 49.04 ? 220 ASP B CB  1 
ATOM 1558 C CG  . ASP B 1 121 ? -11.591 23.602  -6.328  1.00 52.70 ? 220 ASP B CG  1 
ATOM 1559 O OD1 . ASP B 1 121 ? -11.403 24.840  -6.349  1.00 54.57 ? 220 ASP B OD1 1 
ATOM 1560 O OD2 . ASP B 1 121 ? -11.254 22.851  -7.270  1.00 57.31 ? 220 ASP B OD2 1 
ATOM 1561 N N   . ILE B 1 122 ? -14.978 22.625  -3.687  1.00 45.60 ? 221 ILE B N   1 
ATOM 1562 C CA  . ILE B 1 122 ? -15.883 21.884  -2.832  1.00 44.63 ? 221 ILE B CA  1 
ATOM 1563 C C   . ILE B 1 122 ? -15.810 20.411  -3.215  1.00 45.40 ? 221 ILE B C   1 
ATOM 1564 O O   . ILE B 1 122 ? -15.994 20.049  -4.381  1.00 45.00 ? 221 ILE B O   1 
ATOM 1565 C CB  . ILE B 1 122 ? -17.324 22.429  -2.946  1.00 44.27 ? 221 ILE B CB  1 
ATOM 1566 C CG1 . ILE B 1 122 ? -17.339 23.927  -2.622  1.00 46.48 ? 221 ILE B CG1 1 
ATOM 1567 C CG2 . ILE B 1 122 ? -18.269 21.695  -2.017  1.00 41.20 ? 221 ILE B CG2 1 
ATOM 1568 C CD1 . ILE B 1 122 ? -16.514 24.310  -1.391  1.00 47.37 ? 221 ILE B CD1 1 
ATOM 1569 N N   . VAL B 1 123 ? -15.518 19.573  -2.221  1.00 46.13 ? 222 VAL B N   1 
ATOM 1570 C CA  . VAL B 1 123 ? -15.298 18.155  -2.443  1.00 45.78 ? 222 VAL B CA  1 
ATOM 1571 C C   . VAL B 1 123 ? -16.485 17.362  -1.945  1.00 47.86 ? 222 VAL B C   1 
ATOM 1572 O O   . VAL B 1 123 ? -17.030 17.647  -0.872  1.00 48.57 ? 222 VAL B O   1 
ATOM 1573 C CB  . VAL B 1 123 ? -14.035 17.645  -1.725  1.00 44.46 ? 222 VAL B CB  1 
ATOM 1574 C CG1 . VAL B 1 123 ? -14.071 16.125  -1.621  1.00 40.91 ? 222 VAL B CG1 1 
ATOM 1575 C CG2 . VAL B 1 123 ? -12.772 18.117  -2.458  1.00 43.34 ? 222 VAL B CG2 1 
ATOM 1576 N N   . LYS B 1 124 ? -16.879 16.372  -2.744  1.00 49.19 ? 223 LYS B N   1 
ATOM 1577 C CA  . LYS B 1 124 ? -17.875 15.395  -2.341  1.00 49.22 ? 223 LYS B CA  1 
ATOM 1578 C C   . LYS B 1 124 ? -17.294 14.000  -2.539  1.00 49.33 ? 223 LYS B C   1 
ATOM 1579 O O   . LYS B 1 124 ? -16.679 13.727  -3.565  1.00 51.77 ? 223 LYS B O   1 
ATOM 1580 C CB  . LYS B 1 124 ? -19.162 15.592  -3.146  1.00 49.63 ? 223 LYS B CB  1 
ATOM 1581 C CG  . LYS B 1 124 ? -20.125 16.637  -2.561  1.00 48.49 ? 223 LYS B CG  1 
ATOM 1582 C CD  . LYS B 1 124 ? -20.479 16.307  -1.116  1.00 51.55 ? 223 LYS B CD  1 
ATOM 1583 C CE  . LYS B 1 124 ? -21.959 16.396  -0.825  1.00 55.36 ? 223 LYS B CE  1 
ATOM 1584 N NZ  . LYS B 1 124 ? -22.389 17.791  -0.522  1.00 63.20 ? 223 LYS B NZ  1 
ATOM 1585 N N   . PHE B 1 125 ? -17.487 13.128  -1.549  1.00 47.37 ? 224 PHE B N   1 
ATOM 1586 C CA  . PHE B 1 125 ? -16.794 11.845  -1.493  1.00 45.38 ? 224 PHE B CA  1 
ATOM 1587 C C   . PHE B 1 125 ? -17.702 10.683  -1.885  1.00 45.99 ? 224 PHE B C   1 
ATOM 1588 O O   . PHE B 1 125 ? -18.322 10.059  -1.030  1.00 48.14 ? 224 PHE B O   1 
ATOM 1589 C CB  . PHE B 1 125 ? -16.227 11.604  -0.076  1.00 45.11 ? 224 PHE B CB  1 
ATOM 1590 C CG  . PHE B 1 125 ? -14.903 12.276  0.181   1.00 43.17 ? 224 PHE B CG  1 
ATOM 1591 C CD1 . PHE B 1 125 ? -13.769 11.892  -0.519  1.00 44.73 ? 224 PHE B CD1 1 
ATOM 1592 C CD2 . PHE B 1 125 ? -14.782 13.275  1.134   1.00 44.52 ? 224 PHE B CD2 1 
ATOM 1593 C CE1 . PHE B 1 125 ? -12.540 12.507  -0.288  1.00 45.51 ? 224 PHE B CE1 1 
ATOM 1594 C CE2 . PHE B 1 125 ? -13.547 13.895  1.373   1.00 43.03 ? 224 PHE B CE2 1 
ATOM 1595 C CZ  . PHE B 1 125 ? -12.432 13.506  0.660   1.00 42.27 ? 224 PHE B CZ  1 
ATOM 1596 N N   . VAL B 1 126 ? -17.766 10.373  -3.175  1.00 47.63 ? 225 VAL B N   1 
ATOM 1597 C CA  . VAL B 1 126 ? -18.513 9.191   -3.644  1.00 48.45 ? 225 VAL B CA  1 
ATOM 1598 C C   . VAL B 1 126 ? -17.826 7.887   -3.204  1.00 48.22 ? 225 VAL B C   1 
ATOM 1599 O O   . VAL B 1 126 ? -16.633 7.706   -3.450  1.00 48.46 ? 225 VAL B O   1 
ATOM 1600 C CB  . VAL B 1 126 ? -18.648 9.177   -5.189  1.00 46.38 ? 225 VAL B CB  1 
ATOM 1601 N N   . ARG B 1 127 ? -18.570 6.996   -2.541  1.00 48.79 ? 226 ARG B N   1 
ATOM 1602 C CA  . ARG B 1 127 ? -18.068 5.640   -2.230  1.00 49.97 ? 226 ARG B CA  1 
ATOM 1603 C C   . ARG B 1 127 ? -18.003 4.808   -3.524  1.00 50.76 ? 226 ARG B C   1 
ATOM 1604 O O   . ARG B 1 127 ? -18.896 4.919   -4.372  1.00 52.85 ? 226 ARG B O   1 
ATOM 1605 C CB  . ARG B 1 127 ? -18.949 4.933   -1.184  1.00 47.23 ? 226 ARG B CB  1 
ATOM 1606 N N   . ILE B 1 128 ? -16.941 4.015   -3.698  1.00 49.40 ? 227 ILE B N   1 
ATOM 1607 C CA  . ILE B 1 128 ? -16.862 3.073   -4.822  1.00 47.76 ? 227 ILE B CA  1 
ATOM 1608 C C   . ILE B 1 128 ? -16.329 1.722   -4.356  1.00 50.62 ? 227 ILE B C   1 
ATOM 1609 O O   . ILE B 1 128 ? -15.598 1.645   -3.370  1.00 51.39 ? 227 ILE B O   1 
ATOM 1610 C CB  . ILE B 1 128 ? -15.996 3.598   -5.999  1.00 46.96 ? 227 ILE B CB  1 
ATOM 1611 C CG1 . ILE B 1 128 ? -14.537 3.816   -5.592  1.00 48.03 ? 227 ILE B CG1 1 
ATOM 1612 C CG2 . ILE B 1 128 ? -16.566 4.876   -6.557  1.00 41.41 ? 227 ILE B CG2 1 
ATOM 1613 C CD1 . ILE B 1 128 ? -13.627 4.117   -6.781  1.00 45.88 ? 227 ILE B CD1 1 
ATOM 1614 N N   . SER B 1 129 ? -16.701 0.660   -5.073  1.00 53.75 ? 228 SER B N   1 
ATOM 1615 C CA  . SER B 1 129 ? -16.299 -0.703  -4.716  1.00 55.34 ? 228 SER B CA  1 
ATOM 1616 C C   . SER B 1 129 ? -14.819 -0.900  -4.999  1.00 56.75 ? 228 SER B C   1 
ATOM 1617 O O   . SER B 1 129 ? -14.202 -0.096  -5.706  1.00 56.58 ? 228 SER B O   1 
ATOM 1618 C CB  . SER B 1 129 ? -17.112 -1.744  -5.503  1.00 55.36 ? 228 SER B CB  1 
ATOM 1619 N N   . GLU B 1 130 ? -14.259 -1.972  -4.440  1.00 57.53 ? 229 GLU B N   1 
ATOM 1620 C CA  . GLU B 1 130 ? -12.910 -2.408  -4.797  1.00 57.86 ? 229 GLU B CA  1 
ATOM 1621 C C   . GLU B 1 130 ? -12.835 -2.817  -6.289  1.00 58.54 ? 229 GLU B C   1 
ATOM 1622 O O   . GLU B 1 130 ? -11.764 -2.769  -6.901  1.00 59.04 ? 229 GLU B O   1 
ATOM 1623 C CB  . GLU B 1 130 ? -12.451 -3.557  -3.882  1.00 56.53 ? 229 GLU B CB  1 
ATOM 1624 N N   . LYS B 1 131 ? -13.968 -3.203  -6.877  1.00 59.37 ? 230 LYS B N   1 
ATOM 1625 C CA  . LYS B 1 131 ? -14.010 -3.570  -8.295  1.00 60.71 ? 230 LYS B CA  1 
ATOM 1626 C C   . LYS B 1 131 ? -13.845 -2.363  -9.223  1.00 61.50 ? 230 LYS B C   1 
ATOM 1627 O O   . LYS B 1 131 ? -13.410 -2.518  -10.362 1.00 62.17 ? 230 LYS B O   1 
ATOM 1628 C CB  . LYS B 1 131 ? -15.313 -4.314  -8.625  1.00 61.09 ? 230 LYS B CB  1 
ATOM 1629 N N   . ASP B 1 132 ? -14.184 -1.167  -8.736  1.00 62.82 ? 231 ASP B N   1 
ATOM 1630 C CA  . ASP B 1 132 ? -14.083 0.067   -9.532  1.00 62.52 ? 231 ASP B CA  1 
ATOM 1631 C C   . ASP B 1 132 ? -12.674 0.657   -9.440  1.00 61.73 ? 231 ASP B C   1 
ATOM 1632 C CB  . ASP B 1 132 ? -15.122 1.099   -9.060  1.00 62.83 ? 231 ASP B CB  1 
ATOM 1633 C CG  . ASP B 1 132 ? -16.547 0.519   -8.966  1.00 62.73 ? 231 ASP B CG  1 
ATOM 1634 O OD1 . ASP B 1 132 ? -16.807 -0.557  -9.559  1.00 65.98 ? 231 ASP B OD1 1 
ATOM 1635 O OD2 . ASP B 1 132 ? -17.403 1.143   -8.296  1.00 53.40 ? 231 ASP B OD2 1 
# 
loop_
_pdbx_poly_seq_scheme.asym_id 
_pdbx_poly_seq_scheme.entity_id 
_pdbx_poly_seq_scheme.seq_id 
_pdbx_poly_seq_scheme.mon_id 
_pdbx_poly_seq_scheme.ndb_seq_num 
_pdbx_poly_seq_scheme.pdb_seq_num 
_pdbx_poly_seq_scheme.auth_seq_num 
_pdbx_poly_seq_scheme.pdb_mon_id 
_pdbx_poly_seq_scheme.auth_mon_id 
_pdbx_poly_seq_scheme.pdb_strand_id 
_pdbx_poly_seq_scheme.pdb_ins_code 
_pdbx_poly_seq_scheme.hetero 
A 1 1   ARG 1   100 100 ARG ARG A . n 
A 1 2   ILE 2   101 101 ILE ILE A . n 
A 1 3   VAL 3   102 102 VAL VAL A . n 
A 1 4   GLU 4   103 103 GLU GLU A . n 
A 1 5   ILE 5   104 104 ILE ILE A . n 
A 1 6   PRO 6   105 105 PRO PRO A . n 
A 1 7   VAL 7   106 106 VAL VAL A . n 
A 1 8   CYS 8   107 107 CYS CYS A . n 
A 1 9   TYR 9   108 108 TYR TYR A . n 
A 1 10  GLY 10  109 109 GLY GLY A . n 
A 1 11  GLY 11  110 110 GLY GLY A . n 
A 1 12  GLU 12  111 111 GLU GLU A . n 
A 1 13  PHE 13  112 112 PHE PHE A . n 
A 1 14  GLY 14  113 113 GLY GLY A . n 
A 1 15  PRO 15  114 114 PRO PRO A . n 
A 1 16  ASP 16  115 115 ASP ASP A . n 
A 1 17  LEU 17  116 116 LEU LEU A . n 
A 1 18  GLU 18  117 117 GLU GLU A . n 
A 1 19  GLU 19  118 118 GLU GLU A . n 
A 1 20  VAL 20  119 119 VAL VAL A . n 
A 1 21  ALA 21  120 120 ALA ALA A . n 
A 1 22  LYS 22  121 121 LYS LYS A . n 
A 1 23  ILE 23  122 122 ILE ILE A . n 
A 1 24  ASN 24  123 123 ASN ASN A . n 
A 1 25  GLN 25  124 124 GLN GLN A . n 
A 1 26  LEU 26  125 125 LEU LEU A . n 
A 1 27  SER 27  126 126 SER SER A . n 
A 1 28  PRO 28  127 127 PRO PRO A . n 
A 1 29  GLU 29  128 128 GLU GLU A . n 
A 1 30  GLU 30  129 129 GLU GLU A . n 
A 1 31  VAL 31  130 130 VAL VAL A . n 
A 1 32  ILE 32  131 131 ILE ILE A . n 
A 1 33  ASP 33  132 132 ASP ASP A . n 
A 1 34  ILE 34  133 133 ILE ILE A . n 
A 1 35  HIS 35  134 134 HIS HIS A . n 
A 1 36  THR 36  135 135 THR THR A . n 
A 1 37  ASN 37  136 136 ASN ASN A . n 
A 1 38  GLY 38  137 137 GLY GLY A . n 
A 1 39  GLU 39  138 138 GLU GLU A . n 
A 1 40  TYR 40  139 139 TYR TYR A . n 
A 1 41  VAL 41  140 140 VAL VAL A . n 
A 1 42  VAL 42  141 141 VAL VAL A . n 
A 1 43  TYR 43  142 142 TYR TYR A . n 
A 1 44  MET 44  143 143 MET MET A . n 
A 1 45  LEU 45  144 144 LEU LEU A . n 
A 1 46  GLY 46  145 145 GLY GLY A . n 
A 1 47  PHE 47  146 ?   ?   ?   A . n 
A 1 48  ALA 48  147 ?   ?   ?   A . n 
A 1 49  PRO 49  148 148 PRO PRO A . n 
A 1 50  GLY 50  149 149 GLY GLY A . n 
A 1 51  PHE 51  150 150 PHE PHE A . n 
A 1 52  PRO 52  151 151 PRO PRO A . n 
A 1 53  PHE 53  152 152 PHE PHE A . n 
A 1 54  LEU 54  153 153 LEU LEU A . n 
A 1 55  GLY 55  154 154 GLY GLY A . n 
A 1 56  GLY 56  155 155 GLY GLY A . n 
A 1 57  MET 57  156 156 MET MET A . n 
A 1 58  SER 58  157 157 SER SER A . n 
A 1 59  LYS 59  158 158 LYS LYS A . n 
A 1 60  ARG 60  159 159 ARG ARG A . n 
A 1 61  ILE 61  160 160 ILE ILE A . n 
A 1 62  ALA 62  161 161 ALA ALA A . n 
A 1 63  ALA 63  162 162 ALA ALA A . n 
A 1 64  PRO 64  163 163 PRO PRO A . n 
A 1 65  ARG 65  164 164 ARG ARG A . n 
A 1 66  LYS 66  165 165 LYS LYS A . n 
A 1 67  SER 67  166 166 SER SER A . n 
A 1 68  SER 68  167 167 SER SER A . n 
A 1 69  PRO 69  168 168 PRO PRO A . n 
A 1 70  ARG 70  169 169 ARG ARG A . n 
A 1 71  PRO 71  170 170 PRO PRO A . n 
A 1 72  SER 72  171 171 SER SER A . n 
A 1 73  ILE 73  172 172 ILE ILE A . n 
A 1 74  PRO 74  173 173 PRO PRO A . n 
A 1 75  ALA 75  174 174 ALA ALA A . n 
A 1 76  GLY 76  175 175 GLY GLY A . n 
A 1 77  SER 77  176 176 SER SER A . n 
A 1 78  VAL 78  177 177 VAL VAL A . n 
A 1 79  GLY 79  178 178 GLY GLY A . n 
A 1 80  ILE 80  179 179 ILE ILE A . n 
A 1 81  ALA 81  180 180 ALA ALA A . n 
A 1 82  GLY 82  181 181 GLY GLY A . n 
A 1 83  LEU 83  182 182 LEU LEU A . n 
A 1 84  GLN 84  183 183 GLN GLN A . n 
A 1 85  THR 85  184 184 THR THR A . n 
A 1 86  GLY 86  185 185 GLY GLY A . n 
A 1 87  VAL 87  186 186 VAL VAL A . n 
A 1 88  TYR 88  187 187 TYR TYR A . n 
A 1 89  PRO 89  188 188 PRO PRO A . n 
A 1 90  ILE 90  189 189 ILE ILE A . n 
A 1 91  SER 91  190 190 SER SER A . n 
A 1 92  THR 92  191 191 THR THR A . n 
A 1 93  PRO 93  192 192 PRO PRO A . n 
A 1 94  GLY 94  193 193 GLY GLY A . n 
A 1 95  GLY 95  194 194 GLY GLY A . n 
A 1 96  TRP 96  195 195 TRP TRP A . n 
A 1 97  GLN 97  196 196 GLN GLN A . n 
A 1 98  LEU 98  197 197 LEU LEU A . n 
A 1 99  ILE 99  198 198 ILE ILE A . n 
A 1 100 GLY 100 199 199 GLY GLY A . n 
A 1 101 LYS 101 200 200 LYS LYS A . n 
A 1 102 THR 102 201 201 THR THR A . n 
A 1 103 PRO 103 202 202 PRO PRO A . n 
A 1 104 LEU 104 203 203 LEU LEU A . n 
A 1 105 ALA 105 204 204 ALA ALA A . n 
A 1 106 LEU 106 205 ?   ?   ?   A . n 
A 1 107 PHE 107 206 ?   ?   ?   A . n 
A 1 108 ARG 108 207 ?   ?   ?   A . n 
A 1 109 PRO 109 208 ?   ?   ?   A . n 
A 1 110 GLN 110 209 ?   ?   ?   A . n 
A 1 111 GLU 111 210 ?   ?   ?   A . n 
A 1 112 ASN 112 211 ?   ?   ?   A . n 
A 1 113 PRO 113 212 ?   ?   ?   A . n 
A 1 114 PRO 114 213 ?   ?   ?   A . n 
A 1 115 THR 115 214 214 THR THR A . n 
A 1 116 LEU 116 215 215 LEU LEU A . n 
A 1 117 LEU 117 216 216 LEU LEU A . n 
A 1 118 ARG 118 217 217 ARG ARG A . n 
A 1 119 ALA 119 218 218 ALA ALA A . n 
A 1 120 GLY 120 219 219 GLY GLY A . n 
A 1 121 ASP 121 220 220 ASP ASP A . n 
A 1 122 ILE 122 221 221 ILE ILE A . n 
A 1 123 VAL 123 222 222 VAL VAL A . n 
A 1 124 LYS 124 223 223 LYS LYS A . n 
A 1 125 PHE 125 224 224 PHE PHE A . n 
A 1 126 VAL 126 225 225 VAL VAL A . n 
A 1 127 ARG 127 226 226 ARG ARG A . n 
A 1 128 ILE 128 227 227 ILE ILE A . n 
A 1 129 SER 129 228 228 SER SER A . n 
A 1 130 GLU 130 229 229 GLU GLU A . n 
A 1 131 LYS 131 230 230 LYS LYS A . n 
A 1 132 ASP 132 231 231 ASP ASP A . n 
A 1 133 TYR 133 232 ?   ?   ?   A . n 
A 1 134 HIS 134 233 ?   ?   ?   A . n 
A 1 135 ALA 135 234 ?   ?   ?   A . n 
A 1 136 TYR 136 235 ?   ?   ?   A . n 
A 1 137 LYS 137 236 ?   ?   ?   A . n 
A 1 138 GLU 138 237 ?   ?   ?   A . n 
A 1 139 GLU 139 238 ?   ?   ?   A . n 
A 1 140 SER 140 239 ?   ?   ?   A . n 
A 1 141 ASN 141 240 ?   ?   ?   A . n 
B 1 1   ARG 1   100 100 ARG ARG B . n 
B 1 2   ILE 2   101 101 ILE ILE B . n 
B 1 3   VAL 3   102 102 VAL VAL B . n 
B 1 4   GLU 4   103 103 GLU GLU B . n 
B 1 5   ILE 5   104 104 ILE ILE B . n 
B 1 6   PRO 6   105 105 PRO PRO B . n 
B 1 7   VAL 7   106 106 VAL VAL B . n 
B 1 8   CYS 8   107 107 CYS CYS B . n 
B 1 9   TYR 9   108 108 TYR TYR B . n 
B 1 10  GLY 10  109 109 GLY GLY B . n 
B 1 11  GLY 11  110 110 GLY GLY B . n 
B 1 12  GLU 12  111 111 GLU GLU B . n 
B 1 13  PHE 13  112 112 PHE PHE B . n 
B 1 14  GLY 14  113 113 GLY GLY B . n 
B 1 15  PRO 15  114 114 PRO PRO B . n 
B 1 16  ASP 16  115 115 ASP ASP B . n 
B 1 17  LEU 17  116 116 LEU LEU B . n 
B 1 18  GLU 18  117 117 GLU GLU B . n 
B 1 19  GLU 19  118 118 GLU GLU B . n 
B 1 20  VAL 20  119 119 VAL VAL B . n 
B 1 21  ALA 21  120 120 ALA ALA B . n 
B 1 22  LYS 22  121 121 LYS LYS B . n 
B 1 23  ILE 23  122 122 ILE ILE B . n 
B 1 24  ASN 24  123 123 ASN ASN B . n 
B 1 25  GLN 25  124 124 GLN GLN B . n 
B 1 26  LEU 26  125 125 LEU LEU B . n 
B 1 27  SER 27  126 126 SER SER B . n 
B 1 28  PRO 28  127 127 PRO PRO B . n 
B 1 29  GLU 29  128 128 GLU GLU B . n 
B 1 30  GLU 30  129 129 GLU GLU B . n 
B 1 31  VAL 31  130 130 VAL VAL B . n 
B 1 32  ILE 32  131 131 ILE ILE B . n 
B 1 33  ASP 33  132 132 ASP ASP B . n 
B 1 34  ILE 34  133 133 ILE ILE B . n 
B 1 35  HIS 35  134 134 HIS HIS B . n 
B 1 36  THR 36  135 135 THR THR B . n 
B 1 37  ASN 37  136 136 ASN ASN B . n 
B 1 38  GLY 38  137 137 GLY GLY B . n 
B 1 39  GLU 39  138 138 GLU GLU B . n 
B 1 40  TYR 40  139 139 TYR TYR B . n 
B 1 41  VAL 41  140 140 VAL VAL B . n 
B 1 42  VAL 42  141 141 VAL VAL B . n 
B 1 43  TYR 43  142 142 TYR TYR B . n 
B 1 44  MET 44  143 143 MET MET B . n 
B 1 45  LEU 45  144 144 LEU LEU B . n 
B 1 46  GLY 46  145 145 GLY GLY B . n 
B 1 47  PHE 47  146 146 PHE PHE B . n 
B 1 48  ALA 48  147 147 ALA ALA B . n 
B 1 49  PRO 49  148 148 PRO PRO B . n 
B 1 50  GLY 50  149 149 GLY GLY B . n 
B 1 51  PHE 51  150 150 PHE PHE B . n 
B 1 52  PRO 52  151 151 PRO PRO B . n 
B 1 53  PHE 53  152 152 PHE PHE B . n 
B 1 54  LEU 54  153 153 LEU LEU B . n 
B 1 55  GLY 55  154 154 GLY GLY B . n 
B 1 56  GLY 56  155 155 GLY GLY B . n 
B 1 57  MET 57  156 156 MET MET B . n 
B 1 58  SER 58  157 157 SER SER B . n 
B 1 59  LYS 59  158 158 LYS LYS B . n 
B 1 60  ARG 60  159 159 ARG ARG B . n 
B 1 61  ILE 61  160 160 ILE ILE B . n 
B 1 62  ALA 62  161 161 ALA ALA B . n 
B 1 63  ALA 63  162 162 ALA ALA B . n 
B 1 64  PRO 64  163 163 PRO PRO B . n 
B 1 65  ARG 65  164 164 ARG ARG B . n 
B 1 66  LYS 66  165 165 LYS LYS B . n 
B 1 67  SER 67  166 166 SER SER B . n 
B 1 68  SER 68  167 167 SER SER B . n 
B 1 69  PRO 69  168 168 PRO PRO B . n 
B 1 70  ARG 70  169 169 ARG ARG B . n 
B 1 71  PRO 71  170 170 PRO PRO B . n 
B 1 72  SER 72  171 171 SER SER B . n 
B 1 73  ILE 73  172 172 ILE ILE B . n 
B 1 74  PRO 74  173 173 PRO PRO B . n 
B 1 75  ALA 75  174 174 ALA ALA B . n 
B 1 76  GLY 76  175 175 GLY GLY B . n 
B 1 77  SER 77  176 176 SER SER B . n 
B 1 78  VAL 78  177 177 VAL VAL B . n 
B 1 79  GLY 79  178 178 GLY GLY B . n 
B 1 80  ILE 80  179 179 ILE ILE B . n 
B 1 81  ALA 81  180 180 ALA ALA B . n 
B 1 82  GLY 82  181 181 GLY GLY B . n 
B 1 83  LEU 83  182 182 LEU LEU B . n 
B 1 84  GLN 84  183 183 GLN GLN B . n 
B 1 85  THR 85  184 184 THR THR B . n 
B 1 86  GLY 86  185 185 GLY GLY B . n 
B 1 87  VAL 87  186 186 VAL VAL B . n 
B 1 88  TYR 88  187 187 TYR TYR B . n 
B 1 89  PRO 89  188 188 PRO PRO B . n 
B 1 90  ILE 90  189 189 ILE ILE B . n 
B 1 91  SER 91  190 190 SER SER B . n 
B 1 92  THR 92  191 191 THR THR B . n 
B 1 93  PRO 93  192 192 PRO PRO B . n 
B 1 94  GLY 94  193 193 GLY GLY B . n 
B 1 95  GLY 95  194 194 GLY GLY B . n 
B 1 96  TRP 96  195 195 TRP TRP B . n 
B 1 97  GLN 97  196 196 GLN GLN B . n 
B 1 98  LEU 98  197 197 LEU LEU B . n 
B 1 99  ILE 99  198 198 ILE ILE B . n 
B 1 100 GLY 100 199 199 GLY GLY B . n 
B 1 101 LYS 101 200 200 LYS LYS B . n 
B 1 102 THR 102 201 201 THR THR B . n 
B 1 103 PRO 103 202 202 PRO PRO B . n 
B 1 104 LEU 104 203 203 LEU LEU B . n 
B 1 105 ALA 105 204 204 ALA ALA B . n 
B 1 106 LEU 106 205 205 LEU LEU B . n 
B 1 107 PHE 107 206 206 PHE PHE B . n 
B 1 108 ARG 108 207 ?   ?   ?   B . n 
B 1 109 PRO 109 208 ?   ?   ?   B . n 
B 1 110 GLN 110 209 ?   ?   ?   B . n 
B 1 111 GLU 111 210 ?   ?   ?   B . n 
B 1 112 ASN 112 211 ?   ?   ?   B . n 
B 1 113 PRO 113 212 ?   ?   ?   B . n 
B 1 114 PRO 114 213 ?   ?   ?   B . n 
B 1 115 THR 115 214 ?   ?   ?   B . n 
B 1 116 LEU 116 215 ?   ?   ?   B . n 
B 1 117 LEU 117 216 216 LEU LEU B . n 
B 1 118 ARG 118 217 217 ARG ARG B . n 
B 1 119 ALA 119 218 218 ALA ALA B . n 
B 1 120 GLY 120 219 219 GLY GLY B . n 
B 1 121 ASP 121 220 220 ASP ASP B . n 
B 1 122 ILE 122 221 221 ILE ILE B . n 
B 1 123 VAL 123 222 222 VAL VAL B . n 
B 1 124 LYS 124 223 223 LYS LYS B . n 
B 1 125 PHE 125 224 224 PHE PHE B . n 
B 1 126 VAL 126 225 225 VAL VAL B . n 
B 1 127 ARG 127 226 226 ARG ARG B . n 
B 1 128 ILE 128 227 227 ILE ILE B . n 
B 1 129 SER 129 228 228 SER SER B . n 
B 1 130 GLU 130 229 229 GLU GLU B . n 
B 1 131 LYS 131 230 230 LYS LYS B . n 
B 1 132 ASP 132 231 231 ASP ASP B . n 
B 1 133 TYR 133 232 ?   ?   ?   B . n 
B 1 134 HIS 134 233 ?   ?   ?   B . n 
B 1 135 ALA 135 234 ?   ?   ?   B . n 
B 1 136 TYR 136 235 ?   ?   ?   B . n 
B 1 137 LYS 137 236 ?   ?   ?   B . n 
B 1 138 GLU 138 237 ?   ?   ?   B . n 
B 1 139 GLU 139 238 ?   ?   ?   B . n 
B 1 140 SER 140 239 ?   ?   ?   B . n 
B 1 141 ASN 141 240 ?   ?   ?   B . n 
# 
loop_
_pdbx_struct_assembly.id 
_pdbx_struct_assembly.details 
_pdbx_struct_assembly.method_details 
_pdbx_struct_assembly.oligomeric_details 
_pdbx_struct_assembly.oligomeric_count 
1 author_and_software_defined_assembly PISA monomeric 1 
2 author_and_software_defined_assembly PISA monomeric 1 
# 
loop_
_pdbx_struct_assembly_gen.assembly_id 
_pdbx_struct_assembly_gen.oper_expression 
_pdbx_struct_assembly_gen.asym_id_list 
1 1 A 
2 1 B 
# 
_pdbx_struct_oper_list.id                   1 
_pdbx_struct_oper_list.type                 'identity operation' 
_pdbx_struct_oper_list.name                 1_555 
_pdbx_struct_oper_list.symmetry_operation   x,y,z 
_pdbx_struct_oper_list.matrix[1][1]         1.0000000000 
_pdbx_struct_oper_list.matrix[1][2]         0.0000000000 
_pdbx_struct_oper_list.matrix[1][3]         0.0000000000 
_pdbx_struct_oper_list.vector[1]            0.0000000000 
_pdbx_struct_oper_list.matrix[2][1]         0.0000000000 
_pdbx_struct_oper_list.matrix[2][2]         1.0000000000 
_pdbx_struct_oper_list.matrix[2][3]         0.0000000000 
_pdbx_struct_oper_list.vector[2]            0.0000000000 
_pdbx_struct_oper_list.matrix[3][1]         0.0000000000 
_pdbx_struct_oper_list.matrix[3][2]         0.0000000000 
_pdbx_struct_oper_list.matrix[3][3]         1.0000000000 
_pdbx_struct_oper_list.vector[3]            0.0000000000 
# 
loop_
_pdbx_audit_revision_history.ordinal 
_pdbx_audit_revision_history.data_content_type 
_pdbx_audit_revision_history.major_revision 
_pdbx_audit_revision_history.minor_revision 
_pdbx_audit_revision_history.revision_date 
1 'Structure model' 1 0 2009-01-20 
2 'Structure model' 1 1 2011-07-13 
3 'Structure model' 1 2 2023-11-01 
# 
_pdbx_audit_revision_details.ordinal             1 
_pdbx_audit_revision_details.revision_ordinal    1 
_pdbx_audit_revision_details.data_content_type   'Structure model' 
_pdbx_audit_revision_details.provider            repository 
_pdbx_audit_revision_details.type                'Initial release' 
_pdbx_audit_revision_details.description         ? 
_pdbx_audit_revision_details.details             ? 
# 
loop_
_pdbx_audit_revision_group.ordinal 
_pdbx_audit_revision_group.revision_ordinal 
_pdbx_audit_revision_group.data_content_type 
_pdbx_audit_revision_group.group 
1 2 'Structure model' 'Version format compliance' 
2 3 'Structure model' 'Data collection'           
3 3 'Structure model' 'Database references'       
4 3 'Structure model' 'Refinement description'    
# 
loop_
_pdbx_audit_revision_category.ordinal 
_pdbx_audit_revision_category.revision_ordinal 
_pdbx_audit_revision_category.data_content_type 
_pdbx_audit_revision_category.category 
1 3 'Structure model' chem_comp_atom                
2 3 'Structure model' chem_comp_bond                
3 3 'Structure model' database_2                    
4 3 'Structure model' pdbx_initial_refinement_model 
# 
loop_
_pdbx_audit_revision_item.ordinal 
_pdbx_audit_revision_item.revision_ordinal 
_pdbx_audit_revision_item.data_content_type 
_pdbx_audit_revision_item.item 
1 3 'Structure model' '_database_2.pdbx_DOI'                
2 3 'Structure model' '_database_2.pdbx_database_accession' 
# 
loop_
_software.name 
_software.classification 
_software.version 
_software.citation_id 
_software.pdbx_ordinal 
REFMAC    refinement        5.2.0019 ? 1 
MAR345dtb 'data collection' .        ? 2 
DENZO     'data reduction'  .        ? 3 
SCALEPACK 'data scaling'    .        ? 4 
PHASER    phasing           .        ? 5 
# 
loop_
_pdbx_validate_torsion.id 
_pdbx_validate_torsion.PDB_model_num 
_pdbx_validate_torsion.auth_comp_id 
_pdbx_validate_torsion.auth_asym_id 
_pdbx_validate_torsion.auth_seq_id 
_pdbx_validate_torsion.PDB_ins_code 
_pdbx_validate_torsion.label_alt_id 
_pdbx_validate_torsion.phi 
_pdbx_validate_torsion.psi 
1  1 ASN A 123 ? ? -89.46  45.75  
2  1 GLN A 124 ? ? 27.86   50.95  
3  1 ALA A 161 ? ? -48.35  156.02 
4  1 SER A 171 ? ? -167.20 113.87 
5  1 SER A 190 ? ? -64.59  93.53  
6  1 LEU A 203 ? ? -171.13 84.05  
7  1 ALA A 218 ? ? -29.02  124.74 
8  1 PRO B 114 ? ? -67.70  5.33   
9  1 ASN B 123 ? ? -91.36  31.75  
10 1 GLN B 124 ? ? 39.44   59.11  
11 1 PRO B 148 ? ? -53.79  -72.42 
12 1 ALA B 161 ? ? -42.83  151.45 
13 1 SER B 171 ? ? -162.59 107.51 
14 1 SER B 176 ? ? -48.11  154.21 
15 1 THR B 191 ? ? 179.22  154.35 
16 1 ALA B 218 ? ? -48.07  151.72 
# 
_pdbx_validate_peptide_omega.id               1 
_pdbx_validate_peptide_omega.PDB_model_num    1 
_pdbx_validate_peptide_omega.auth_comp_id_1   THR 
_pdbx_validate_peptide_omega.auth_asym_id_1   A 
_pdbx_validate_peptide_omega.auth_seq_id_1    201 
_pdbx_validate_peptide_omega.PDB_ins_code_1   ? 
_pdbx_validate_peptide_omega.label_alt_id_1   ? 
_pdbx_validate_peptide_omega.auth_comp_id_2   PRO 
_pdbx_validate_peptide_omega.auth_asym_id_2   A 
_pdbx_validate_peptide_omega.auth_seq_id_2    202 
_pdbx_validate_peptide_omega.PDB_ins_code_2   ? 
_pdbx_validate_peptide_omega.label_alt_id_2   ? 
_pdbx_validate_peptide_omega.omega            141.26 
# 
loop_
_pdbx_unobs_or_zero_occ_atoms.id 
_pdbx_unobs_or_zero_occ_atoms.PDB_model_num 
_pdbx_unobs_or_zero_occ_atoms.polymer_flag 
_pdbx_unobs_or_zero_occ_atoms.occupancy_flag 
_pdbx_unobs_or_zero_occ_atoms.auth_asym_id 
_pdbx_unobs_or_zero_occ_atoms.auth_comp_id 
_pdbx_unobs_or_zero_occ_atoms.auth_seq_id 
_pdbx_unobs_or_zero_occ_atoms.PDB_ins_code 
_pdbx_unobs_or_zero_occ_atoms.auth_atom_id 
_pdbx_unobs_or_zero_occ_atoms.label_alt_id 
_pdbx_unobs_or_zero_occ_atoms.label_asym_id 
_pdbx_unobs_or_zero_occ_atoms.label_comp_id 
_pdbx_unobs_or_zero_occ_atoms.label_seq_id 
_pdbx_unobs_or_zero_occ_atoms.label_atom_id 
1   1 Y 1 A ARG 100 ? CG  ? A ARG 1   CG  
2   1 Y 1 A ARG 100 ? CD  ? A ARG 1   CD  
3   1 Y 1 A ARG 100 ? NE  ? A ARG 1   NE  
4   1 Y 1 A ARG 100 ? CZ  ? A ARG 1   CZ  
5   1 Y 1 A ARG 100 ? NH1 ? A ARG 1   NH1 
6   1 Y 1 A ARG 100 ? NH2 ? A ARG 1   NH2 
7   1 Y 1 A GLU 103 ? CG  ? A GLU 4   CG  
8   1 Y 1 A GLU 103 ? CD  ? A GLU 4   CD  
9   1 Y 1 A GLU 103 ? OE1 ? A GLU 4   OE1 
10  1 Y 1 A GLU 103 ? OE2 ? A GLU 4   OE2 
11  1 Y 1 A GLU 111 ? CG  ? A GLU 12  CG  
12  1 Y 1 A GLU 111 ? CD  ? A GLU 12  CD  
13  1 Y 1 A GLU 111 ? OE1 ? A GLU 12  OE1 
14  1 Y 1 A GLU 111 ? OE2 ? A GLU 12  OE2 
15  1 Y 1 A GLU 117 ? CG  ? A GLU 18  CG  
16  1 Y 1 A GLU 117 ? CD  ? A GLU 18  CD  
17  1 Y 1 A GLU 117 ? OE1 ? A GLU 18  OE1 
18  1 Y 1 A GLU 117 ? OE2 ? A GLU 18  OE2 
19  1 Y 1 A GLU 118 ? CG  ? A GLU 19  CG  
20  1 Y 1 A GLU 118 ? CD  ? A GLU 19  CD  
21  1 Y 1 A GLU 118 ? OE1 ? A GLU 19  OE1 
22  1 Y 1 A GLU 118 ? OE2 ? A GLU 19  OE2 
23  1 Y 1 A LYS 121 ? CG  ? A LYS 22  CG  
24  1 Y 1 A LYS 121 ? CD  ? A LYS 22  CD  
25  1 Y 1 A LYS 121 ? CE  ? A LYS 22  CE  
26  1 Y 1 A LYS 121 ? NZ  ? A LYS 22  NZ  
27  1 Y 1 A GLN 124 ? CG  ? A GLN 25  CG  
28  1 Y 1 A GLN 124 ? CD  ? A GLN 25  CD  
29  1 Y 1 A GLN 124 ? OE1 ? A GLN 25  OE1 
30  1 Y 1 A GLN 124 ? NE2 ? A GLN 25  NE2 
31  1 Y 1 A GLU 128 ? CG  ? A GLU 29  CG  
32  1 Y 1 A GLU 128 ? CD  ? A GLU 29  CD  
33  1 Y 1 A GLU 128 ? OE1 ? A GLU 29  OE1 
34  1 Y 1 A GLU 128 ? OE2 ? A GLU 29  OE2 
35  1 Y 1 A GLU 129 ? CG  ? A GLU 30  CG  
36  1 Y 1 A GLU 129 ? CD  ? A GLU 30  CD  
37  1 Y 1 A GLU 129 ? OE1 ? A GLU 30  OE1 
38  1 Y 1 A GLU 129 ? OE2 ? A GLU 30  OE2 
39  1 Y 1 A ASN 136 ? CG  ? A ASN 37  CG  
40  1 Y 1 A ASN 136 ? OD1 ? A ASN 37  OD1 
41  1 Y 1 A ASN 136 ? ND2 ? A ASN 37  ND2 
42  1 Y 1 A SER 157 ? OG  ? A SER 58  OG  
43  1 Y 1 A LYS 158 ? CG  ? A LYS 59  CG  
44  1 Y 1 A LYS 158 ? CD  ? A LYS 59  CD  
45  1 Y 1 A LYS 158 ? CE  ? A LYS 59  CE  
46  1 Y 1 A LYS 158 ? NZ  ? A LYS 59  NZ  
47  1 Y 1 A ARG 159 ? CG  ? A ARG 60  CG  
48  1 Y 1 A ARG 159 ? CD  ? A ARG 60  CD  
49  1 Y 1 A ARG 159 ? NE  ? A ARG 60  NE  
50  1 Y 1 A ARG 159 ? CZ  ? A ARG 60  CZ  
51  1 Y 1 A ARG 159 ? NH1 ? A ARG 60  NH1 
52  1 Y 1 A ARG 159 ? NH2 ? A ARG 60  NH2 
53  1 Y 1 A ARG 164 ? CG  ? A ARG 65  CG  
54  1 Y 1 A ARG 164 ? CD  ? A ARG 65  CD  
55  1 Y 1 A ARG 164 ? NE  ? A ARG 65  NE  
56  1 Y 1 A ARG 164 ? CZ  ? A ARG 65  CZ  
57  1 Y 1 A ARG 164 ? NH1 ? A ARG 65  NH1 
58  1 Y 1 A ARG 164 ? NH2 ? A ARG 65  NH2 
59  1 Y 1 A SER 167 ? OG  ? A SER 68  OG  
60  1 Y 1 A LEU 182 ? CG  ? A LEU 83  CG  
61  1 Y 1 A LEU 182 ? CD1 ? A LEU 83  CD1 
62  1 Y 1 A LEU 182 ? CD2 ? A LEU 83  CD2 
63  1 Y 1 A THR 191 ? OG1 ? A THR 92  OG1 
64  1 Y 1 A THR 191 ? CG2 ? A THR 92  CG2 
65  1 Y 1 A LEU 203 ? CG  ? A LEU 104 CG  
66  1 Y 1 A LEU 203 ? CD1 ? A LEU 104 CD1 
67  1 Y 1 A LEU 203 ? CD2 ? A LEU 104 CD2 
68  1 Y 1 A THR 214 ? OG1 ? A THR 115 OG1 
69  1 Y 1 A THR 214 ? CG2 ? A THR 115 CG2 
70  1 Y 1 A ARG 217 ? CG  ? A ARG 118 CG  
71  1 Y 1 A ARG 217 ? CD  ? A ARG 118 CD  
72  1 Y 1 A ARG 217 ? NE  ? A ARG 118 NE  
73  1 Y 1 A ARG 217 ? CZ  ? A ARG 118 CZ  
74  1 Y 1 A ARG 217 ? NH1 ? A ARG 118 NH1 
75  1 Y 1 A ARG 217 ? NH2 ? A ARG 118 NH2 
76  1 Y 1 A VAL 225 ? CG1 ? A VAL 126 CG1 
77  1 Y 1 A VAL 225 ? CG2 ? A VAL 126 CG2 
78  1 Y 1 A ARG 226 ? CG  ? A ARG 127 CG  
79  1 Y 1 A ARG 226 ? CD  ? A ARG 127 CD  
80  1 Y 1 A ARG 226 ? NE  ? A ARG 127 NE  
81  1 Y 1 A ARG 226 ? CZ  ? A ARG 127 CZ  
82  1 Y 1 A ARG 226 ? NH1 ? A ARG 127 NH1 
83  1 Y 1 A ARG 226 ? NH2 ? A ARG 127 NH2 
84  1 Y 1 A SER 228 ? OG  ? A SER 129 OG  
85  1 Y 1 A GLU 229 ? CG  ? A GLU 130 CG  
86  1 Y 1 A GLU 229 ? CD  ? A GLU 130 CD  
87  1 Y 1 A GLU 229 ? OE1 ? A GLU 130 OE1 
88  1 Y 1 A GLU 229 ? OE2 ? A GLU 130 OE2 
89  1 Y 1 A LYS 230 ? CG  ? A LYS 131 CG  
90  1 Y 1 A LYS 230 ? CD  ? A LYS 131 CD  
91  1 Y 1 A LYS 230 ? CE  ? A LYS 131 CE  
92  1 Y 1 A LYS 230 ? NZ  ? A LYS 131 NZ  
93  1 Y 1 A ASP 231 ? O   ? A ASP 132 O   
94  1 Y 1 B ARG 100 ? CG  ? B ARG 1   CG  
95  1 Y 1 B ARG 100 ? CD  ? B ARG 1   CD  
96  1 Y 1 B ARG 100 ? NE  ? B ARG 1   NE  
97  1 Y 1 B ARG 100 ? CZ  ? B ARG 1   CZ  
98  1 Y 1 B ARG 100 ? NH1 ? B ARG 1   NH1 
99  1 Y 1 B ARG 100 ? NH2 ? B ARG 1   NH2 
100 1 Y 1 B ILE 104 ? CG1 ? B ILE 5   CG1 
101 1 Y 1 B ILE 104 ? CG2 ? B ILE 5   CG2 
102 1 Y 1 B ILE 104 ? CD1 ? B ILE 5   CD1 
103 1 Y 1 B VAL 106 ? CG1 ? B VAL 7   CG1 
104 1 Y 1 B VAL 106 ? CG2 ? B VAL 7   CG2 
105 1 Y 1 B GLU 111 ? CG  ? B GLU 12  CG  
106 1 Y 1 B GLU 111 ? CD  ? B GLU 12  CD  
107 1 Y 1 B GLU 111 ? OE1 ? B GLU 12  OE1 
108 1 Y 1 B GLU 111 ? OE2 ? B GLU 12  OE2 
109 1 Y 1 B GLU 117 ? CG  ? B GLU 18  CG  
110 1 Y 1 B GLU 117 ? CD  ? B GLU 18  CD  
111 1 Y 1 B GLU 117 ? OE1 ? B GLU 18  OE1 
112 1 Y 1 B GLU 117 ? OE2 ? B GLU 18  OE2 
113 1 Y 1 B GLU 118 ? CG  ? B GLU 19  CG  
114 1 Y 1 B GLU 118 ? CD  ? B GLU 19  CD  
115 1 Y 1 B GLU 118 ? OE1 ? B GLU 19  OE1 
116 1 Y 1 B GLU 118 ? OE2 ? B GLU 19  OE2 
117 1 Y 1 B VAL 119 ? CG1 ? B VAL 20  CG1 
118 1 Y 1 B VAL 119 ? CG2 ? B VAL 20  CG2 
119 1 Y 1 B LYS 121 ? CG  ? B LYS 22  CG  
120 1 Y 1 B LYS 121 ? CD  ? B LYS 22  CD  
121 1 Y 1 B LYS 121 ? CE  ? B LYS 22  CE  
122 1 Y 1 B LYS 121 ? NZ  ? B LYS 22  NZ  
123 1 Y 1 B GLN 124 ? CG  ? B GLN 25  CG  
124 1 Y 1 B GLN 124 ? CD  ? B GLN 25  CD  
125 1 Y 1 B GLN 124 ? OE1 ? B GLN 25  OE1 
126 1 Y 1 B GLN 124 ? NE2 ? B GLN 25  NE2 
127 1 Y 1 B LEU 125 ? CG  ? B LEU 26  CG  
128 1 Y 1 B LEU 125 ? CD1 ? B LEU 26  CD1 
129 1 Y 1 B LEU 125 ? CD2 ? B LEU 26  CD2 
130 1 Y 1 B SER 126 ? OG  ? B SER 27  OG  
131 1 Y 1 B GLU 128 ? CG  ? B GLU 29  CG  
132 1 Y 1 B GLU 128 ? CD  ? B GLU 29  CD  
133 1 Y 1 B GLU 128 ? OE1 ? B GLU 29  OE1 
134 1 Y 1 B GLU 128 ? OE2 ? B GLU 29  OE2 
135 1 Y 1 B GLU 129 ? CG  ? B GLU 30  CG  
136 1 Y 1 B GLU 129 ? CD  ? B GLU 30  CD  
137 1 Y 1 B GLU 129 ? OE1 ? B GLU 30  OE1 
138 1 Y 1 B GLU 129 ? OE2 ? B GLU 30  OE2 
139 1 Y 1 B VAL 130 ? CG1 ? B VAL 31  CG1 
140 1 Y 1 B VAL 130 ? CG2 ? B VAL 31  CG2 
141 1 Y 1 B ASN 136 ? CG  ? B ASN 37  CG  
142 1 Y 1 B ASN 136 ? OD1 ? B ASN 37  OD1 
143 1 Y 1 B ASN 136 ? ND2 ? B ASN 37  ND2 
144 1 Y 1 B LYS 158 ? CG  ? B LYS 59  CG  
145 1 Y 1 B LYS 158 ? CD  ? B LYS 59  CD  
146 1 Y 1 B LYS 158 ? CE  ? B LYS 59  CE  
147 1 Y 1 B LYS 158 ? NZ  ? B LYS 59  NZ  
148 1 Y 1 B ARG 159 ? CG  ? B ARG 60  CG  
149 1 Y 1 B ARG 159 ? CD  ? B ARG 60  CD  
150 1 Y 1 B ARG 159 ? NE  ? B ARG 60  NE  
151 1 Y 1 B ARG 159 ? CZ  ? B ARG 60  CZ  
152 1 Y 1 B ARG 159 ? NH1 ? B ARG 60  NH1 
153 1 Y 1 B ARG 159 ? NH2 ? B ARG 60  NH2 
154 1 Y 1 B ARG 164 ? CG  ? B ARG 65  CG  
155 1 Y 1 B ARG 164 ? CD  ? B ARG 65  CD  
156 1 Y 1 B ARG 164 ? NE  ? B ARG 65  NE  
157 1 Y 1 B ARG 164 ? CZ  ? B ARG 65  CZ  
158 1 Y 1 B ARG 164 ? NH1 ? B ARG 65  NH1 
159 1 Y 1 B ARG 164 ? NH2 ? B ARG 65  NH2 
160 1 Y 1 B LYS 165 ? CG  ? B LYS 66  CG  
161 1 Y 1 B LYS 165 ? CD  ? B LYS 66  CD  
162 1 Y 1 B LYS 165 ? CE  ? B LYS 66  CE  
163 1 Y 1 B LYS 165 ? NZ  ? B LYS 66  NZ  
164 1 Y 1 B SER 166 ? OG  ? B SER 67  OG  
165 1 Y 1 B SER 167 ? OG  ? B SER 68  OG  
166 1 Y 1 B LEU 182 ? CG  ? B LEU 83  CG  
167 1 Y 1 B LEU 182 ? CD1 ? B LEU 83  CD1 
168 1 Y 1 B LEU 182 ? CD2 ? B LEU 83  CD2 
169 1 Y 1 B ILE 189 ? CG1 ? B ILE 90  CG1 
170 1 Y 1 B ILE 189 ? CG2 ? B ILE 90  CG2 
171 1 Y 1 B ILE 189 ? CD1 ? B ILE 90  CD1 
172 1 Y 1 B THR 191 ? OG1 ? B THR 92  OG1 
173 1 Y 1 B THR 191 ? CG2 ? B THR 92  CG2 
174 1 Y 1 B PHE 206 ? CG  ? B PHE 107 CG  
175 1 Y 1 B PHE 206 ? CD1 ? B PHE 107 CD1 
176 1 Y 1 B PHE 206 ? CD2 ? B PHE 107 CD2 
177 1 Y 1 B PHE 206 ? CE1 ? B PHE 107 CE1 
178 1 Y 1 B PHE 206 ? CE2 ? B PHE 107 CE2 
179 1 Y 1 B PHE 206 ? CZ  ? B PHE 107 CZ  
180 1 Y 1 B ARG 217 ? CG  ? B ARG 118 CG  
181 1 Y 1 B ARG 217 ? CD  ? B ARG 118 CD  
182 1 Y 1 B ARG 217 ? NE  ? B ARG 118 NE  
183 1 Y 1 B ARG 217 ? CZ  ? B ARG 118 CZ  
184 1 Y 1 B ARG 217 ? NH1 ? B ARG 118 NH1 
185 1 Y 1 B ARG 217 ? NH2 ? B ARG 118 NH2 
186 1 Y 1 B VAL 225 ? CG1 ? B VAL 126 CG1 
187 1 Y 1 B VAL 225 ? CG2 ? B VAL 126 CG2 
188 1 Y 1 B ARG 226 ? CG  ? B ARG 127 CG  
189 1 Y 1 B ARG 226 ? CD  ? B ARG 127 CD  
190 1 Y 1 B ARG 226 ? NE  ? B ARG 127 NE  
191 1 Y 1 B ARG 226 ? CZ  ? B ARG 127 CZ  
192 1 Y 1 B ARG 226 ? NH1 ? B ARG 127 NH1 
193 1 Y 1 B ARG 226 ? NH2 ? B ARG 127 NH2 
194 1 Y 1 B SER 228 ? OG  ? B SER 129 OG  
195 1 Y 1 B GLU 229 ? CG  ? B GLU 130 CG  
196 1 Y 1 B GLU 229 ? CD  ? B GLU 130 CD  
197 1 Y 1 B GLU 229 ? OE1 ? B GLU 130 OE1 
198 1 Y 1 B GLU 229 ? OE2 ? B GLU 130 OE2 
199 1 Y 1 B LYS 230 ? CG  ? B LYS 131 CG  
200 1 Y 1 B LYS 230 ? CD  ? B LYS 131 CD  
201 1 Y 1 B LYS 230 ? CE  ? B LYS 131 CE  
202 1 Y 1 B LYS 230 ? NZ  ? B LYS 131 NZ  
203 1 Y 1 B ASP 231 ? O   ? B ASP 132 O   
# 
loop_
_pdbx_unobs_or_zero_occ_residues.id 
_pdbx_unobs_or_zero_occ_residues.PDB_model_num 
_pdbx_unobs_or_zero_occ_residues.polymer_flag 
_pdbx_unobs_or_zero_occ_residues.occupancy_flag 
_pdbx_unobs_or_zero_occ_residues.auth_asym_id 
_pdbx_unobs_or_zero_occ_residues.auth_comp_id 
_pdbx_unobs_or_zero_occ_residues.auth_seq_id 
_pdbx_unobs_or_zero_occ_residues.PDB_ins_code 
_pdbx_unobs_or_zero_occ_residues.label_asym_id 
_pdbx_unobs_or_zero_occ_residues.label_comp_id 
_pdbx_unobs_or_zero_occ_residues.label_seq_id 
1  1 Y 1 A PHE 146 ? A PHE 47  
2  1 Y 1 A ALA 147 ? A ALA 48  
3  1 Y 1 A LEU 205 ? A LEU 106 
4  1 Y 1 A PHE 206 ? A PHE 107 
5  1 Y 1 A ARG 207 ? A ARG 108 
6  1 Y 1 A PRO 208 ? A PRO 109 
7  1 Y 1 A GLN 209 ? A GLN 110 
8  1 Y 1 A GLU 210 ? A GLU 111 
9  1 Y 1 A ASN 211 ? A ASN 112 
10 1 Y 1 A PRO 212 ? A PRO 113 
11 1 Y 1 A PRO 213 ? A PRO 114 
12 1 Y 1 A TYR 232 ? A TYR 133 
13 1 Y 1 A HIS 233 ? A HIS 134 
14 1 Y 1 A ALA 234 ? A ALA 135 
15 1 Y 1 A TYR 235 ? A TYR 136 
16 1 Y 1 A LYS 236 ? A LYS 137 
17 1 Y 1 A GLU 237 ? A GLU 138 
18 1 Y 1 A GLU 238 ? A GLU 139 
19 1 Y 1 A SER 239 ? A SER 140 
20 1 Y 1 A ASN 240 ? A ASN 141 
21 1 Y 1 B ARG 207 ? B ARG 108 
22 1 Y 1 B PRO 208 ? B PRO 109 
23 1 Y 1 B GLN 209 ? B GLN 110 
24 1 Y 1 B GLU 210 ? B GLU 111 
25 1 Y 1 B ASN 211 ? B ASN 112 
26 1 Y 1 B PRO 212 ? B PRO 113 
27 1 Y 1 B PRO 213 ? B PRO 114 
28 1 Y 1 B THR 214 ? B THR 115 
29 1 Y 1 B LEU 215 ? B LEU 116 
30 1 Y 1 B TYR 232 ? B TYR 133 
31 1 Y 1 B HIS 233 ? B HIS 134 
32 1 Y 1 B ALA 234 ? B ALA 135 
33 1 Y 1 B TYR 235 ? B TYR 136 
34 1 Y 1 B LYS 236 ? B LYS 137 
35 1 Y 1 B GLU 237 ? B GLU 138 
36 1 Y 1 B GLU 238 ? B GLU 139 
37 1 Y 1 B SER 239 ? B SER 140 
38 1 Y 1 B ASN 240 ? B ASN 141 
# 
loop_
_chem_comp_atom.comp_id 
_chem_comp_atom.atom_id 
_chem_comp_atom.type_symbol 
_chem_comp_atom.pdbx_aromatic_flag 
_chem_comp_atom.pdbx_stereo_config 
_chem_comp_atom.pdbx_ordinal 
ALA N    N N N 1   
ALA CA   C N S 2   
ALA C    C N N 3   
ALA O    O N N 4   
ALA CB   C N N 5   
ALA OXT  O N N 6   
ALA H    H N N 7   
ALA H2   H N N 8   
ALA HA   H N N 9   
ALA HB1  H N N 10  
ALA HB2  H N N 11  
ALA HB3  H N N 12  
ALA HXT  H N N 13  
ARG N    N N N 14  
ARG CA   C N S 15  
ARG C    C N N 16  
ARG O    O N N 17  
ARG CB   C N N 18  
ARG CG   C N N 19  
ARG CD   C N N 20  
ARG NE   N N N 21  
ARG CZ   C N N 22  
ARG NH1  N N N 23  
ARG NH2  N N N 24  
ARG OXT  O N N 25  
ARG H    H N N 26  
ARG H2   H N N 27  
ARG HA   H N N 28  
ARG HB2  H N N 29  
ARG HB3  H N N 30  
ARG HG2  H N N 31  
ARG HG3  H N N 32  
ARG HD2  H N N 33  
ARG HD3  H N N 34  
ARG HE   H N N 35  
ARG HH11 H N N 36  
ARG HH12 H N N 37  
ARG HH21 H N N 38  
ARG HH22 H N N 39  
ARG HXT  H N N 40  
ASN N    N N N 41  
ASN CA   C N S 42  
ASN C    C N N 43  
ASN O    O N N 44  
ASN CB   C N N 45  
ASN CG   C N N 46  
ASN OD1  O N N 47  
ASN ND2  N N N 48  
ASN OXT  O N N 49  
ASN H    H N N 50  
ASN H2   H N N 51  
ASN HA   H N N 52  
ASN HB2  H N N 53  
ASN HB3  H N N 54  
ASN HD21 H N N 55  
ASN HD22 H N N 56  
ASN HXT  H N N 57  
ASP N    N N N 58  
ASP CA   C N S 59  
ASP C    C N N 60  
ASP O    O N N 61  
ASP CB   C N N 62  
ASP CG   C N N 63  
ASP OD1  O N N 64  
ASP OD2  O N N 65  
ASP OXT  O N N 66  
ASP H    H N N 67  
ASP H2   H N N 68  
ASP HA   H N N 69  
ASP HB2  H N N 70  
ASP HB3  H N N 71  
ASP HD2  H N N 72  
ASP HXT  H N N 73  
CYS N    N N N 74  
CYS CA   C N R 75  
CYS C    C N N 76  
CYS O    O N N 77  
CYS CB   C N N 78  
CYS SG   S N N 79  
CYS OXT  O N N 80  
CYS H    H N N 81  
CYS H2   H N N 82  
CYS HA   H N N 83  
CYS HB2  H N N 84  
CYS HB3  H N N 85  
CYS HG   H N N 86  
CYS HXT  H N N 87  
GLN N    N N N 88  
GLN CA   C N S 89  
GLN C    C N N 90  
GLN O    O N N 91  
GLN CB   C N N 92  
GLN CG   C N N 93  
GLN CD   C N N 94  
GLN OE1  O N N 95  
GLN NE2  N N N 96  
GLN OXT  O N N 97  
GLN H    H N N 98  
GLN H2   H N N 99  
GLN HA   H N N 100 
GLN HB2  H N N 101 
GLN HB3  H N N 102 
GLN HG2  H N N 103 
GLN HG3  H N N 104 
GLN HE21 H N N 105 
GLN HE22 H N N 106 
GLN HXT  H N N 107 
GLU N    N N N 108 
GLU CA   C N S 109 
GLU C    C N N 110 
GLU O    O N N 111 
GLU CB   C N N 112 
GLU CG   C N N 113 
GLU CD   C N N 114 
GLU OE1  O N N 115 
GLU OE2  O N N 116 
GLU OXT  O N N 117 
GLU H    H N N 118 
GLU H2   H N N 119 
GLU HA   H N N 120 
GLU HB2  H N N 121 
GLU HB3  H N N 122 
GLU HG2  H N N 123 
GLU HG3  H N N 124 
GLU HE2  H N N 125 
GLU HXT  H N N 126 
GLY N    N N N 127 
GLY CA   C N N 128 
GLY C    C N N 129 
GLY O    O N N 130 
GLY OXT  O N N 131 
GLY H    H N N 132 
GLY H2   H N N 133 
GLY HA2  H N N 134 
GLY HA3  H N N 135 
GLY HXT  H N N 136 
HIS N    N N N 137 
HIS CA   C N S 138 
HIS C    C N N 139 
HIS O    O N N 140 
HIS CB   C N N 141 
HIS CG   C Y N 142 
HIS ND1  N Y N 143 
HIS CD2  C Y N 144 
HIS CE1  C Y N 145 
HIS NE2  N Y N 146 
HIS OXT  O N N 147 
HIS H    H N N 148 
HIS H2   H N N 149 
HIS HA   H N N 150 
HIS HB2  H N N 151 
HIS HB3  H N N 152 
HIS HD1  H N N 153 
HIS HD2  H N N 154 
HIS HE1  H N N 155 
HIS HE2  H N N 156 
HIS HXT  H N N 157 
ILE N    N N N 158 
ILE CA   C N S 159 
ILE C    C N N 160 
ILE O    O N N 161 
ILE CB   C N S 162 
ILE CG1  C N N 163 
ILE CG2  C N N 164 
ILE CD1  C N N 165 
ILE OXT  O N N 166 
ILE H    H N N 167 
ILE H2   H N N 168 
ILE HA   H N N 169 
ILE HB   H N N 170 
ILE HG12 H N N 171 
ILE HG13 H N N 172 
ILE HG21 H N N 173 
ILE HG22 H N N 174 
ILE HG23 H N N 175 
ILE HD11 H N N 176 
ILE HD12 H N N 177 
ILE HD13 H N N 178 
ILE HXT  H N N 179 
LEU N    N N N 180 
LEU CA   C N S 181 
LEU C    C N N 182 
LEU O    O N N 183 
LEU CB   C N N 184 
LEU CG   C N N 185 
LEU CD1  C N N 186 
LEU CD2  C N N 187 
LEU OXT  O N N 188 
LEU H    H N N 189 
LEU H2   H N N 190 
LEU HA   H N N 191 
LEU HB2  H N N 192 
LEU HB3  H N N 193 
LEU HG   H N N 194 
LEU HD11 H N N 195 
LEU HD12 H N N 196 
LEU HD13 H N N 197 
LEU HD21 H N N 198 
LEU HD22 H N N 199 
LEU HD23 H N N 200 
LEU HXT  H N N 201 
LYS N    N N N 202 
LYS CA   C N S 203 
LYS C    C N N 204 
LYS O    O N N 205 
LYS CB   C N N 206 
LYS CG   C N N 207 
LYS CD   C N N 208 
LYS CE   C N N 209 
LYS NZ   N N N 210 
LYS OXT  O N N 211 
LYS H    H N N 212 
LYS H2   H N N 213 
LYS HA   H N N 214 
LYS HB2  H N N 215 
LYS HB3  H N N 216 
LYS HG2  H N N 217 
LYS HG3  H N N 218 
LYS HD2  H N N 219 
LYS HD3  H N N 220 
LYS HE2  H N N 221 
LYS HE3  H N N 222 
LYS HZ1  H N N 223 
LYS HZ2  H N N 224 
LYS HZ3  H N N 225 
LYS HXT  H N N 226 
MET N    N N N 227 
MET CA   C N S 228 
MET C    C N N 229 
MET O    O N N 230 
MET CB   C N N 231 
MET CG   C N N 232 
MET SD   S N N 233 
MET CE   C N N 234 
MET OXT  O N N 235 
MET H    H N N 236 
MET H2   H N N 237 
MET HA   H N N 238 
MET HB2  H N N 239 
MET HB3  H N N 240 
MET HG2  H N N 241 
MET HG3  H N N 242 
MET HE1  H N N 243 
MET HE2  H N N 244 
MET HE3  H N N 245 
MET HXT  H N N 246 
PHE N    N N N 247 
PHE CA   C N S 248 
PHE C    C N N 249 
PHE O    O N N 250 
PHE CB   C N N 251 
PHE CG   C Y N 252 
PHE CD1  C Y N 253 
PHE CD2  C Y N 254 
PHE CE1  C Y N 255 
PHE CE2  C Y N 256 
PHE CZ   C Y N 257 
PHE OXT  O N N 258 
PHE H    H N N 259 
PHE H2   H N N 260 
PHE HA   H N N 261 
PHE HB2  H N N 262 
PHE HB3  H N N 263 
PHE HD1  H N N 264 
PHE HD2  H N N 265 
PHE HE1  H N N 266 
PHE HE2  H N N 267 
PHE HZ   H N N 268 
PHE HXT  H N N 269 
PRO N    N N N 270 
PRO CA   C N S 271 
PRO C    C N N 272 
PRO O    O N N 273 
PRO CB   C N N 274 
PRO CG   C N N 275 
PRO CD   C N N 276 
PRO OXT  O N N 277 
PRO H    H N N 278 
PRO HA   H N N 279 
PRO HB2  H N N 280 
PRO HB3  H N N 281 
PRO HG2  H N N 282 
PRO HG3  H N N 283 
PRO HD2  H N N 284 
PRO HD3  H N N 285 
PRO HXT  H N N 286 
SER N    N N N 287 
SER CA   C N S 288 
SER C    C N N 289 
SER O    O N N 290 
SER CB   C N N 291 
SER OG   O N N 292 
SER OXT  O N N 293 
SER H    H N N 294 
SER H2   H N N 295 
SER HA   H N N 296 
SER HB2  H N N 297 
SER HB3  H N N 298 
SER HG   H N N 299 
SER HXT  H N N 300 
THR N    N N N 301 
THR CA   C N S 302 
THR C    C N N 303 
THR O    O N N 304 
THR CB   C N R 305 
THR OG1  O N N 306 
THR CG2  C N N 307 
THR OXT  O N N 308 
THR H    H N N 309 
THR H2   H N N 310 
THR HA   H N N 311 
THR HB   H N N 312 
THR HG1  H N N 313 
THR HG21 H N N 314 
THR HG22 H N N 315 
THR HG23 H N N 316 
THR HXT  H N N 317 
TRP N    N N N 318 
TRP CA   C N S 319 
TRP C    C N N 320 
TRP O    O N N 321 
TRP CB   C N N 322 
TRP CG   C Y N 323 
TRP CD1  C Y N 324 
TRP CD2  C Y N 325 
TRP NE1  N Y N 326 
TRP CE2  C Y N 327 
TRP CE3  C Y N 328 
TRP CZ2  C Y N 329 
TRP CZ3  C Y N 330 
TRP CH2  C Y N 331 
TRP OXT  O N N 332 
TRP H    H N N 333 
TRP H2   H N N 334 
TRP HA   H N N 335 
TRP HB2  H N N 336 
TRP HB3  H N N 337 
TRP HD1  H N N 338 
TRP HE1  H N N 339 
TRP HE3  H N N 340 
TRP HZ2  H N N 341 
TRP HZ3  H N N 342 
TRP HH2  H N N 343 
TRP HXT  H N N 344 
TYR N    N N N 345 
TYR CA   C N S 346 
TYR C    C N N 347 
TYR O    O N N 348 
TYR CB   C N N 349 
TYR CG   C Y N 350 
TYR CD1  C Y N 351 
TYR CD2  C Y N 352 
TYR CE1  C Y N 353 
TYR CE2  C Y N 354 
TYR CZ   C Y N 355 
TYR OH   O N N 356 
TYR OXT  O N N 357 
TYR H    H N N 358 
TYR H2   H N N 359 
TYR HA   H N N 360 
TYR HB2  H N N 361 
TYR HB3  H N N 362 
TYR HD1  H N N 363 
TYR HD2  H N N 364 
TYR HE1  H N N 365 
TYR HE2  H N N 366 
TYR HH   H N N 367 
TYR HXT  H N N 368 
VAL N    N N N 369 
VAL CA   C N S 370 
VAL C    C N N 371 
VAL O    O N N 372 
VAL CB   C N N 373 
VAL CG1  C N N 374 
VAL CG2  C N N 375 
VAL OXT  O N N 376 
VAL H    H N N 377 
VAL H2   H N N 378 
VAL HA   H N N 379 
VAL HB   H N N 380 
VAL HG11 H N N 381 
VAL HG12 H N N 382 
VAL HG13 H N N 383 
VAL HG21 H N N 384 
VAL HG22 H N N 385 
VAL HG23 H N N 386 
VAL HXT  H N N 387 
# 
loop_
_chem_comp_bond.comp_id 
_chem_comp_bond.atom_id_1 
_chem_comp_bond.atom_id_2 
_chem_comp_bond.value_order 
_chem_comp_bond.pdbx_aromatic_flag 
_chem_comp_bond.pdbx_stereo_config 
_chem_comp_bond.pdbx_ordinal 
ALA N   CA   sing N N 1   
ALA N   H    sing N N 2   
ALA N   H2   sing N N 3   
ALA CA  C    sing N N 4   
ALA CA  CB   sing N N 5   
ALA CA  HA   sing N N 6   
ALA C   O    doub N N 7   
ALA C   OXT  sing N N 8   
ALA CB  HB1  sing N N 9   
ALA CB  HB2  sing N N 10  
ALA CB  HB3  sing N N 11  
ALA OXT HXT  sing N N 12  
ARG N   CA   sing N N 13  
ARG N   H    sing N N 14  
ARG N   H2   sing N N 15  
ARG CA  C    sing N N 16  
ARG CA  CB   sing N N 17  
ARG CA  HA   sing N N 18  
ARG C   O    doub N N 19  
ARG C   OXT  sing N N 20  
ARG CB  CG   sing N N 21  
ARG CB  HB2  sing N N 22  
ARG CB  HB3  sing N N 23  
ARG CG  CD   sing N N 24  
ARG CG  HG2  sing N N 25  
ARG CG  HG3  sing N N 26  
ARG CD  NE   sing N N 27  
ARG CD  HD2  sing N N 28  
ARG CD  HD3  sing N N 29  
ARG NE  CZ   sing N N 30  
ARG NE  HE   sing N N 31  
ARG CZ  NH1  sing N N 32  
ARG CZ  NH2  doub N N 33  
ARG NH1 HH11 sing N N 34  
ARG NH1 HH12 sing N N 35  
ARG NH2 HH21 sing N N 36  
ARG NH2 HH22 sing N N 37  
ARG OXT HXT  sing N N 38  
ASN N   CA   sing N N 39  
ASN N   H    sing N N 40  
ASN N   H2   sing N N 41  
ASN CA  C    sing N N 42  
ASN CA  CB   sing N N 43  
ASN CA  HA   sing N N 44  
ASN C   O    doub N N 45  
ASN C   OXT  sing N N 46  
ASN CB  CG   sing N N 47  
ASN CB  HB2  sing N N 48  
ASN CB  HB3  sing N N 49  
ASN CG  OD1  doub N N 50  
ASN CG  ND2  sing N N 51  
ASN ND2 HD21 sing N N 52  
ASN ND2 HD22 sing N N 53  
ASN OXT HXT  sing N N 54  
ASP N   CA   sing N N 55  
ASP N   H    sing N N 56  
ASP N   H2   sing N N 57  
ASP CA  C    sing N N 58  
ASP CA  CB   sing N N 59  
ASP CA  HA   sing N N 60  
ASP C   O    doub N N 61  
ASP C   OXT  sing N N 62  
ASP CB  CG   sing N N 63  
ASP CB  HB2  sing N N 64  
ASP CB  HB3  sing N N 65  
ASP CG  OD1  doub N N 66  
ASP CG  OD2  sing N N 67  
ASP OD2 HD2  sing N N 68  
ASP OXT HXT  sing N N 69  
CYS N   CA   sing N N 70  
CYS N   H    sing N N 71  
CYS N   H2   sing N N 72  
CYS CA  C    sing N N 73  
CYS CA  CB   sing N N 74  
CYS CA  HA   sing N N 75  
CYS C   O    doub N N 76  
CYS C   OXT  sing N N 77  
CYS CB  SG   sing N N 78  
CYS CB  HB2  sing N N 79  
CYS CB  HB3  sing N N 80  
CYS SG  HG   sing N N 81  
CYS OXT HXT  sing N N 82  
GLN N   CA   sing N N 83  
GLN N   H    sing N N 84  
GLN N   H2   sing N N 85  
GLN CA  C    sing N N 86  
GLN CA  CB   sing N N 87  
GLN CA  HA   sing N N 88  
GLN C   O    doub N N 89  
GLN C   OXT  sing N N 90  
GLN CB  CG   sing N N 91  
GLN CB  HB2  sing N N 92  
GLN CB  HB3  sing N N 93  
GLN CG  CD   sing N N 94  
GLN CG  HG2  sing N N 95  
GLN CG  HG3  sing N N 96  
GLN CD  OE1  doub N N 97  
GLN CD  NE2  sing N N 98  
GLN NE2 HE21 sing N N 99  
GLN NE2 HE22 sing N N 100 
GLN OXT HXT  sing N N 101 
GLU N   CA   sing N N 102 
GLU N   H    sing N N 103 
GLU N   H2   sing N N 104 
GLU CA  C    sing N N 105 
GLU CA  CB   sing N N 106 
GLU CA  HA   sing N N 107 
GLU C   O    doub N N 108 
GLU C   OXT  sing N N 109 
GLU CB  CG   sing N N 110 
GLU CB  HB2  sing N N 111 
GLU CB  HB3  sing N N 112 
GLU CG  CD   sing N N 113 
GLU CG  HG2  sing N N 114 
GLU CG  HG3  sing N N 115 
GLU CD  OE1  doub N N 116 
GLU CD  OE2  sing N N 117 
GLU OE2 HE2  sing N N 118 
GLU OXT HXT  sing N N 119 
GLY N   CA   sing N N 120 
GLY N   H    sing N N 121 
GLY N   H2   sing N N 122 
GLY CA  C    sing N N 123 
GLY CA  HA2  sing N N 124 
GLY CA  HA3  sing N N 125 
GLY C   O    doub N N 126 
GLY C   OXT  sing N N 127 
GLY OXT HXT  sing N N 128 
HIS N   CA   sing N N 129 
HIS N   H    sing N N 130 
HIS N   H2   sing N N 131 
HIS CA  C    sing N N 132 
HIS CA  CB   sing N N 133 
HIS CA  HA   sing N N 134 
HIS C   O    doub N N 135 
HIS C   OXT  sing N N 136 
HIS CB  CG   sing N N 137 
HIS CB  HB2  sing N N 138 
HIS CB  HB3  sing N N 139 
HIS CG  ND1  sing Y N 140 
HIS CG  CD2  doub Y N 141 
HIS ND1 CE1  doub Y N 142 
HIS ND1 HD1  sing N N 143 
HIS CD2 NE2  sing Y N 144 
HIS CD2 HD2  sing N N 145 
HIS CE1 NE2  sing Y N 146 
HIS CE1 HE1  sing N N 147 
HIS NE2 HE2  sing N N 148 
HIS OXT HXT  sing N N 149 
ILE N   CA   sing N N 150 
ILE N   H    sing N N 151 
ILE N   H2   sing N N 152 
ILE CA  C    sing N N 153 
ILE CA  CB   sing N N 154 
ILE CA  HA   sing N N 155 
ILE C   O    doub N N 156 
ILE C   OXT  sing N N 157 
ILE CB  CG1  sing N N 158 
ILE CB  CG2  sing N N 159 
ILE CB  HB   sing N N 160 
ILE CG1 CD1  sing N N 161 
ILE CG1 HG12 sing N N 162 
ILE CG1 HG13 sing N N 163 
ILE CG2 HG21 sing N N 164 
ILE CG2 HG22 sing N N 165 
ILE CG2 HG23 sing N N 166 
ILE CD1 HD11 sing N N 167 
ILE CD1 HD12 sing N N 168 
ILE CD1 HD13 sing N N 169 
ILE OXT HXT  sing N N 170 
LEU N   CA   sing N N 171 
LEU N   H    sing N N 172 
LEU N   H2   sing N N 173 
LEU CA  C    sing N N 174 
LEU CA  CB   sing N N 175 
LEU CA  HA   sing N N 176 
LEU C   O    doub N N 177 
LEU C   OXT  sing N N 178 
LEU CB  CG   sing N N 179 
LEU CB  HB2  sing N N 180 
LEU CB  HB3  sing N N 181 
LEU CG  CD1  sing N N 182 
LEU CG  CD2  sing N N 183 
LEU CG  HG   sing N N 184 
LEU CD1 HD11 sing N N 185 
LEU CD1 HD12 sing N N 186 
LEU CD1 HD13 sing N N 187 
LEU CD2 HD21 sing N N 188 
LEU CD2 HD22 sing N N 189 
LEU CD2 HD23 sing N N 190 
LEU OXT HXT  sing N N 191 
LYS N   CA   sing N N 192 
LYS N   H    sing N N 193 
LYS N   H2   sing N N 194 
LYS CA  C    sing N N 195 
LYS CA  CB   sing N N 196 
LYS CA  HA   sing N N 197 
LYS C   O    doub N N 198 
LYS C   OXT  sing N N 199 
LYS CB  CG   sing N N 200 
LYS CB  HB2  sing N N 201 
LYS CB  HB3  sing N N 202 
LYS CG  CD   sing N N 203 
LYS CG  HG2  sing N N 204 
LYS CG  HG3  sing N N 205 
LYS CD  CE   sing N N 206 
LYS CD  HD2  sing N N 207 
LYS CD  HD3  sing N N 208 
LYS CE  NZ   sing N N 209 
LYS CE  HE2  sing N N 210 
LYS CE  HE3  sing N N 211 
LYS NZ  HZ1  sing N N 212 
LYS NZ  HZ2  sing N N 213 
LYS NZ  HZ3  sing N N 214 
LYS OXT HXT  sing N N 215 
MET N   CA   sing N N 216 
MET N   H    sing N N 217 
MET N   H2   sing N N 218 
MET CA  C    sing N N 219 
MET CA  CB   sing N N 220 
MET CA  HA   sing N N 221 
MET C   O    doub N N 222 
MET C   OXT  sing N N 223 
MET CB  CG   sing N N 224 
MET CB  HB2  sing N N 225 
MET CB  HB3  sing N N 226 
MET CG  SD   sing N N 227 
MET CG  HG2  sing N N 228 
MET CG  HG3  sing N N 229 
MET SD  CE   sing N N 230 
MET CE  HE1  sing N N 231 
MET CE  HE2  sing N N 232 
MET CE  HE3  sing N N 233 
MET OXT HXT  sing N N 234 
PHE N   CA   sing N N 235 
PHE N   H    sing N N 236 
PHE N   H2   sing N N 237 
PHE CA  C    sing N N 238 
PHE CA  CB   sing N N 239 
PHE CA  HA   sing N N 240 
PHE C   O    doub N N 241 
PHE C   OXT  sing N N 242 
PHE CB  CG   sing N N 243 
PHE CB  HB2  sing N N 244 
PHE CB  HB3  sing N N 245 
PHE CG  CD1  doub Y N 246 
PHE CG  CD2  sing Y N 247 
PHE CD1 CE1  sing Y N 248 
PHE CD1 HD1  sing N N 249 
PHE CD2 CE2  doub Y N 250 
PHE CD2 HD2  sing N N 251 
PHE CE1 CZ   doub Y N 252 
PHE CE1 HE1  sing N N 253 
PHE CE2 CZ   sing Y N 254 
PHE CE2 HE2  sing N N 255 
PHE CZ  HZ   sing N N 256 
PHE OXT HXT  sing N N 257 
PRO N   CA   sing N N 258 
PRO N   CD   sing N N 259 
PRO N   H    sing N N 260 
PRO CA  C    sing N N 261 
PRO CA  CB   sing N N 262 
PRO CA  HA   sing N N 263 
PRO C   O    doub N N 264 
PRO C   OXT  sing N N 265 
PRO CB  CG   sing N N 266 
PRO CB  HB2  sing N N 267 
PRO CB  HB3  sing N N 268 
PRO CG  CD   sing N N 269 
PRO CG  HG2  sing N N 270 
PRO CG  HG3  sing N N 271 
PRO CD  HD2  sing N N 272 
PRO CD  HD3  sing N N 273 
PRO OXT HXT  sing N N 274 
SER N   CA   sing N N 275 
SER N   H    sing N N 276 
SER N   H2   sing N N 277 
SER CA  C    sing N N 278 
SER CA  CB   sing N N 279 
SER CA  HA   sing N N 280 
SER C   O    doub N N 281 
SER C   OXT  sing N N 282 
SER CB  OG   sing N N 283 
SER CB  HB2  sing N N 284 
SER CB  HB3  sing N N 285 
SER OG  HG   sing N N 286 
SER OXT HXT  sing N N 287 
THR N   CA   sing N N 288 
THR N   H    sing N N 289 
THR N   H2   sing N N 290 
THR CA  C    sing N N 291 
THR CA  CB   sing N N 292 
THR CA  HA   sing N N 293 
THR C   O    doub N N 294 
THR C   OXT  sing N N 295 
THR CB  OG1  sing N N 296 
THR CB  CG2  sing N N 297 
THR CB  HB   sing N N 298 
THR OG1 HG1  sing N N 299 
THR CG2 HG21 sing N N 300 
THR CG2 HG22 sing N N 301 
THR CG2 HG23 sing N N 302 
THR OXT HXT  sing N N 303 
TRP N   CA   sing N N 304 
TRP N   H    sing N N 305 
TRP N   H2   sing N N 306 
TRP CA  C    sing N N 307 
TRP CA  CB   sing N N 308 
TRP CA  HA   sing N N 309 
TRP C   O    doub N N 310 
TRP C   OXT  sing N N 311 
TRP CB  CG   sing N N 312 
TRP CB  HB2  sing N N 313 
TRP CB  HB3  sing N N 314 
TRP CG  CD1  doub Y N 315 
TRP CG  CD2  sing Y N 316 
TRP CD1 NE1  sing Y N 317 
TRP CD1 HD1  sing N N 318 
TRP CD2 CE2  doub Y N 319 
TRP CD2 CE3  sing Y N 320 
TRP NE1 CE2  sing Y N 321 
TRP NE1 HE1  sing N N 322 
TRP CE2 CZ2  sing Y N 323 
TRP CE3 CZ3  doub Y N 324 
TRP CE3 HE3  sing N N 325 
TRP CZ2 CH2  doub Y N 326 
TRP CZ2 HZ2  sing N N 327 
TRP CZ3 CH2  sing Y N 328 
TRP CZ3 HZ3  sing N N 329 
TRP CH2 HH2  sing N N 330 
TRP OXT HXT  sing N N 331 
TYR N   CA   sing N N 332 
TYR N   H    sing N N 333 
TYR N   H2   sing N N 334 
TYR CA  C    sing N N 335 
TYR CA  CB   sing N N 336 
TYR CA  HA   sing N N 337 
TYR C   O    doub N N 338 
TYR C   OXT  sing N N 339 
TYR CB  CG   sing N N 340 
TYR CB  HB2  sing N N 341 
TYR CB  HB3  sing N N 342 
TYR CG  CD1  doub Y N 343 
TYR CG  CD2  sing Y N 344 
TYR CD1 CE1  sing Y N 345 
TYR CD1 HD1  sing N N 346 
TYR CD2 CE2  doub Y N 347 
TYR CD2 HD2  sing N N 348 
TYR CE1 CZ   doub Y N 349 
TYR CE1 HE1  sing N N 350 
TYR CE2 CZ   sing Y N 351 
TYR CE2 HE2  sing N N 352 
TYR CZ  OH   sing N N 353 
TYR OH  HH   sing N N 354 
TYR OXT HXT  sing N N 355 
VAL N   CA   sing N N 356 
VAL N   H    sing N N 357 
VAL N   H2   sing N N 358 
VAL CA  C    sing N N 359 
VAL CA  CB   sing N N 360 
VAL CA  HA   sing N N 361 
VAL C   O    doub N N 362 
VAL C   OXT  sing N N 363 
VAL CB  CG1  sing N N 364 
VAL CB  CG2  sing N N 365 
VAL CB  HB   sing N N 366 
VAL CG1 HG11 sing N N 367 
VAL CG1 HG12 sing N N 368 
VAL CG1 HG13 sing N N 369 
VAL CG2 HG21 sing N N 370 
VAL CG2 HG22 sing N N 371 
VAL CG2 HG23 sing N N 372 
VAL OXT HXT  sing N N 373 
# 
_pdbx_initial_refinement_model.id               1 
_pdbx_initial_refinement_model.entity_id_list   ? 
_pdbx_initial_refinement_model.type             'experimental model' 
_pdbx_initial_refinement_model.source_name      PDB 
_pdbx_initial_refinement_model.accession_code   2PHC 
_pdbx_initial_refinement_model.details          'PDB entry 2PHC' 
# 
